data_8X0C
#
_entry.id   8X0C
#
_cell.length_a   1.00
_cell.length_b   1.00
_cell.length_c   1.00
_cell.angle_alpha   90.00
_cell.angle_beta   90.00
_cell.angle_gamma   90.00
#
_symmetry.space_group_name_H-M   'P 1'
#
loop_
_entity.id
_entity.type
_entity.pdbx_description
1 polymer 'Metabotropic glutamate receptor 5'
2 non-polymer 2-acetamido-2-deoxy-beta-D-glucopyranose
3 non-polymer '(S)-2-AMINO-3-(3,5-DIOXO-[1,2,4]OXADIAZOLIDIN-2-YL)-PROPIONIC ACID'
4 non-polymer VU0424465
#
_entity_poly.entity_id   1
_entity_poly.type   'polypeptide(L)'
_entity_poly.pdbx_seq_one_letter_code
;QSSERRVVAHMPGDIIIGALFSVHHQPTVDKVHERKCGAVREQYGIQRVEAMLHTLERINSDPTLLPNITLGCEIRDSCW
HSAVALEQSIEFIRDSLISSEEEEGLVRCVDGSSSSFRSKKPIVGVIGPGSSSVAIQVQNLLQLFNIPQIAYSATSMDLS
DKTLFKYFMRVVPSDAQQARAMVDIVKRYNWTYVSAVHTEGNYGESGMEAFKDMSAKEGICIAHSYKIYSNAGEQSFDKL
LKKLTSHLPKARVVACFCEGMTVRGLLMAMRRLGLAGEFLLLGSDGWADRYDVTDGYQREAVGGITIKLQSPDVKWFDDY
YLKLRPETNLRNPWFQEFWQHRFQCRLEGFPQENSKYNKTCNSSLTLKTHHVQDSKMGFVINAIYSMAYGLHNMQMSLCP
GYAGLCDAMKPIDGRKLLESLMKTAFTGVSGDTILFDENGDSPGRYEIMNFKEMGKDYFDYINVGSWDNGELKMDDDEVW
SKKSNIIRSVCSEPCEKGQIKVIRKGEVSCCWTCTPCKENEYVFDEYTCKACQLGSWPTDDLTGCDLIPVQYLRWGDPEP
IAAVVFACLGLLATLFVTVVFIIYRDTPVVKSSSRELCYIILAGICLGYLCTFCLIAKPKQIYCYLQRIGIGLSPAMSYS
ALVTKTNRIARILAGSKKKICTKKPRFMSACAQLVIAFILICIQLGIIVALFIMEPPDIMHDYPSIREVYLICNTTNLGV
VAPLGYNGLLILACTFYAFKTRNVPANFNEAKYIAFAMYTTCIIWLAFVPIYFGSNYKAITMCFSVSLSATVLLGCMFVP
KVYIILAKPERNVRSAFTTSTVVRMHVGDGKSSSAA
;
_entity_poly.pdbx_strand_id   A,B
#
loop_
_chem_comp.id
_chem_comp.type
_chem_comp.name
_chem_comp.formula
NAG D-saccharide, beta linking 2-acetamido-2-deoxy-beta-D-glucopyranose 'C8 H15 N O6'
QUS non-polymer '(S)-2-AMINO-3-(3,5-DIOXO-[1,2,4]OXADIAZOLIDIN-2-YL)-PROPIONIC ACID' 'C5 H7 N3 O5'
XQT non-polymer VU0424465 'C19 H19 F N2 O2'
#
# COMPACT_ATOMS: atom_id res chain seq x y z
N ARG A 5 8.78 25.21 53.65
CA ARG A 5 8.25 23.84 53.41
C ARG A 5 6.78 23.94 52.99
N ARG A 6 6.26 22.86 52.41
CA ARG A 6 4.87 22.78 52.02
C ARG A 6 4.01 22.45 53.25
N VAL A 7 2.79 23.01 53.27
CA VAL A 7 1.87 22.79 54.35
C VAL A 7 1.13 21.48 54.11
N VAL A 8 0.79 20.78 55.21
CA VAL A 8 0.09 19.51 55.13
C VAL A 8 -1.08 19.53 56.13
N ALA A 9 -2.03 18.62 55.89
CA ALA A 9 -3.21 18.50 56.74
C ALA A 9 -3.03 17.31 57.68
N HIS A 10 -3.18 17.59 58.99
CA HIS A 10 -3.00 16.57 60.01
C HIS A 10 -4.35 16.12 60.55
N MET A 11 -4.40 14.86 60.99
CA MET A 11 -5.51 14.36 61.78
C MET A 11 -4.97 13.30 62.73
N PRO A 12 -5.04 13.52 64.06
CA PRO A 12 -4.50 12.56 65.02
C PRO A 12 -5.25 11.23 64.97
N GLY A 13 -4.51 10.16 65.29
CA GLY A 13 -5.09 8.84 65.34
C GLY A 13 -4.06 7.82 65.77
N ASP A 14 -4.54 6.61 66.07
CA ASP A 14 -3.64 5.52 66.45
C ASP A 14 -2.88 5.01 65.22
N ILE A 15 -3.56 5.00 64.06
CA ILE A 15 -2.95 4.60 62.81
C ILE A 15 -3.07 5.77 61.83
N ILE A 16 -1.95 6.13 61.20
CA ILE A 16 -1.90 7.27 60.30
C ILE A 16 -1.88 6.76 58.86
N ILE A 17 -2.73 7.37 58.03
CA ILE A 17 -2.82 7.02 56.61
C ILE A 17 -2.42 8.23 55.79
N GLY A 18 -1.45 8.05 54.89
CA GLY A 18 -1.01 9.12 54.03
C GLY A 18 -1.98 9.34 52.87
N ALA A 19 -1.84 10.50 52.21
CA ALA A 19 -2.66 10.82 51.05
C ALA A 19 -1.92 11.84 50.19
N LEU A 20 -2.08 11.69 48.87
CA LEU A 20 -1.47 12.61 47.91
C LEU A 20 -2.57 13.10 46.97
N PHE A 21 -3.03 14.33 47.20
CA PHE A 21 -4.04 14.96 46.37
C PHE A 21 -3.42 16.16 45.68
N SER A 22 -3.83 16.40 44.42
CA SER A 22 -3.36 17.54 43.66
C SER A 22 -4.18 18.75 44.07
N VAL A 23 -3.82 19.35 45.21
CA VAL A 23 -4.53 20.49 45.72
C VAL A 23 -4.29 21.70 44.80
N HIS A 24 -3.07 21.80 44.26
CA HIS A 24 -2.70 22.90 43.38
C HIS A 24 -2.44 22.38 41.98
N HIS A 25 -2.44 23.31 41.02
CA HIS A 25 -2.23 22.96 39.62
C HIS A 25 -0.77 22.59 39.38
N GLN A 26 -0.54 21.92 38.25
CA GLN A 26 0.81 21.51 37.88
C GLN A 26 1.68 22.75 37.69
N PRO A 27 2.95 22.73 38.13
CA PRO A 27 3.83 23.88 37.93
C PRO A 27 3.99 24.21 36.45
N THR A 28 4.05 25.50 36.14
CA THR A 28 4.19 25.96 34.77
C THR A 28 5.55 25.54 34.21
N VAL A 29 5.63 25.51 32.89
CA VAL A 29 6.81 25.00 32.20
C VAL A 29 8.06 25.82 32.56
N ASP A 30 7.85 27.06 33.03
CA ASP A 30 8.97 27.92 33.41
C ASP A 30 9.24 27.88 34.91
N LYS A 31 8.40 27.19 35.70
CA LYS A 31 8.57 27.13 37.14
C LYS A 31 8.80 25.70 37.63
N VAL A 32 9.11 24.76 36.72
CA VAL A 32 9.24 23.36 37.09
C VAL A 32 10.44 23.16 38.02
N HIS A 33 11.57 23.80 37.70
CA HIS A 33 12.79 23.64 38.48
C HIS A 33 12.63 24.13 39.91
N GLU A 34 11.92 25.25 40.09
CA GLU A 34 11.64 25.77 41.42
C GLU A 34 10.62 24.91 42.15
N ARG A 35 9.87 24.06 41.41
CA ARG A 35 8.83 23.21 41.99
C ARG A 35 7.80 24.03 42.74
N LYS A 36 7.38 25.15 42.14
CA LYS A 36 6.29 25.95 42.67
C LYS A 36 5.03 25.69 41.83
N CYS A 37 4.06 25.01 42.43
CA CYS A 37 2.85 24.63 41.73
C CYS A 37 1.81 25.74 41.81
N GLY A 38 0.91 25.76 40.82
CA GLY A 38 0.09 26.93 40.52
C GLY A 38 -1.16 27.06 41.40
N ALA A 39 -2.28 27.40 40.75
CA ALA A 39 -3.51 27.76 41.45
C ALA A 39 -4.15 26.54 42.10
N VAL A 40 -4.96 26.79 43.12
CA VAL A 40 -5.61 25.73 43.86
C VAL A 40 -6.70 25.09 43.00
N ARG A 41 -7.06 23.85 43.34
CA ARG A 41 -8.10 23.12 42.63
C ARG A 41 -9.22 22.76 43.60
N GLU A 42 -10.44 22.63 43.07
CA GLU A 42 -11.60 22.32 43.89
C GLU A 42 -11.98 20.85 43.74
N GLN A 43 -12.25 20.40 42.51
CA GLN A 43 -12.70 19.03 42.28
C GLN A 43 -11.58 18.05 42.63
N TYR A 44 -10.38 18.28 42.10
CA TYR A 44 -9.26 17.39 42.32
C TYR A 44 -8.49 17.73 43.60
N GLY A 45 -8.82 18.88 44.22
CA GLY A 45 -8.07 19.38 45.36
C GLY A 45 -8.87 19.33 46.66
N ILE A 46 -9.51 20.46 46.99
CA ILE A 46 -10.13 20.64 48.29
C ILE A 46 -11.22 19.60 48.52
N GLN A 47 -11.97 19.25 47.47
CA GLN A 47 -13.07 18.31 47.64
C GLN A 47 -12.56 16.96 48.12
N ARG A 48 -11.45 16.49 47.54
CA ARG A 48 -10.91 15.18 47.93
C ARG A 48 -10.31 15.23 49.33
N VAL A 49 -9.66 16.34 49.70
CA VAL A 49 -9.11 16.47 51.03
C VAL A 49 -10.24 16.44 52.07
N GLU A 50 -11.32 17.18 51.81
CA GLU A 50 -12.46 17.19 52.71
C GLU A 50 -13.12 15.81 52.75
N ALA A 51 -13.16 15.13 51.60
CA ALA A 51 -13.74 13.80 51.52
C ALA A 51 -12.99 12.85 52.47
N MET A 52 -11.66 12.87 52.42
CA MET A 52 -10.88 12.01 53.28
C MET A 52 -11.04 12.40 54.75
N LEU A 53 -11.03 13.71 55.03
CA LEU A 53 -11.14 14.19 56.40
C LEU A 53 -12.47 13.77 57.01
N HIS A 54 -13.53 13.70 56.20
CA HIS A 54 -14.83 13.31 56.71
C HIS A 54 -15.00 11.79 56.74
N THR A 55 -14.42 11.09 55.78
CA THR A 55 -14.50 9.63 55.74
C THR A 55 -13.79 9.03 56.96
N LEU A 56 -12.64 9.60 57.34
CA LEU A 56 -11.94 9.11 58.51
C LEU A 56 -12.76 9.31 59.78
N GLU A 57 -13.44 10.46 59.89
CA GLU A 57 -14.27 10.71 61.06
C GLU A 57 -15.49 9.79 61.08
N ARG A 58 -16.04 9.47 59.89
CA ARG A 58 -17.14 8.53 59.81
C ARG A 58 -16.68 7.14 60.26
N ILE A 59 -15.48 6.73 59.85
CA ILE A 59 -14.95 5.44 60.25
C ILE A 59 -14.71 5.41 61.76
N ASN A 60 -14.15 6.49 62.30
CA ASN A 60 -13.89 6.58 63.73
C ASN A 60 -15.19 6.51 64.53
N SER A 61 -16.25 7.16 64.02
CA SER A 61 -17.54 7.15 64.69
C SER A 61 -18.19 5.77 64.59
N ASP A 62 -17.92 5.05 63.50
CA ASP A 62 -18.55 3.76 63.26
C ASP A 62 -17.94 2.71 64.21
N PRO A 63 -18.75 2.06 65.06
CA PRO A 63 -18.21 1.04 65.97
C PRO A 63 -17.97 -0.33 65.34
N THR A 64 -18.66 -0.62 64.22
CA THR A 64 -18.57 -1.92 63.59
C THR A 64 -17.31 -2.06 62.72
N LEU A 65 -16.62 -0.94 62.45
CA LEU A 65 -15.40 -0.97 61.65
C LEU A 65 -14.27 -0.33 62.44
N LEU A 66 -13.17 -1.08 62.58
CA LEU A 66 -12.01 -0.65 63.35
C LEU A 66 -12.40 -0.17 64.74
N PRO A 67 -13.01 -1.02 65.58
CA PRO A 67 -13.45 -0.58 66.90
C PRO A 67 -12.29 -0.32 67.85
N ASN A 68 -12.50 0.63 68.77
CA ASN A 68 -11.58 0.95 69.85
C ASN A 68 -10.28 1.58 69.38
N ILE A 69 -10.11 1.80 68.07
CA ILE A 69 -8.94 2.49 67.55
C ILE A 69 -9.40 3.56 66.57
N THR A 70 -8.68 4.68 66.58
CA THR A 70 -8.98 5.82 65.73
C THR A 70 -8.01 5.87 64.56
N LEU A 71 -8.50 6.40 63.43
CA LEU A 71 -7.71 6.50 62.22
C LEU A 71 -7.30 7.96 62.01
N GLY A 72 -5.98 8.18 61.88
CA GLY A 72 -5.44 9.49 61.58
C GLY A 72 -5.05 9.61 60.11
N CYS A 73 -4.58 10.80 59.75
CA CYS A 73 -4.13 11.03 58.39
C CYS A 73 -3.10 12.15 58.33
N GLU A 74 -2.32 12.12 57.25
CA GLU A 74 -1.37 13.16 56.90
C GLU A 74 -1.51 13.41 55.41
N ILE A 75 -2.38 14.36 55.05
CA ILE A 75 -2.67 14.67 53.66
C ILE A 75 -1.64 15.68 53.15
N ARG A 76 -1.05 15.36 51.99
CA ARG A 76 -0.03 16.20 51.40
C ARG A 76 -0.42 16.53 49.96
N ASP A 77 0.18 17.60 49.44
CA ASP A 77 -0.13 18.12 48.12
C ASP A 77 0.93 17.64 47.13
N SER A 78 0.46 17.01 46.04
CA SER A 78 1.35 16.51 45.00
C SER A 78 1.45 17.47 43.81
N CYS A 79 0.51 18.42 43.70
CA CYS A 79 0.50 19.40 42.62
C CYS A 79 0.53 18.75 41.24
N TRP A 80 0.06 17.50 41.14
CA TRP A 80 -0.01 16.77 39.88
C TRP A 80 1.36 16.73 39.19
N HIS A 81 2.42 16.64 39.99
CA HIS A 81 3.78 16.63 39.46
C HIS A 81 4.57 15.51 40.13
N SER A 82 5.42 14.84 39.34
CA SER A 82 6.20 13.71 39.83
C SER A 82 7.22 14.17 40.88
N ALA A 83 7.84 15.33 40.67
CA ALA A 83 8.88 15.80 41.57
C ALA A 83 8.29 16.21 42.92
N VAL A 84 7.19 16.95 42.89
CA VAL A 84 6.55 17.40 44.12
C VAL A 84 6.02 16.21 44.90
N ALA A 85 5.39 15.26 44.19
CA ALA A 85 4.87 14.06 44.84
C ALA A 85 6.00 13.22 45.42
N LEU A 86 7.15 13.16 44.73
CA LEU A 86 8.28 12.41 45.25
C LEU A 86 8.83 13.07 46.52
N GLU A 87 8.89 14.40 46.54
CA GLU A 87 9.30 15.13 47.74
C GLU A 87 8.35 14.81 48.90
N GLN A 88 7.04 14.84 48.64
CA GLN A 88 6.07 14.58 49.68
C GLN A 88 6.16 13.13 50.16
N SER A 89 6.42 12.19 49.24
CA SER A 89 6.58 10.79 49.60
C SER A 89 7.82 10.60 50.48
N ILE A 90 8.90 11.33 50.16
CA ILE A 90 10.09 11.31 51.00
C ILE A 90 9.73 11.81 52.41
N GLU A 91 8.92 12.86 52.48
CA GLU A 91 8.46 13.36 53.76
C GLU A 91 7.61 12.32 54.48
N PHE A 92 6.90 11.47 53.73
CA PHE A 92 6.12 10.40 54.34
C PHE A 92 7.02 9.39 55.04
N ILE A 93 8.12 9.01 54.39
CA ILE A 93 8.98 7.94 54.86
C ILE A 93 10.08 8.46 55.78
N ARG A 94 10.08 9.77 56.08
CA ARG A 94 11.19 10.35 56.85
C ARG A 94 11.30 9.73 58.23
N ASP A 95 10.18 9.26 58.80
CA ASP A 95 10.21 8.61 60.10
C ASP A 95 10.95 7.27 60.01
N SER A 96 10.73 6.53 58.92
CA SER A 96 11.32 5.21 58.76
C SER A 96 12.85 5.28 58.64
N LEU A 97 13.39 6.44 58.25
CA LEU A 97 14.82 6.60 58.08
C LEU A 97 15.51 6.85 59.43
N LYS A 121 5.05 9.16 64.01
CA LYS A 121 4.24 7.93 63.79
C LYS A 121 4.37 7.50 62.34
N PRO A 122 4.64 6.20 62.10
CA PRO A 122 4.84 5.71 60.74
C PRO A 122 3.57 5.77 59.90
N ILE A 123 3.76 5.97 58.60
CA ILE A 123 2.66 5.92 57.65
C ILE A 123 2.49 4.47 57.19
N VAL A 124 1.31 3.90 57.43
CA VAL A 124 1.09 2.49 57.12
C VAL A 124 0.62 2.31 55.68
N GLY A 125 0.18 3.39 55.03
CA GLY A 125 -0.32 3.29 53.67
C GLY A 125 -0.84 4.63 53.19
N VAL A 126 -0.82 4.82 51.87
CA VAL A 126 -1.23 6.08 51.28
C VAL A 126 -2.37 5.84 50.31
N ILE A 127 -3.19 6.88 50.14
CA ILE A 127 -4.18 6.90 49.08
C ILE A 127 -3.52 7.59 47.89
N GLY A 128 -3.08 6.76 46.94
CA GLY A 128 -2.15 7.17 45.90
C GLY A 128 -2.64 8.36 45.10
N PRO A 129 -1.73 9.03 44.37
CA PRO A 129 -2.11 10.20 43.58
C PRO A 129 -3.00 9.84 42.40
N GLY A 130 -3.34 10.87 41.62
CA GLY A 130 -4.29 10.73 40.53
C GLY A 130 -3.62 10.33 39.21
N SER A 131 -2.44 10.89 38.94
CA SER A 131 -1.74 10.63 37.69
C SER A 131 -1.08 9.26 37.72
N SER A 132 -0.98 8.64 36.54
CA SER A 132 -0.36 7.32 36.43
C SER A 132 1.16 7.42 36.61
N SER A 133 1.79 8.40 35.95
CA SER A 133 3.23 8.58 36.04
C SER A 133 3.63 9.00 37.45
N VAL A 134 2.84 9.90 38.05
CA VAL A 134 3.09 10.33 39.41
C VAL A 134 2.94 9.15 40.37
N ALA A 135 1.92 8.31 40.15
CA ALA A 135 1.71 7.14 40.98
C ALA A 135 2.88 6.16 40.83
N ILE A 136 3.41 6.02 39.61
CA ILE A 136 4.55 5.14 39.39
C ILE A 136 5.76 5.64 40.15
N GLN A 137 6.03 6.95 40.08
CA GLN A 137 7.15 7.52 40.79
C GLN A 137 7.01 7.34 42.30
N VAL A 138 5.80 7.52 42.82
CA VAL A 138 5.56 7.38 44.25
C VAL A 138 5.71 5.91 44.66
N GLN A 139 5.20 4.99 43.85
CA GLN A 139 5.25 3.58 44.16
C GLN A 139 6.69 3.07 44.18
N ASN A 140 7.51 3.53 43.24
CA ASN A 140 8.91 3.11 43.17
C ASN A 140 9.63 3.37 44.49
N LEU A 141 9.25 4.45 45.18
CA LEU A 141 9.85 4.80 46.47
C LEU A 141 9.15 4.07 47.62
N LEU A 142 7.82 3.93 47.54
CA LEU A 142 7.07 3.39 48.66
C LEU A 142 7.30 1.89 48.82
N GLN A 143 7.47 1.15 47.71
CA GLN A 143 7.65 -0.29 47.79
C GLN A 143 8.95 -0.66 48.51
N LEU A 144 9.90 0.28 48.59
CA LEU A 144 11.15 0.01 49.30
C LEU A 144 10.93 -0.03 50.81
N PHE A 145 9.79 0.48 51.30
CA PHE A 145 9.50 0.51 52.73
C PHE A 145 8.26 -0.29 53.09
N ASN A 146 7.72 -1.07 52.14
CA ASN A 146 6.55 -1.90 52.36
C ASN A 146 5.37 -1.04 52.82
N ILE A 147 5.02 -0.05 51.99
CA ILE A 147 3.89 0.82 52.25
C ILE A 147 2.86 0.61 51.15
N PRO A 148 1.72 -0.06 51.44
CA PRO A 148 0.68 -0.23 50.43
C PRO A 148 0.15 1.10 49.92
N GLN A 149 -0.14 1.16 48.63
CA GLN A 149 -0.62 2.38 47.99
C GLN A 149 -1.86 2.04 47.16
N ILE A 150 -2.98 2.69 47.50
CA ILE A 150 -4.24 2.48 46.81
C ILE A 150 -4.58 3.74 46.04
N ALA A 151 -4.75 3.59 44.71
CA ALA A 151 -5.05 4.70 43.81
C ALA A 151 -6.53 4.68 43.45
N TYR A 152 -7.09 5.89 43.25
CA TYR A 152 -8.50 6.04 42.92
C TYR A 152 -8.70 6.45 41.47
N SER A 153 -7.67 6.96 40.80
CA SER A 153 -7.80 7.38 39.40
C SER A 153 -6.66 6.94 38.50
N ALA A 154 -5.55 6.39 39.05
CA ALA A 154 -4.46 5.94 38.20
C ALA A 154 -4.88 4.68 37.45
N THR A 155 -4.88 4.73 36.11
CA THR A 155 -5.52 3.69 35.33
C THR A 155 -4.61 3.05 34.27
N SER A 156 -3.33 3.42 34.21
CA SER A 156 -2.45 2.87 33.19
C SER A 156 -2.26 1.37 33.40
N MET A 157 -2.02 0.64 32.32
CA MET A 157 -1.80 -0.80 32.38
C MET A 157 -0.47 -1.12 33.06
N ASP A 158 0.51 -0.21 32.97
CA ASP A 158 1.85 -0.49 33.47
C ASP A 158 1.82 -0.75 34.98
N LEU A 159 0.82 -0.20 35.68
CA LEU A 159 0.72 -0.39 37.12
C LEU A 159 0.08 -1.72 37.50
N SER A 160 -0.32 -2.53 36.52
CA SER A 160 -0.87 -3.86 36.77
C SER A 160 0.23 -4.92 36.96
N ASP A 161 1.48 -4.58 36.63
CA ASP A 161 2.58 -5.52 36.72
C ASP A 161 3.01 -5.65 38.17
N LYS A 162 2.58 -6.73 38.83
CA LYS A 162 2.83 -6.90 40.25
C LYS A 162 4.29 -7.20 40.57
N THR A 163 5.11 -7.45 39.55
CA THR A 163 6.52 -7.69 39.79
C THR A 163 7.23 -6.37 40.10
N LEU A 164 6.85 -5.30 39.39
CA LEU A 164 7.47 -3.99 39.57
C LEU A 164 6.67 -3.13 40.56
N PHE A 165 5.37 -3.43 40.74
CA PHE A 165 4.46 -2.60 41.50
C PHE A 165 3.66 -3.46 42.48
N LYS A 166 4.37 -4.25 43.29
CA LYS A 166 3.73 -5.21 44.16
C LYS A 166 2.77 -4.53 45.15
N TYR A 167 3.20 -3.37 45.70
CA TYR A 167 2.43 -2.71 46.74
C TYR A 167 1.44 -1.69 46.17
N PHE A 168 1.00 -1.89 44.92
CA PHE A 168 0.07 -0.96 44.29
C PHE A 168 -1.26 -1.67 44.06
N MET A 169 -2.34 -1.01 44.48
CA MET A 169 -3.69 -1.48 44.20
C MET A 169 -4.53 -0.29 43.76
N ARG A 170 -5.64 -0.55 43.09
CA ARG A 170 -6.54 0.52 42.71
C ARG A 170 -7.97 0.03 42.77
N VAL A 171 -8.89 0.98 43.01
CA VAL A 171 -10.31 0.69 43.03
C VAL A 171 -10.94 1.02 41.68
N VAL A 172 -10.12 1.14 40.64
CA VAL A 172 -10.61 1.43 39.30
C VAL A 172 -10.01 0.42 38.34
N PRO A 173 -10.70 0.09 37.23
CA PRO A 173 -10.12 -0.79 36.22
C PRO A 173 -8.98 -0.10 35.46
N SER A 174 -8.11 -0.93 34.87
CA SER A 174 -7.04 -0.44 34.03
C SER A 174 -7.62 0.18 32.76
N ASP A 175 -6.75 0.84 31.99
CA ASP A 175 -7.17 1.54 30.78
C ASP A 175 -7.17 0.63 29.56
N ALA A 176 -6.87 -0.66 29.74
CA ALA A 176 -7.07 -1.64 28.67
C ALA A 176 -8.55 -1.68 28.27
N GLN A 177 -9.43 -1.71 29.28
CA GLN A 177 -10.86 -1.68 29.03
C GLN A 177 -11.25 -0.34 28.40
N GLN A 178 -10.56 0.74 28.77
CA GLN A 178 -10.86 2.05 28.20
C GLN A 178 -10.47 2.11 26.72
N ALA A 179 -9.31 1.55 26.37
CA ALA A 179 -8.90 1.48 24.97
C ALA A 179 -9.88 0.60 24.19
N ARG A 180 -10.35 -0.49 24.81
CA ARG A 180 -11.34 -1.35 24.19
C ARG A 180 -12.62 -0.56 23.91
N ALA A 181 -13.06 0.26 24.88
CA ALA A 181 -14.27 1.05 24.72
C ALA A 181 -14.11 2.07 23.60
N MET A 182 -12.93 2.71 23.53
CA MET A 182 -12.68 3.68 22.49
C MET A 182 -12.70 3.03 21.10
N VAL A 183 -12.11 1.84 20.99
CA VAL A 183 -12.11 1.12 19.73
C VAL A 183 -13.52 0.71 19.35
N ASP A 184 -14.31 0.27 20.34
CA ASP A 184 -15.71 -0.09 20.10
C ASP A 184 -16.48 1.12 19.56
N ILE A 185 -16.24 2.30 20.13
CA ILE A 185 -16.95 3.49 19.70
C ILE A 185 -16.53 3.87 18.28
N VAL A 186 -15.24 3.82 17.97
CA VAL A 186 -14.81 4.22 16.63
C VAL A 186 -15.30 3.20 15.60
N LYS A 187 -15.44 1.94 15.98
CA LYS A 187 -15.88 0.93 15.03
C LYS A 187 -17.41 0.94 14.89
N ARG A 188 -18.14 1.40 15.90
CA ARG A 188 -19.59 1.46 15.82
C ARG A 188 -20.04 2.50 14.79
N TYR A 189 -19.31 3.62 14.67
CA TYR A 189 -19.69 4.68 13.76
C TYR A 189 -18.84 4.69 12.49
N ASN A 190 -18.11 3.59 12.23
CA ASN A 190 -17.41 3.39 10.96
C ASN A 190 -16.37 4.49 10.71
N TRP A 191 -15.77 4.98 11.80
CA TRP A 191 -14.62 5.86 11.71
C TRP A 191 -13.39 5.01 11.44
N THR A 192 -12.69 5.29 10.33
CA THR A 192 -11.58 4.47 9.91
C THR A 192 -10.27 5.27 9.88
N TYR A 193 -10.31 6.46 9.26
CA TYR A 193 -9.12 7.29 9.14
C TYR A 193 -9.12 8.36 10.23
N VAL A 194 -8.99 7.90 11.48
CA VAL A 194 -8.97 8.81 12.61
C VAL A 194 -7.54 9.29 12.85
N SER A 195 -7.42 10.42 13.56
CA SER A 195 -6.14 10.90 14.06
C SER A 195 -6.05 10.60 15.55
N ALA A 196 -4.84 10.65 16.10
CA ALA A 196 -4.62 10.29 17.49
C ALA A 196 -3.75 11.35 18.18
N VAL A 197 -4.17 11.74 19.39
CA VAL A 197 -3.37 12.59 20.27
C VAL A 197 -3.38 11.99 21.65
N HIS A 198 -2.24 12.04 22.35
CA HIS A 198 -2.16 11.60 23.72
C HIS A 198 -1.21 12.51 24.49
N THR A 199 -1.49 12.66 25.79
CA THR A 199 -0.62 13.45 26.65
C THR A 199 0.67 12.68 26.94
N GLU A 200 1.80 13.38 26.86
CA GLU A 200 3.07 12.77 27.17
C GLU A 200 3.10 12.42 28.66
N GLY A 201 3.45 11.17 28.94
CA GLY A 201 3.38 10.65 30.29
C GLY A 201 3.27 9.13 30.24
N ASN A 202 2.56 8.56 31.23
CA ASN A 202 2.40 7.11 31.31
C ASN A 202 0.96 6.70 30.99
N TYR A 203 -0.01 7.47 31.48
CA TYR A 203 -1.41 7.20 31.19
C TYR A 203 -1.67 7.35 29.69
N GLY A 204 -1.31 8.50 29.13
CA GLY A 204 -1.51 8.76 27.72
C GLY A 204 -0.74 7.79 26.83
N GLU A 205 0.53 7.54 27.17
CA GLU A 205 1.39 6.68 26.36
C GLU A 205 0.83 5.27 26.30
N SER A 206 0.56 4.67 27.46
CA SER A 206 0.07 3.30 27.52
C SER A 206 -1.31 3.19 26.87
N GLY A 207 -2.19 4.16 27.16
CA GLY A 207 -3.52 4.17 26.57
C GLY A 207 -3.46 4.21 25.04
N MET A 208 -2.57 5.06 24.51
CA MET A 208 -2.47 5.21 23.07
C MET A 208 -1.84 3.97 22.43
N GLU A 209 -0.88 3.34 23.10
CA GLU A 209 -0.32 2.09 22.58
C GLU A 209 -1.41 1.02 22.50
N ALA A 210 -2.22 0.89 23.56
CA ALA A 210 -3.29 -0.10 23.58
C ALA A 210 -4.31 0.20 22.47
N PHE A 211 -4.70 1.46 22.35
CA PHE A 211 -5.67 1.85 21.34
C PHE A 211 -5.13 1.58 19.93
N LYS A 212 -3.86 1.92 19.70
CA LYS A 212 -3.23 1.70 18.40
C LYS A 212 -3.24 0.21 18.06
N ASP A 213 -2.84 -0.64 19.01
CA ASP A 213 -2.84 -2.07 18.78
C ASP A 213 -4.24 -2.57 18.44
N MET A 214 -5.20 -2.29 19.33
CA MET A 214 -6.56 -2.80 19.21
C MET A 214 -7.26 -2.27 17.96
N SER A 215 -6.91 -1.06 17.51
CA SER A 215 -7.57 -0.44 16.36
C SER A 215 -6.95 -0.92 15.04
N ALA A 216 -5.61 -0.93 14.98
CA ALA A 216 -4.92 -1.43 13.80
C ALA A 216 -5.20 -2.92 13.59
N LYS A 217 -5.55 -3.64 14.66
CA LYS A 217 -5.89 -5.04 14.52
C LYS A 217 -7.16 -5.22 13.67
N GLU A 218 -8.22 -4.49 14.00
CA GLU A 218 -9.52 -4.74 13.39
C GLU A 218 -9.63 -4.05 12.02
N GLY A 219 -9.77 -2.72 12.01
CA GLY A 219 -9.97 -2.04 10.74
C GLY A 219 -9.63 -0.56 10.74
N ILE A 220 -9.03 -0.05 11.82
CA ILE A 220 -8.85 1.38 11.98
C ILE A 220 -7.42 1.77 11.61
N CYS A 221 -7.28 2.92 10.96
CA CYS A 221 -5.97 3.47 10.62
C CYS A 221 -5.80 4.83 11.30
N ILE A 222 -4.58 5.12 11.71
CA ILE A 222 -4.25 6.39 12.36
C ILE A 222 -3.55 7.28 11.34
N ALA A 223 -4.13 8.46 11.09
CA ALA A 223 -3.53 9.42 10.17
C ALA A 223 -2.14 9.81 10.65
N HIS A 224 -2.03 10.14 11.95
CA HIS A 224 -0.77 10.44 12.58
C HIS A 224 -0.99 10.49 14.08
N SER A 225 -0.02 9.99 14.85
CA SER A 225 -0.09 9.99 16.30
C SER A 225 0.77 11.13 16.85
N TYR A 226 0.15 11.98 17.67
CA TYR A 226 0.83 13.13 18.23
C TYR A 226 0.86 13.04 19.75
N LYS A 227 1.92 13.62 20.34
CA LYS A 227 2.06 13.66 21.78
C LYS A 227 2.42 15.09 22.20
N ILE A 228 1.97 15.46 23.40
CA ILE A 228 2.24 16.78 23.94
C ILE A 228 2.11 16.73 25.45
N TYR A 229 2.87 17.56 26.15
CA TYR A 229 2.75 17.68 27.59
C TYR A 229 1.53 18.53 27.95
N SER A 230 1.00 18.30 29.15
CA SER A 230 -0.14 19.06 29.64
C SER A 230 0.20 20.54 29.79
N ASN A 231 1.40 20.82 30.32
CA ASN A 231 1.80 22.19 30.62
C ASN A 231 2.62 22.80 29.49
N ALA A 232 2.53 22.24 28.27
CA ALA A 232 3.19 22.83 27.13
C ALA A 232 2.60 24.21 26.83
N GLY A 233 3.44 25.08 26.26
CA GLY A 233 3.06 26.45 25.98
C GLY A 233 1.99 26.56 24.89
N GLU A 234 1.56 27.79 24.65
CA GLU A 234 0.56 28.05 23.63
C GLU A 234 1.07 27.68 22.25
N GLN A 235 2.36 27.91 22.00
CA GLN A 235 2.96 27.65 20.69
C GLN A 235 2.93 26.16 20.37
N SER A 236 3.18 25.32 21.38
CA SER A 236 3.19 23.88 21.20
C SER A 236 1.80 23.40 20.77
N PHE A 237 0.76 23.90 21.44
CA PHE A 237 -0.61 23.51 21.12
C PHE A 237 -1.02 24.05 19.74
N ASP A 238 -0.54 25.25 19.38
CA ASP A 238 -0.82 25.80 18.06
C ASP A 238 -0.20 24.92 16.98
N LYS A 239 1.06 24.51 17.18
CA LYS A 239 1.73 23.65 16.23
C LYS A 239 1.02 22.30 16.12
N LEU A 240 0.60 21.74 17.26
CA LEU A 240 -0.10 20.47 17.27
C LEU A 240 -1.41 20.59 16.49
N LEU A 241 -2.14 21.69 16.68
CA LEU A 241 -3.40 21.85 16.00
C LEU A 241 -3.21 22.08 14.49
N LYS A 242 -2.13 22.77 14.10
CA LYS A 242 -1.82 22.92 12.68
C LYS A 242 -1.53 21.55 12.06
N LYS A 243 -0.75 20.72 12.75
CA LYS A 243 -0.46 19.38 12.27
C LYS A 243 -1.74 18.55 12.18
N LEU A 244 -2.65 18.72 13.15
CA LEU A 244 -3.92 18.01 13.13
C LEU A 244 -4.77 18.44 11.94
N THR A 245 -4.79 19.76 11.65
CA THR A 245 -5.56 20.26 10.53
C THR A 245 -4.93 19.92 9.19
N SER A 246 -3.66 19.52 9.18
CA SER A 246 -3.02 19.06 7.95
C SER A 246 -3.76 17.88 7.33
N HIS A 247 -4.47 17.10 8.16
CA HIS A 247 -5.30 16.00 7.65
C HIS A 247 -6.80 16.30 7.86
N LEU A 248 -7.17 17.58 7.99
CA LEU A 248 -8.51 17.92 8.49
C LEU A 248 -9.61 17.43 7.56
N PRO A 249 -9.55 17.62 6.21
CA PRO A 249 -10.68 17.24 5.37
C PRO A 249 -11.06 15.76 5.47
N LYS A 250 -10.10 14.90 5.81
CA LYS A 250 -10.30 13.46 5.79
C LYS A 250 -10.33 12.86 7.19
N ALA A 251 -9.41 13.28 8.07
CA ALA A 251 -9.36 12.79 9.44
C ALA A 251 -10.09 13.78 10.35
N ARG A 252 -11.42 13.60 10.44
CA ARG A 252 -12.27 14.53 11.16
C ARG A 252 -12.40 14.14 12.64
N VAL A 253 -12.00 12.92 13.01
CA VAL A 253 -12.16 12.44 14.38
C VAL A 253 -10.77 12.28 15.00
N VAL A 254 -10.60 12.85 16.19
CA VAL A 254 -9.35 12.75 16.92
C VAL A 254 -9.60 11.94 18.19
N ALA A 255 -8.88 10.81 18.33
CA ALA A 255 -8.90 10.03 19.55
C ALA A 255 -7.88 10.61 20.52
N CYS A 256 -8.39 11.18 21.62
CA CYS A 256 -7.56 11.86 22.60
C CYS A 256 -7.44 10.97 23.84
N PHE A 257 -6.30 10.29 23.99
CA PHE A 257 -5.96 9.66 25.25
C PHE A 257 -5.22 10.66 26.12
N CYS A 258 -5.88 11.80 26.32
CA CYS A 258 -5.24 12.99 26.86
C CYS A 258 -5.88 13.35 28.19
N GLU A 259 -5.11 14.05 29.02
CA GLU A 259 -5.62 14.56 30.28
C GLU A 259 -6.58 15.72 30.00
N GLY A 260 -7.24 16.18 31.06
CA GLY A 260 -8.17 17.29 30.95
C GLY A 260 -7.49 18.57 30.48
N MET A 261 -6.26 18.80 30.95
CA MET A 261 -5.55 20.01 30.61
C MET A 261 -5.08 19.99 29.16
N THR A 262 -4.72 18.81 28.64
CA THR A 262 -4.35 18.70 27.24
C THR A 262 -5.55 19.00 26.34
N VAL A 263 -6.72 18.48 26.70
CA VAL A 263 -7.92 18.74 25.93
C VAL A 263 -8.28 20.23 26.01
N ARG A 264 -8.12 20.83 27.20
CA ARG A 264 -8.40 22.24 27.35
C ARG A 264 -7.45 23.07 26.49
N GLY A 265 -6.18 22.69 26.44
CA GLY A 265 -5.21 23.39 25.60
C GLY A 265 -5.56 23.27 24.12
N LEU A 266 -6.03 22.08 23.69
CA LEU A 266 -6.50 21.92 22.33
C LEU A 266 -7.68 22.83 22.05
N LEU A 267 -8.60 22.96 23.01
CA LEU A 267 -9.75 23.83 22.85
C LEU A 267 -9.32 25.29 22.75
N MET A 268 -8.35 25.71 23.57
CA MET A 268 -7.85 27.08 23.51
C MET A 268 -7.19 27.35 22.15
N ALA A 269 -6.45 26.37 21.62
CA ALA A 269 -5.85 26.51 20.30
C ALA A 269 -6.94 26.65 19.23
N MET A 270 -8.00 25.84 19.34
CA MET A 270 -9.10 25.90 18.39
C MET A 270 -9.77 27.26 18.43
N ARG A 271 -9.96 27.81 19.63
CA ARG A 271 -10.55 29.14 19.77
C ARG A 271 -9.62 30.19 19.16
N ARG A 272 -8.31 30.06 19.39
CA ARG A 272 -7.37 31.08 18.96
C ARG A 272 -7.29 31.14 17.43
N LEU A 273 -7.13 29.98 16.77
CA LEU A 273 -6.89 29.98 15.33
C LEU A 273 -8.16 29.69 14.54
N GLY A 274 -9.34 29.74 15.19
CA GLY A 274 -10.61 29.78 14.49
C GLY A 274 -11.09 28.41 14.02
N LEU A 275 -11.16 27.44 14.94
CA LEU A 275 -11.79 26.15 14.68
C LEU A 275 -13.02 26.05 15.57
N ALA A 276 -14.19 25.85 14.95
CA ALA A 276 -15.46 25.89 15.66
C ALA A 276 -16.37 24.73 15.25
N GLY A 277 -15.81 23.52 15.23
CA GLY A 277 -16.62 22.32 15.15
C GLY A 277 -16.44 21.52 13.86
N GLU A 278 -15.21 21.49 13.34
CA GLU A 278 -14.86 20.57 12.25
C GLU A 278 -13.95 19.45 12.76
N PHE A 279 -13.80 19.34 14.08
CA PHE A 279 -13.14 18.20 14.70
C PHE A 279 -14.12 17.49 15.64
N LEU A 280 -13.96 16.17 15.74
CA LEU A 280 -14.70 15.36 16.70
C LEU A 280 -13.72 14.83 17.72
N LEU A 281 -13.70 15.45 18.91
CA LEU A 281 -12.79 15.05 19.96
C LEU A 281 -13.36 13.84 20.71
N LEU A 282 -12.64 12.72 20.63
CA LEU A 282 -13.04 11.51 21.33
C LEU A 282 -12.19 11.40 22.61
N GLY A 283 -12.76 11.89 23.70
CA GLY A 283 -12.05 12.00 24.96
C GLY A 283 -11.90 10.65 25.65
N SER A 284 -11.38 10.73 26.88
CA SER A 284 -11.09 9.55 27.69
C SER A 284 -11.44 9.86 29.14
N ASP A 285 -10.97 9.03 30.06
CA ASP A 285 -11.21 9.24 31.48
C ASP A 285 -10.63 10.58 31.96
N GLY A 286 -9.56 11.04 31.30
CA GLY A 286 -8.97 12.33 31.62
C GLY A 286 -9.97 13.47 31.41
N TRP A 287 -10.66 13.46 30.28
CA TRP A 287 -11.71 14.44 30.01
C TRP A 287 -12.96 14.11 30.82
N ALA A 288 -13.51 12.91 30.58
CA ALA A 288 -14.68 12.43 31.30
C ALA A 288 -15.83 13.43 31.13
N ASP A 289 -16.38 13.97 32.23
CA ASP A 289 -17.43 14.98 32.14
C ASP A 289 -17.03 16.21 32.95
N ARG A 290 -15.75 16.57 32.87
CA ARG A 290 -15.22 17.69 33.63
C ARG A 290 -15.68 19.01 33.04
N TYR A 291 -16.26 19.87 33.87
CA TYR A 291 -16.70 21.18 33.43
C TYR A 291 -15.56 22.20 33.41
N ASP A 292 -14.42 21.87 34.04
CA ASP A 292 -13.31 22.81 34.10
C ASP A 292 -12.39 22.69 32.89
N VAL A 293 -12.68 21.78 31.95
CA VAL A 293 -11.90 21.68 30.72
C VAL A 293 -12.65 22.29 29.53
N THR A 294 -13.95 22.56 29.68
CA THR A 294 -14.73 23.16 28.61
C THR A 294 -15.28 24.54 28.99
N ASP A 295 -15.07 24.98 30.23
CA ASP A 295 -15.53 26.29 30.65
C ASP A 295 -14.87 27.38 29.80
N GLY A 296 -15.68 28.30 29.28
CA GLY A 296 -15.20 29.36 28.41
C GLY A 296 -15.03 28.92 26.96
N TYR A 297 -14.78 27.63 26.73
CA TYR A 297 -14.53 27.11 25.39
C TYR A 297 -15.52 25.98 25.06
N GLN A 298 -16.77 26.18 25.45
CA GLN A 298 -17.80 25.17 25.20
C GLN A 298 -18.06 25.01 23.71
N ARG A 299 -18.04 26.13 22.96
CA ARG A 299 -18.41 26.10 21.55
C ARG A 299 -17.45 25.22 20.75
N GLU A 300 -16.17 25.18 21.14
CA GLU A 300 -15.17 24.39 20.43
C GLU A 300 -15.29 22.90 20.75
N ALA A 301 -15.79 22.55 21.95
CA ALA A 301 -15.83 21.17 22.39
C ALA A 301 -17.19 20.52 22.14
N VAL A 302 -18.16 21.25 21.59
CA VAL A 302 -19.50 20.71 21.42
C VAL A 302 -19.45 19.53 20.46
N GLY A 303 -20.16 18.46 20.82
CA GLY A 303 -20.26 17.27 20.01
C GLY A 303 -19.24 16.19 20.38
N GLY A 304 -18.25 16.52 21.24
CA GLY A 304 -17.23 15.56 21.62
C GLY A 304 -17.79 14.41 22.46
N ILE A 305 -17.22 13.22 22.27
CA ILE A 305 -17.65 12.02 22.95
C ILE A 305 -16.53 11.57 23.91
N THR A 306 -16.88 11.40 25.18
CA THR A 306 -15.90 11.07 26.21
C THR A 306 -16.32 9.81 26.96
N ILE A 307 -15.33 9.18 27.59
CA ILE A 307 -15.54 7.99 28.40
C ILE A 307 -15.28 8.37 29.85
N LYS A 308 -16.23 8.03 30.73
CA LYS A 308 -16.16 8.40 32.13
C LYS A 308 -16.44 7.18 32.98
N LEU A 309 -15.56 6.88 33.93
CA LEU A 309 -15.79 5.78 34.85
C LEU A 309 -17.07 6.04 35.64
N GLN A 310 -17.94 5.03 35.69
CA GLN A 310 -19.23 5.21 36.34
C GLN A 310 -19.04 5.24 37.86
N SER A 311 -19.58 6.29 38.48
CA SER A 311 -19.49 6.47 39.92
C SER A 311 -20.68 7.29 40.40
N PRO A 312 -21.64 6.70 41.13
CA PRO A 312 -22.79 7.46 41.63
C PRO A 312 -22.36 8.56 42.60
N ASP A 313 -23.12 9.65 42.60
CA ASP A 313 -22.83 10.77 43.48
C ASP A 313 -23.03 10.36 44.93
N VAL A 314 -22.14 10.85 45.79
CA VAL A 314 -22.22 10.58 47.22
C VAL A 314 -23.02 11.70 47.89
N LYS A 315 -24.07 11.32 48.62
CA LYS A 315 -25.00 12.29 49.17
C LYS A 315 -24.49 12.87 50.49
N TRP A 316 -24.00 12.03 51.39
CA TRP A 316 -23.55 12.51 52.70
C TRP A 316 -22.34 13.43 52.56
N PHE A 317 -21.52 13.20 51.53
CA PHE A 317 -20.41 14.09 51.25
C PHE A 317 -20.93 15.47 50.82
N ASP A 318 -21.99 15.50 50.00
CA ASP A 318 -22.59 16.77 49.62
C ASP A 318 -23.17 17.48 50.84
N ASP A 319 -23.80 16.73 51.75
CA ASP A 319 -24.36 17.32 52.95
C ASP A 319 -23.26 17.94 53.81
N TYR A 320 -22.14 17.24 53.96
CA TYR A 320 -21.05 17.72 54.80
C TYR A 320 -20.32 18.90 54.15
N TYR A 321 -20.12 18.84 52.83
CA TYR A 321 -19.25 19.78 52.14
C TYR A 321 -19.90 21.16 52.02
N LEU A 322 -21.19 21.20 51.67
CA LEU A 322 -21.85 22.47 51.39
C LEU A 322 -22.06 23.31 52.65
N LYS A 323 -21.85 22.72 53.83
CA LYS A 323 -22.01 23.46 55.09
C LYS A 323 -20.67 23.95 55.64
N LEU A 324 -19.60 23.81 54.86
CA LEU A 324 -18.28 24.24 55.31
C LEU A 324 -18.15 25.76 55.17
N ARG A 325 -17.52 26.38 56.17
CA ARG A 325 -17.27 27.81 56.15
C ARG A 325 -15.81 28.06 56.52
N PRO A 326 -15.17 29.08 55.93
CA PRO A 326 -13.76 29.37 56.24
C PRO A 326 -13.51 29.75 57.69
N GLU A 327 -14.51 30.31 58.38
CA GLU A 327 -14.32 30.74 59.76
C GLU A 327 -14.11 29.53 60.67
N THR A 328 -14.86 28.45 60.44
CA THR A 328 -14.87 27.32 61.36
C THR A 328 -14.00 26.17 60.87
N ASN A 329 -13.76 26.08 59.55
CA ASN A 329 -12.98 24.99 58.99
C ASN A 329 -11.49 25.33 59.11
N LEU A 330 -10.88 24.86 60.21
CA LEU A 330 -9.49 25.18 60.51
C LEU A 330 -8.55 24.03 60.18
N ARG A 331 -9.05 22.78 60.20
CA ARG A 331 -8.18 21.62 60.05
C ARG A 331 -7.68 21.47 58.61
N ASN A 332 -8.35 22.13 57.64
CA ASN A 332 -7.91 22.09 56.26
C ASN A 332 -7.09 23.34 55.97
N PRO A 333 -5.77 23.23 55.78
CA PRO A 333 -4.94 24.43 55.62
C PRO A 333 -5.13 25.16 54.29
N TRP A 334 -5.71 24.48 53.29
CA TRP A 334 -5.90 25.08 51.97
C TRP A 334 -7.30 25.64 51.79
N PHE A 335 -8.12 25.69 52.85
CA PHE A 335 -9.51 26.07 52.67
C PHE A 335 -9.67 27.58 52.52
N GLN A 336 -8.84 28.37 53.21
CA GLN A 336 -8.93 29.82 53.10
C GLN A 336 -8.56 30.26 51.69
N GLU A 337 -7.45 29.72 51.17
CA GLU A 337 -6.99 30.07 49.84
C GLU A 337 -8.02 29.65 48.79
N PHE A 338 -8.60 28.47 48.96
CA PHE A 338 -9.62 27.99 48.04
C PHE A 338 -10.86 28.86 48.09
N TRP A 339 -11.26 29.26 49.30
CA TRP A 339 -12.44 30.10 49.47
C TRP A 339 -12.24 31.45 48.79
N GLN A 340 -11.04 32.01 48.91
CA GLN A 340 -10.77 33.30 48.29
C GLN A 340 -10.62 33.16 46.79
N HIS A 341 -10.13 32.02 46.30
CA HIS A 341 -9.95 31.83 44.87
C HIS A 341 -11.29 31.58 44.17
N ARG A 342 -12.17 30.81 44.81
CA ARG A 342 -13.43 30.43 44.20
C ARG A 342 -14.37 31.63 44.10
N PHE A 343 -14.75 32.19 45.26
CA PHE A 343 -15.40 33.48 45.30
C PHE A 343 -14.32 34.54 45.32
N GLN A 344 -14.23 35.33 44.25
CA GLN A 344 -13.16 36.31 44.12
C GLN A 344 -13.38 37.40 45.16
N CYS A 345 -12.75 37.24 46.32
CA CYS A 345 -12.93 38.16 47.44
C CYS A 345 -11.79 37.99 48.42
N ARG A 346 -11.70 38.92 49.38
CA ARG A 346 -10.62 38.97 50.35
C ARG A 346 -11.19 38.79 51.75
N LEU A 347 -10.55 37.92 52.53
CA LEU A 347 -10.97 37.65 53.91
C LEU A 347 -10.11 38.50 54.84
N GLU A 348 -10.72 39.49 55.48
CA GLU A 348 -10.00 40.41 56.35
C GLU A 348 -9.67 39.76 57.70
N GLY A 349 -10.53 38.83 58.16
CA GLY A 349 -10.43 38.30 59.51
C GLY A 349 -9.38 37.22 59.69
N PHE A 350 -8.67 36.82 58.61
CA PHE A 350 -7.72 35.72 58.68
C PHE A 350 -6.37 36.17 58.12
N PRO A 351 -5.26 35.55 58.57
CA PRO A 351 -3.93 35.90 58.07
C PRO A 351 -3.77 35.78 56.56
N GLN A 352 -4.44 34.79 55.94
CA GLN A 352 -4.35 34.58 54.51
C GLN A 352 -5.26 35.57 53.78
N GLU A 353 -4.95 36.86 53.92
CA GLU A 353 -5.76 37.92 53.32
C GLU A 353 -5.71 37.84 51.80
N ASN A 354 -4.49 37.81 51.23
CA ASN A 354 -4.29 37.76 49.78
C ASN A 354 -4.97 38.98 49.13
N SER A 355 -4.39 40.15 49.42
CA SER A 355 -4.95 41.44 49.04
C SER A 355 -5.07 41.62 47.53
N LYS A 356 -4.71 40.59 46.74
CA LYS A 356 -4.87 40.65 45.30
C LYS A 356 -6.33 40.91 44.93
N TYR A 357 -7.26 40.22 45.58
CA TYR A 357 -8.67 40.43 45.33
C TYR A 357 -9.11 41.78 45.90
N ASN A 358 -10.00 42.47 45.20
CA ASN A 358 -10.41 43.81 45.58
C ASN A 358 -11.51 43.76 46.63
N LYS A 359 -12.63 43.09 46.31
CA LYS A 359 -13.79 43.09 47.18
C LYS A 359 -13.54 42.17 48.38
N THR A 360 -14.40 42.32 49.39
CA THR A 360 -14.35 41.48 50.58
C THR A 360 -15.40 40.37 50.49
N CYS A 361 -15.30 39.40 51.41
CA CYS A 361 -16.22 38.28 51.45
C CYS A 361 -17.29 38.54 52.50
N ASN A 362 -18.51 38.79 52.04
CA ASN A 362 -19.65 38.97 52.94
C ASN A 362 -20.05 37.63 53.53
N SER A 363 -20.75 37.69 54.66
CA SER A 363 -21.18 36.48 55.35
C SER A 363 -22.45 35.92 54.71
N SER A 364 -22.45 35.79 53.38
CA SER A 364 -23.59 35.26 52.65
C SER A 364 -23.17 34.33 51.51
N LEU A 365 -21.87 34.09 51.33
CA LEU A 365 -21.40 33.21 50.27
C LEU A 365 -21.46 31.76 50.74
N THR A 366 -22.01 30.90 49.89
CA THR A 366 -22.16 29.49 50.22
C THR A 366 -21.62 28.66 49.06
N LEU A 367 -21.18 27.44 49.37
CA LEU A 367 -20.64 26.53 48.39
C LEU A 367 -21.74 25.88 47.55
N LYS A 368 -23.00 26.08 47.93
CA LYS A 368 -24.10 25.42 47.24
C LYS A 368 -24.25 25.97 45.82
N THR A 369 -23.99 27.26 45.63
CA THR A 369 -24.15 27.89 44.33
C THR A 369 -23.11 27.37 43.36
N HIS A 370 -23.56 26.88 42.20
CA HIS A 370 -22.69 26.37 41.15
C HIS A 370 -21.79 25.25 41.67
N HIS A 371 -22.35 24.39 42.53
CA HIS A 371 -21.59 23.29 43.09
C HIS A 371 -21.64 22.08 42.15
N VAL A 372 -20.47 21.57 41.81
CA VAL A 372 -20.35 20.36 41.00
C VAL A 372 -19.41 19.41 41.73
N GLN A 373 -19.92 18.22 42.06
CA GLN A 373 -19.11 17.20 42.69
C GLN A 373 -18.38 16.41 41.61
N ASP A 374 -17.09 16.17 41.81
CA ASP A 374 -16.26 15.53 40.82
C ASP A 374 -16.71 14.09 40.62
N SER A 375 -16.43 13.56 39.42
CA SER A 375 -16.89 12.24 39.02
C SER A 375 -16.27 11.15 39.88
N LYS A 376 -14.97 11.26 40.16
CA LYS A 376 -14.24 10.22 40.86
C LYS A 376 -14.16 10.51 42.35
N MET A 377 -15.31 10.74 42.98
CA MET A 377 -15.34 10.94 44.42
C MET A 377 -15.58 9.61 45.12
N GLY A 378 -16.58 8.84 44.67
CA GLY A 378 -16.87 7.54 45.27
C GLY A 378 -15.62 6.68 45.32
N PHE A 379 -14.89 6.63 44.20
CA PHE A 379 -13.63 5.90 44.15
C PHE A 379 -12.71 6.33 45.29
N VAL A 380 -12.51 7.64 45.45
CA VAL A 380 -11.71 8.14 46.55
C VAL A 380 -12.19 7.53 47.86
N ILE A 381 -13.47 7.69 48.15
CA ILE A 381 -14.03 7.16 49.38
C ILE A 381 -13.75 5.67 49.46
N ASN A 382 -14.03 4.95 48.38
CA ASN A 382 -13.82 3.51 48.34
C ASN A 382 -12.38 3.19 48.73
N ALA A 383 -11.42 3.88 48.11
CA ALA A 383 -10.02 3.64 48.40
C ALA A 383 -9.79 3.71 49.91
N ILE A 384 -10.21 4.82 50.51
CA ILE A 384 -10.03 4.99 51.94
C ILE A 384 -10.68 3.84 52.68
N TYR A 385 -11.95 3.57 52.37
CA TYR A 385 -12.67 2.49 53.01
C TYR A 385 -11.90 1.18 52.87
N SER A 386 -11.44 0.89 51.65
CA SER A 386 -10.71 -0.34 51.40
C SER A 386 -9.55 -0.46 52.38
N MET A 387 -8.73 0.59 52.47
CA MET A 387 -7.59 0.58 53.38
C MET A 387 -8.08 0.25 54.79
N ALA A 388 -9.07 1.01 55.27
CA ALA A 388 -9.60 0.78 56.61
C ALA A 388 -10.03 -0.68 56.76
N TYR A 389 -10.83 -1.18 55.81
CA TYR A 389 -11.33 -2.53 55.90
C TYR A 389 -10.17 -3.52 55.99
N GLY A 390 -9.17 -3.34 55.13
CA GLY A 390 -8.02 -4.22 55.18
C GLY A 390 -7.38 -4.23 56.57
N LEU A 391 -7.14 -3.04 57.12
CA LEU A 391 -6.61 -2.93 58.46
C LEU A 391 -7.49 -3.75 59.42
N HIS A 392 -8.80 -3.50 59.37
CA HIS A 392 -9.74 -4.22 60.21
C HIS A 392 -9.53 -5.73 60.06
N ASN A 393 -9.54 -6.21 58.82
CA ASN A 393 -9.38 -7.63 58.56
C ASN A 393 -8.08 -8.12 59.18
N MET A 394 -6.99 -7.41 58.95
CA MET A 394 -5.70 -7.83 59.46
C MET A 394 -5.73 -7.89 60.99
N GLN A 395 -6.36 -6.90 61.63
CA GLN A 395 -6.49 -6.93 63.08
C GLN A 395 -7.28 -8.16 63.52
N MET A 396 -8.39 -8.44 62.83
CA MET A 396 -9.20 -9.60 63.15
C MET A 396 -8.41 -10.89 62.90
N SER A 397 -7.43 -10.83 61.99
CA SER A 397 -6.61 -11.99 61.71
C SER A 397 -5.51 -12.15 62.76
N LEU A 398 -5.10 -11.05 63.41
CA LEU A 398 -3.93 -11.10 64.27
C LEU A 398 -4.33 -11.38 65.71
N CYS A 399 -5.20 -10.54 66.27
CA CYS A 399 -5.64 -10.68 67.65
C CYS A 399 -7.17 -10.72 67.69
N PRO A 400 -7.78 -11.90 67.44
CA PRO A 400 -9.24 -11.99 67.41
C PRO A 400 -9.90 -11.61 68.74
N GLY A 401 -9.24 -11.92 69.86
CA GLY A 401 -9.78 -11.66 71.18
C GLY A 401 -9.75 -10.17 71.54
N TYR A 402 -8.55 -9.57 71.46
CA TYR A 402 -8.38 -8.20 71.90
C TYR A 402 -9.09 -7.24 70.94
N ALA A 403 -9.76 -6.23 71.52
CA ALA A 403 -10.42 -5.18 70.77
C ALA A 403 -9.56 -3.92 70.86
N GLY A 404 -8.75 -3.71 69.82
CA GLY A 404 -7.86 -2.56 69.77
C GLY A 404 -6.54 -2.95 69.11
N LEU A 405 -5.47 -2.26 69.51
CA LEU A 405 -4.14 -2.51 68.98
C LEU A 405 -3.40 -3.46 69.92
N CYS A 406 -3.35 -4.73 69.52
CA CYS A 406 -2.70 -5.75 70.32
C CYS A 406 -1.18 -5.56 70.28
N ASP A 407 -0.50 -6.21 71.23
CA ASP A 407 0.94 -6.10 71.37
C ASP A 407 1.67 -6.66 70.15
N ALA A 408 1.04 -7.62 69.45
CA ALA A 408 1.61 -8.22 68.25
C ALA A 408 1.33 -7.37 67.01
N MET A 409 0.93 -6.10 67.21
CA MET A 409 0.55 -5.24 66.09
C MET A 409 1.18 -3.84 66.19
N LYS A 410 1.99 -3.58 67.23
CA LYS A 410 2.59 -2.26 67.38
C LYS A 410 3.49 -1.92 66.18
N PRO A 411 4.43 -2.80 65.74
CA PRO A 411 5.12 -2.57 64.48
C PRO A 411 4.31 -3.13 63.31
N ILE A 412 3.35 -2.33 62.82
CA ILE A 412 2.48 -2.76 61.75
C ILE A 412 3.32 -3.16 60.54
N ASP A 413 3.09 -4.39 60.06
CA ASP A 413 3.90 -4.97 59.00
C ASP A 413 3.26 -4.64 57.65
N GLY A 414 4.06 -4.11 56.73
CA GLY A 414 3.58 -3.76 55.41
C GLY A 414 3.14 -4.98 54.61
N ARG A 415 3.87 -6.10 54.74
CA ARG A 415 3.57 -7.30 53.99
C ARG A 415 2.22 -7.88 54.39
N LYS A 416 1.96 -7.94 55.71
CA LYS A 416 0.70 -8.46 56.21
C LYS A 416 -0.46 -7.55 55.78
N LEU A 417 -0.25 -6.24 55.86
CA LEU A 417 -1.30 -5.30 55.49
C LEU A 417 -1.62 -5.41 54.00
N LEU A 418 -0.58 -5.53 53.16
CA LEU A 418 -0.79 -5.69 51.73
C LEU A 418 -1.52 -7.01 51.44
N GLU A 419 -1.15 -8.07 52.15
CA GLU A 419 -1.76 -9.38 51.93
C GLU A 419 -3.24 -9.35 52.31
N SER A 420 -3.57 -8.65 53.41
CA SER A 420 -4.95 -8.51 53.84
C SER A 420 -5.74 -7.63 52.86
N LEU A 421 -5.10 -6.59 52.33
CA LEU A 421 -5.75 -5.72 51.34
C LEU A 421 -6.07 -6.50 50.06
N MET A 422 -5.15 -7.38 49.65
CA MET A 422 -5.30 -8.08 48.37
C MET A 422 -6.47 -9.05 48.40
N LYS A 423 -6.93 -9.47 49.59
CA LYS A 423 -8.03 -10.41 49.70
C LYS A 423 -9.29 -9.79 50.30
N THR A 424 -9.23 -8.53 50.74
CA THR A 424 -10.37 -7.91 51.39
C THR A 424 -11.48 -7.65 50.37
N ALA A 425 -12.72 -7.77 50.83
CA ALA A 425 -13.89 -7.45 50.03
C ALA A 425 -14.92 -6.79 50.95
N PHE A 426 -15.55 -5.74 50.46
CA PHE A 426 -16.50 -5.00 51.29
C PHE A 426 -17.55 -4.36 50.39
N THR A 427 -18.42 -3.55 50.99
CA THR A 427 -19.45 -2.85 50.26
C THR A 427 -19.08 -1.38 50.15
N GLY A 428 -19.04 -0.87 48.91
CA GLY A 428 -18.67 0.51 48.65
C GLY A 428 -19.80 1.47 49.01
N VAL A 429 -19.52 2.76 48.86
CA VAL A 429 -20.52 3.78 49.08
C VAL A 429 -21.65 3.66 48.06
N SER A 430 -21.32 3.28 46.83
CA SER A 430 -22.32 3.11 45.78
C SER A 430 -23.31 2.00 46.13
N GLY A 431 -22.82 0.93 46.77
CA GLY A 431 -23.68 -0.18 47.15
C GLY A 431 -23.15 -1.52 46.64
N ASP A 432 -22.33 -1.48 45.59
CA ASP A 432 -21.77 -2.69 45.02
C ASP A 432 -20.67 -3.24 45.94
N THR A 433 -20.07 -4.36 45.52
CA THR A 433 -19.01 -4.99 46.29
C THR A 433 -17.65 -4.62 45.69
N ILE A 434 -16.81 -4.01 46.52
CA ILE A 434 -15.44 -3.68 46.14
C ILE A 434 -14.54 -4.82 46.55
N LEU A 435 -13.77 -5.33 45.57
CA LEU A 435 -12.80 -6.38 45.79
C LEU A 435 -11.68 -6.24 44.76
N PHE A 436 -10.51 -6.79 45.09
CA PHE A 436 -9.35 -6.68 44.24
C PHE A 436 -9.02 -8.03 43.62
N ASP A 437 -8.62 -8.01 42.34
CA ASP A 437 -8.23 -9.23 41.65
C ASP A 437 -6.74 -9.49 41.90
N GLU A 438 -6.16 -10.42 41.14
CA GLU A 438 -4.78 -10.83 41.35
C GLU A 438 -3.80 -9.72 40.96
N ASN A 439 -4.22 -8.78 40.11
CA ASN A 439 -3.36 -7.68 39.68
C ASN A 439 -3.56 -6.44 40.55
N GLY A 440 -4.42 -6.52 41.59
CA GLY A 440 -4.69 -5.37 42.44
C GLY A 440 -5.73 -4.41 41.87
N ASP A 441 -6.25 -4.70 40.67
CA ASP A 441 -7.26 -3.86 40.06
C ASP A 441 -8.63 -4.20 40.64
N SER A 442 -9.64 -3.45 40.20
CA SER A 442 -11.02 -3.67 40.63
C SER A 442 -11.93 -3.64 39.41
N PRO A 443 -13.05 -4.39 39.42
CA PRO A 443 -14.01 -4.32 38.33
C PRO A 443 -14.64 -2.94 38.21
N GLY A 444 -14.98 -2.57 36.97
CA GLY A 444 -15.59 -1.27 36.74
C GLY A 444 -16.22 -1.21 35.35
N ARG A 445 -17.16 -0.28 35.20
CA ARG A 445 -17.86 -0.07 33.95
C ARG A 445 -17.80 1.42 33.59
N TYR A 446 -17.96 1.70 32.30
CA TYR A 446 -17.81 3.04 31.78
C TYR A 446 -19.14 3.58 31.28
N GLU A 447 -19.29 4.91 31.37
CA GLU A 447 -20.38 5.63 30.75
C GLU A 447 -19.81 6.43 29.58
N ILE A 448 -20.55 6.46 28.48
CA ILE A 448 -20.17 7.24 27.31
C ILE A 448 -21.02 8.50 27.32
N MET A 449 -20.34 9.64 27.52
CA MET A 449 -20.99 10.94 27.62
C MET A 449 -20.73 11.72 26.32
N ASN A 450 -21.66 12.63 26.01
CA ASN A 450 -21.57 13.46 24.83
C ASN A 450 -21.75 14.91 25.25
N PHE A 451 -20.86 15.79 24.77
CA PHE A 451 -20.98 17.21 25.08
C PHE A 451 -21.90 17.86 24.07
N LYS A 452 -23.11 18.20 24.51
CA LYS A 452 -24.11 18.76 23.62
C LYS A 452 -24.50 20.16 24.09
N GLU A 453 -25.11 20.90 23.18
CA GLU A 453 -25.73 22.18 23.48
C GLU A 453 -27.22 21.95 23.68
N MET A 454 -27.72 22.21 24.88
CA MET A 454 -29.12 21.97 25.20
C MET A 454 -30.00 23.10 24.67
N GLY A 455 -29.76 24.32 25.17
CA GLY A 455 -30.52 25.49 24.76
C GLY A 455 -29.66 26.51 24.04
N LYS A 456 -29.85 27.79 24.41
CA LYS A 456 -29.01 28.86 23.91
C LYS A 456 -28.03 29.28 25.01
N ASP A 457 -26.74 29.26 24.68
CA ASP A 457 -25.68 29.57 25.63
C ASP A 457 -25.80 28.65 26.85
N TYR A 458 -25.95 27.35 26.60
CA TYR A 458 -26.09 26.37 27.66
C TYR A 458 -25.64 25.01 27.14
N PHE A 459 -24.50 24.55 27.64
CA PHE A 459 -23.93 23.27 27.22
C PHE A 459 -23.88 22.32 28.43
N ASP A 460 -23.96 21.02 28.13
CA ASP A 460 -23.97 20.03 29.18
C ASP A 460 -23.43 18.71 28.67
N TYR A 461 -23.02 17.86 29.59
CA TYR A 461 -22.61 16.50 29.29
C TYR A 461 -23.82 15.57 29.41
N ILE A 462 -24.11 14.84 28.33
CA ILE A 462 -25.27 13.97 28.27
C ILE A 462 -24.80 12.53 28.18
N ASN A 463 -25.32 11.70 29.08
CA ASN A 463 -25.01 10.28 29.08
C ASN A 463 -25.69 9.60 27.89
N VAL A 464 -24.90 9.19 26.90
CA VAL A 464 -25.45 8.67 25.66
C VAL A 464 -25.13 7.18 25.47
N GLY A 465 -24.41 6.57 26.41
CA GLY A 465 -24.19 5.14 26.30
C GLY A 465 -23.45 4.61 27.52
N SER A 466 -23.10 3.32 27.45
CA SER A 466 -22.30 2.68 28.47
C SER A 466 -21.40 1.64 27.83
N TRP A 467 -20.56 1.03 28.67
CA TRP A 467 -19.66 -0.03 28.24
C TRP A 467 -19.34 -0.89 29.45
N ASP A 468 -19.67 -2.19 29.38
CA ASP A 468 -19.51 -3.09 30.50
C ASP A 468 -19.07 -4.45 30.00
N ASN A 469 -17.82 -4.81 30.28
CA ASN A 469 -17.28 -6.13 29.97
C ASN A 469 -17.42 -6.46 28.49
N GLY A 470 -17.23 -5.46 27.63
CA GLY A 470 -17.21 -5.67 26.19
C GLY A 470 -18.52 -5.26 25.51
N GLU A 471 -19.60 -5.10 26.28
CA GLU A 471 -20.89 -4.75 25.71
C GLU A 471 -21.01 -3.23 25.66
N LEU A 472 -21.08 -2.68 24.44
CA LEU A 472 -21.21 -1.24 24.24
C LEU A 472 -22.66 -0.92 23.87
N LYS A 473 -23.44 -0.55 24.89
CA LYS A 473 -24.75 0.02 24.64
C LYS A 473 -24.61 1.51 24.35
N MET A 474 -25.38 1.99 23.38
CA MET A 474 -25.33 3.40 23.01
C MET A 474 -26.72 3.87 22.59
N ASP A 475 -26.89 5.20 22.58
CA ASP A 475 -28.14 5.82 22.17
C ASP A 475 -27.81 6.76 21.00
N ASP A 476 -27.92 6.23 19.78
CA ASP A 476 -27.54 6.96 18.59
C ASP A 476 -28.55 8.04 18.21
N ASP A 477 -29.68 8.12 18.91
CA ASP A 477 -30.64 9.18 18.65
C ASP A 477 -30.26 10.46 19.40
N GLU A 478 -29.67 10.33 20.59
CA GLU A 478 -29.34 11.50 21.39
C GLU A 478 -28.14 12.24 20.77
N VAL A 479 -27.10 11.48 20.41
CA VAL A 479 -25.98 12.04 19.67
C VAL A 479 -26.31 11.94 18.18
N TRP A 480 -26.15 13.07 17.47
CA TRP A 480 -26.58 13.17 16.08
C TRP A 480 -28.08 12.89 15.96
N SER A 481 -28.86 13.82 16.50
CA SER A 481 -30.32 13.74 16.51
C SER A 481 -30.87 13.42 15.12
N LYS A 482 -30.27 14.01 14.08
CA LYS A 482 -30.61 13.66 12.72
C LYS A 482 -29.65 12.59 12.20
N LYS A 483 -30.03 11.98 11.07
CA LYS A 483 -29.24 10.91 10.48
C LYS A 483 -27.88 11.43 10.02
N SER A 484 -27.77 12.73 9.73
CA SER A 484 -26.51 13.34 9.33
C SER A 484 -25.59 13.45 10.54
N ASN A 485 -24.75 12.42 10.72
CA ASN A 485 -23.76 12.42 11.80
C ASN A 485 -22.51 13.15 11.33
N ILE A 486 -21.46 13.12 12.16
CA ILE A 486 -20.19 13.68 11.76
C ILE A 486 -19.69 12.90 10.54
N ILE A 487 -19.08 13.63 9.60
CA ILE A 487 -18.54 12.99 8.40
C ILE A 487 -17.51 11.97 8.84
N ARG A 488 -17.79 10.69 8.56
CA ARG A 488 -16.96 9.61 9.07
C ARG A 488 -15.53 9.81 8.60
N SER A 489 -14.57 9.59 9.49
CA SER A 489 -13.17 9.72 9.16
C SER A 489 -12.75 8.56 8.26
N VAL A 490 -12.90 8.75 6.95
CA VAL A 490 -12.50 7.75 5.97
C VAL A 490 -11.50 8.39 5.02
N CYS A 491 -10.38 7.70 4.77
CA CYS A 491 -9.33 8.23 3.92
C CYS A 491 -9.73 8.17 2.46
N SER A 492 -10.63 7.25 2.10
CA SER A 492 -11.04 7.07 0.72
C SER A 492 -12.45 6.49 0.67
N GLU A 493 -13.23 6.93 -0.32
CA GLU A 493 -14.59 6.45 -0.48
C GLU A 493 -14.55 4.99 -0.94
N PRO A 494 -15.60 4.20 -0.64
CA PRO A 494 -15.64 2.80 -1.07
C PRO A 494 -15.52 2.68 -2.59
N CYS A 495 -14.41 2.09 -3.04
CA CYS A 495 -14.15 1.88 -4.45
C CYS A 495 -14.85 0.63 -4.99
N GLU A 496 -15.34 -0.25 -4.12
CA GLU A 496 -15.97 -1.49 -4.54
C GLU A 496 -17.37 -1.20 -5.08
N LYS A 497 -17.41 -0.80 -6.36
CA LYS A 497 -18.67 -0.61 -7.07
C LYS A 497 -18.41 -0.78 -8.57
N GLY A 498 -18.74 -1.96 -9.09
CA GLY A 498 -18.57 -2.24 -10.49
C GLY A 498 -17.17 -2.75 -10.79
N GLN A 499 -16.58 -2.25 -11.90
CA GLN A 499 -15.33 -2.78 -12.43
C GLN A 499 -14.10 -2.15 -11.78
N ILE A 500 -14.26 -1.04 -11.08
CA ILE A 500 -13.12 -0.34 -10.49
C ILE A 500 -12.50 -1.17 -9.38
N LYS A 501 -11.21 -0.89 -9.12
CA LYS A 501 -10.38 -1.72 -8.27
C LYS A 501 -9.53 -0.82 -7.36
N VAL A 502 -9.12 -1.41 -6.22
CA VAL A 502 -8.40 -0.70 -5.18
C VAL A 502 -6.90 -0.91 -5.35
N ILE A 503 -6.14 0.19 -5.31
CA ILE A 503 -4.69 0.14 -5.38
C ILE A 503 -4.12 0.95 -4.22
N ARG A 504 -3.26 0.32 -3.43
CA ARG A 504 -2.64 0.99 -2.29
C ARG A 504 -1.30 1.58 -2.69
N LYS A 505 -1.00 2.77 -2.15
CA LYS A 505 0.27 3.43 -2.34
C LYS A 505 1.21 3.08 -1.19
N GLY A 506 2.32 3.81 -1.06
CA GLY A 506 3.30 3.57 -0.01
C GLY A 506 2.95 4.29 1.29
N GLU A 507 1.72 4.08 1.76
CA GLU A 507 1.25 4.68 3.00
C GLU A 507 0.28 3.71 3.68
N VAL A 508 -0.51 4.22 4.62
CA VAL A 508 -1.45 3.39 5.36
C VAL A 508 -2.42 2.72 4.39
N SER A 509 -2.96 1.59 4.85
CA SER A 509 -3.76 0.70 4.01
C SER A 509 -5.22 1.13 3.94
N CYS A 510 -5.59 2.22 4.64
CA CYS A 510 -6.96 2.70 4.62
C CYS A 510 -7.17 3.78 3.56
N CYS A 511 -6.10 4.18 2.86
CA CYS A 511 -6.18 5.10 1.74
C CYS A 511 -5.86 4.31 0.47
N TRP A 512 -6.73 4.42 -0.53
CA TRP A 512 -6.56 3.68 -1.78
C TRP A 512 -6.96 4.54 -2.96
N THR A 513 -6.27 4.31 -4.08
CA THR A 513 -6.65 4.90 -5.35
C THR A 513 -7.62 3.94 -6.05
N CYS A 514 -8.66 4.52 -6.65
CA CYS A 514 -9.71 3.77 -7.31
C CYS A 514 -9.46 3.82 -8.82
N THR A 515 -9.03 2.70 -9.40
CA THR A 515 -8.64 2.66 -10.80
C THR A 515 -9.47 1.60 -11.52
N PRO A 516 -10.05 1.90 -12.70
CA PRO A 516 -10.82 0.90 -13.43
C PRO A 516 -9.89 0.04 -14.29
N CYS A 517 -10.03 -1.28 -14.18
CA CYS A 517 -9.32 -2.19 -15.05
C CYS A 517 -10.26 -2.68 -16.15
N LYS A 518 -9.67 -3.10 -17.27
CA LYS A 518 -10.38 -3.22 -18.54
C LYS A 518 -11.51 -4.25 -18.45
N GLU A 519 -12.49 -4.09 -19.34
CA GLU A 519 -13.68 -4.91 -19.37
C GLU A 519 -13.37 -6.37 -19.71
N ASN A 520 -12.20 -6.64 -20.31
CA ASN A 520 -11.76 -8.01 -20.51
C ASN A 520 -11.54 -8.71 -19.17
N GLU A 521 -10.98 -7.97 -18.19
CA GLU A 521 -10.71 -8.54 -16.89
C GLU A 521 -11.94 -8.51 -15.99
N TYR A 522 -11.95 -9.44 -15.02
CA TYR A 522 -12.89 -9.42 -13.91
C TYR A 522 -12.10 -9.39 -12.61
N VAL A 523 -12.70 -8.80 -11.58
CA VAL A 523 -12.06 -8.69 -10.29
C VAL A 523 -12.43 -9.93 -9.48
N PHE A 524 -11.39 -10.60 -8.97
CA PHE A 524 -11.57 -11.73 -8.06
C PHE A 524 -11.11 -11.35 -6.65
N ASP A 525 -10.14 -10.42 -6.56
CA ASP A 525 -9.72 -9.85 -5.30
C ASP A 525 -9.82 -8.32 -5.40
N GLU A 526 -10.05 -7.67 -4.26
CA GLU A 526 -10.31 -6.24 -4.24
C GLU A 526 -9.08 -5.43 -4.72
N TYR A 527 -7.89 -6.06 -4.78
CA TYR A 527 -6.68 -5.35 -5.16
C TYR A 527 -6.09 -5.82 -6.48
N THR A 528 -6.69 -6.82 -7.13
CA THR A 528 -6.19 -7.28 -8.41
C THR A 528 -7.32 -7.91 -9.21
N CYS A 529 -7.30 -7.69 -10.54
CA CYS A 529 -8.26 -8.27 -11.45
C CYS A 529 -7.51 -9.00 -12.56
N LYS A 530 -8.09 -10.10 -13.04
CA LYS A 530 -7.46 -10.91 -14.08
C LYS A 530 -8.42 -11.12 -15.24
N ALA A 531 -7.85 -11.33 -16.43
CA ALA A 531 -8.63 -11.47 -17.66
C ALA A 531 -8.96 -12.94 -17.90
N CYS A 532 -10.12 -13.16 -18.54
CA CYS A 532 -10.49 -14.50 -18.99
C CYS A 532 -9.51 -14.99 -20.06
N GLN A 533 -9.33 -16.30 -20.13
CA GLN A 533 -8.20 -16.90 -20.83
C GLN A 533 -8.20 -16.55 -22.32
N LEU A 534 -9.11 -17.13 -23.11
CA LEU A 534 -9.10 -16.90 -24.56
C LEU A 534 -10.50 -16.63 -25.07
N GLY A 535 -11.50 -17.40 -24.60
CA GLY A 535 -12.82 -17.33 -25.17
C GLY A 535 -13.94 -17.21 -24.15
N SER A 536 -13.70 -16.40 -23.09
CA SER A 536 -14.69 -16.18 -22.06
C SER A 536 -14.79 -14.70 -21.74
N TRP A 537 -15.85 -14.34 -21.01
CA TRP A 537 -16.12 -12.96 -20.64
C TRP A 537 -16.47 -12.90 -19.17
N PRO A 538 -16.20 -11.77 -18.49
CA PRO A 538 -16.69 -11.59 -17.12
C PRO A 538 -18.21 -11.56 -17.07
N THR A 539 -18.75 -12.02 -15.93
CA THR A 539 -20.19 -12.05 -15.73
C THR A 539 -20.72 -10.66 -15.41
N ASP A 540 -22.00 -10.57 -15.07
CA ASP A 540 -22.62 -9.31 -14.71
C ASP A 540 -21.97 -8.74 -13.44
N ASP A 541 -21.72 -9.59 -12.44
CA ASP A 541 -21.14 -9.15 -11.19
C ASP A 541 -19.63 -9.00 -11.28
N LEU A 542 -19.04 -9.29 -12.44
CA LEU A 542 -17.59 -9.23 -12.67
C LEU A 542 -16.85 -10.16 -11.69
N THR A 543 -17.50 -11.28 -11.34
CA THR A 543 -16.90 -12.32 -10.52
C THR A 543 -17.09 -13.64 -11.25
N GLY A 544 -16.17 -13.97 -12.16
CA GLY A 544 -16.18 -15.26 -12.84
C GLY A 544 -16.43 -15.13 -14.34
N CYS A 545 -15.69 -15.92 -15.11
CA CYS A 545 -15.88 -15.98 -16.55
C CYS A 545 -17.15 -16.77 -16.86
N ASP A 546 -17.75 -16.50 -18.03
CA ASP A 546 -19.06 -17.03 -18.36
C ASP A 546 -19.06 -17.92 -19.61
N LEU A 547 -17.95 -18.02 -20.34
CA LEU A 547 -17.84 -18.88 -21.51
C LEU A 547 -18.92 -18.49 -22.54
N ILE A 548 -18.74 -17.31 -23.12
CA ILE A 548 -19.63 -16.73 -24.11
C ILE A 548 -20.08 -17.77 -25.12
N PRO A 549 -21.37 -17.80 -25.50
CA PRO A 549 -21.89 -18.82 -26.39
C PRO A 549 -21.26 -18.73 -27.79
N VAL A 550 -21.18 -19.88 -28.45
CA VAL A 550 -20.66 -19.96 -29.80
C VAL A 550 -21.77 -19.66 -30.80
N GLN A 551 -21.41 -18.99 -31.89
CA GLN A 551 -22.35 -18.68 -32.96
C GLN A 551 -22.06 -19.58 -34.16
N TYR A 552 -23.12 -20.16 -34.73
CA TYR A 552 -23.02 -21.01 -35.90
C TYR A 552 -23.81 -20.39 -37.05
N LEU A 553 -23.96 -21.15 -38.14
CA LEU A 553 -24.57 -20.62 -39.36
C LEU A 553 -26.05 -20.29 -39.16
N ARG A 554 -26.71 -20.89 -38.16
CA ARG A 554 -28.00 -20.40 -37.68
C ARG A 554 -29.05 -20.45 -38.78
N TRP A 555 -29.55 -21.66 -39.06
CA TRP A 555 -30.74 -21.85 -39.88
C TRP A 555 -31.74 -20.74 -39.58
N GLY A 556 -32.23 -20.10 -40.65
CA GLY A 556 -32.99 -18.87 -40.52
C GLY A 556 -32.19 -17.67 -41.00
N ASP A 557 -32.63 -16.48 -40.58
CA ASP A 557 -32.01 -15.21 -40.95
C ASP A 557 -32.22 -14.96 -42.44
N PRO A 558 -32.21 -13.69 -42.91
CA PRO A 558 -32.47 -13.40 -44.32
C PRO A 558 -31.56 -14.09 -45.32
N GLU A 559 -30.23 -14.01 -45.12
CA GLU A 559 -29.29 -14.51 -46.10
C GLU A 559 -29.38 -16.04 -46.23
N PRO A 560 -29.33 -16.83 -45.14
CA PRO A 560 -29.46 -18.28 -45.27
C PRO A 560 -30.84 -18.71 -45.80
N ILE A 561 -31.90 -17.97 -45.47
CA ILE A 561 -33.22 -18.27 -46.00
C ILE A 561 -33.23 -18.10 -47.52
N ALA A 562 -32.61 -17.01 -47.99
CA ALA A 562 -32.52 -16.76 -49.42
C ALA A 562 -31.70 -17.87 -50.09
N ALA A 563 -30.61 -18.29 -49.44
CA ALA A 563 -29.78 -19.36 -49.99
C ALA A 563 -30.57 -20.66 -50.11
N VAL A 564 -31.36 -20.98 -49.08
CA VAL A 564 -32.18 -22.18 -49.08
C VAL A 564 -33.24 -22.10 -50.18
N VAL A 565 -33.79 -20.90 -50.38
CA VAL A 565 -34.78 -20.69 -51.43
C VAL A 565 -34.14 -20.98 -52.79
N PHE A 566 -32.94 -20.44 -53.01
CA PHE A 566 -32.25 -20.67 -54.28
C PHE A 566 -31.93 -22.15 -54.46
N ALA A 567 -31.54 -22.83 -53.39
CA ALA A 567 -31.26 -24.26 -53.45
C ALA A 567 -32.52 -25.04 -53.86
N CYS A 568 -33.65 -24.65 -53.28
CA CYS A 568 -34.93 -25.28 -53.59
C CYS A 568 -35.30 -25.06 -55.07
N LEU A 569 -35.10 -23.84 -55.55
CA LEU A 569 -35.39 -23.52 -56.95
C LEU A 569 -34.52 -24.39 -57.85
N GLY A 570 -33.23 -24.51 -57.50
CA GLY A 570 -32.31 -25.31 -58.29
C GLY A 570 -32.69 -26.78 -58.32
N LEU A 571 -33.10 -27.32 -57.16
CA LEU A 571 -33.53 -28.71 -57.11
C LEU A 571 -34.78 -28.92 -57.96
N LEU A 572 -35.71 -27.97 -57.91
CA LEU A 572 -36.92 -28.07 -58.72
C LEU A 572 -36.56 -28.07 -60.20
N ALA A 573 -35.63 -27.19 -60.61
CA ALA A 573 -35.20 -27.13 -61.99
C ALA A 573 -34.55 -28.45 -62.40
N THR A 574 -33.70 -29.02 -61.55
CA THR A 574 -33.02 -30.26 -61.86
C THR A 574 -34.03 -31.41 -62.02
N LEU A 575 -35.01 -31.49 -61.11
CA LEU A 575 -35.98 -32.57 -61.20
C LEU A 575 -36.87 -32.41 -62.43
N PHE A 576 -37.23 -31.18 -62.77
CA PHE A 576 -38.03 -30.93 -63.96
C PHE A 576 -37.26 -31.34 -65.22
N VAL A 577 -35.98 -30.98 -65.29
CA VAL A 577 -35.16 -31.30 -66.45
C VAL A 577 -34.97 -32.82 -66.55
N THR A 578 -34.77 -33.49 -65.42
CA THR A 578 -34.62 -34.93 -65.43
C THR A 578 -35.90 -35.62 -65.88
N VAL A 579 -37.05 -35.10 -65.43
CA VAL A 579 -38.35 -35.66 -65.85
C VAL A 579 -38.51 -35.50 -67.36
N VAL A 580 -38.18 -34.32 -67.88
CA VAL A 580 -38.28 -34.08 -69.32
C VAL A 580 -37.35 -35.03 -70.08
N PHE A 581 -36.13 -35.24 -69.56
CA PHE A 581 -35.15 -36.08 -70.23
C PHE A 581 -35.60 -37.54 -70.25
N ILE A 582 -36.15 -38.03 -69.14
CA ILE A 582 -36.57 -39.42 -69.05
C ILE A 582 -37.87 -39.65 -69.82
N ILE A 583 -38.71 -38.62 -69.97
CA ILE A 583 -39.91 -38.77 -70.78
C ILE A 583 -39.54 -38.77 -72.26
N TYR A 584 -38.72 -37.81 -72.68
CA TYR A 584 -38.25 -37.73 -74.06
C TYR A 584 -36.90 -38.44 -74.15
N ARG A 585 -36.94 -39.75 -74.31
CA ARG A 585 -35.74 -40.58 -74.23
C ARG A 585 -34.89 -40.44 -75.49
N ASP A 586 -35.44 -40.87 -76.63
CA ASP A 586 -34.68 -41.00 -77.87
C ASP A 586 -35.30 -40.12 -78.95
N THR A 587 -35.69 -38.90 -78.56
CA THR A 587 -36.25 -37.96 -79.52
C THR A 587 -35.19 -37.53 -80.52
N PRO A 588 -35.50 -37.46 -81.83
CA PRO A 588 -34.49 -37.21 -82.86
C PRO A 588 -33.63 -35.96 -82.67
N VAL A 589 -34.21 -34.86 -82.17
CA VAL A 589 -33.46 -33.62 -82.03
C VAL A 589 -32.37 -33.80 -80.97
N VAL A 590 -32.71 -34.45 -79.86
CA VAL A 590 -31.72 -34.74 -78.84
C VAL A 590 -31.12 -36.11 -79.14
N LYS A 591 -30.16 -36.14 -80.08
CA LYS A 591 -29.41 -37.36 -80.36
C LYS A 591 -27.90 -37.13 -80.53
N SER A 592 -27.48 -35.92 -80.90
CA SER A 592 -26.06 -35.63 -81.12
C SER A 592 -25.29 -35.64 -79.82
N SER A 593 -25.82 -34.97 -78.79
CA SER A 593 -25.17 -34.91 -77.48
C SER A 593 -25.28 -36.26 -76.79
N SER A 594 -24.23 -36.63 -76.05
CA SER A 594 -24.20 -37.89 -75.33
C SER A 594 -25.25 -37.86 -74.22
N ARG A 595 -26.09 -38.90 -74.16
CA ARG A 595 -27.13 -39.00 -73.15
C ARG A 595 -26.53 -39.19 -71.75
N GLU A 596 -25.54 -40.08 -71.64
CA GLU A 596 -24.91 -40.35 -70.35
C GLU A 596 -24.12 -39.12 -69.86
N LEU A 597 -23.51 -38.39 -70.78
CA LEU A 597 -22.79 -37.18 -70.40
C LEU A 597 -23.75 -36.15 -69.83
N CYS A 598 -24.93 -36.01 -70.46
CA CYS A 598 -25.97 -35.13 -69.93
C CYS A 598 -26.43 -35.60 -68.55
N TYR A 599 -26.53 -36.92 -68.36
CA TYR A 599 -26.88 -37.47 -67.07
C TYR A 599 -25.86 -37.08 -66.01
N ILE A 600 -24.57 -37.15 -66.38
CA ILE A 600 -23.48 -36.77 -65.49
C ILE A 600 -23.61 -35.29 -65.13
N ILE A 601 -23.92 -34.46 -66.13
CA ILE A 601 -24.09 -33.04 -65.92
C ILE A 601 -25.19 -32.80 -64.88
N LEU A 602 -26.35 -33.43 -65.10
CA LEU A 602 -27.49 -33.20 -64.22
C LEU A 602 -27.20 -33.70 -62.80
N ALA A 603 -26.52 -34.85 -62.69
CA ALA A 603 -26.13 -35.39 -61.41
C ALA A 603 -25.22 -34.41 -60.68
N GLY A 604 -24.28 -33.80 -61.42
CA GLY A 604 -23.39 -32.81 -60.85
C GLY A 604 -24.13 -31.58 -60.31
N ILE A 605 -25.08 -31.06 -61.09
CA ILE A 605 -25.81 -29.88 -60.65
C ILE A 605 -26.65 -30.22 -59.41
N CYS A 606 -27.26 -31.41 -59.41
CA CYS A 606 -28.05 -31.85 -58.26
C CYS A 606 -27.16 -31.98 -57.02
N LEU A 607 -25.95 -32.51 -57.21
CA LEU A 607 -25.02 -32.65 -56.10
C LEU A 607 -24.61 -31.28 -55.57
N GLY A 608 -24.45 -30.29 -56.45
CA GLY A 608 -24.14 -28.93 -56.03
C GLY A 608 -25.27 -28.32 -55.18
N TYR A 609 -26.51 -28.48 -55.66
CA TYR A 609 -27.65 -27.94 -54.94
C TYR A 609 -27.92 -28.70 -53.64
N LEU A 610 -27.40 -29.93 -53.51
CA LEU A 610 -27.48 -30.64 -52.24
C LEU A 610 -26.34 -30.22 -51.31
N CYS A 611 -25.17 -29.92 -51.90
CA CYS A 611 -24.02 -29.50 -51.12
C CYS A 611 -24.27 -28.14 -50.46
N THR A 612 -24.92 -27.23 -51.19
CA THR A 612 -25.25 -25.93 -50.60
C THR A 612 -26.22 -26.12 -49.42
N PHE A 613 -27.16 -27.05 -49.56
CA PHE A 613 -28.06 -27.38 -48.46
C PHE A 613 -27.29 -27.93 -47.25
N CYS A 614 -26.32 -28.80 -47.52
CA CYS A 614 -25.53 -29.42 -46.45
C CYS A 614 -24.65 -28.38 -45.73
N LEU A 615 -24.13 -27.41 -46.48
CA LEU A 615 -23.11 -26.52 -45.92
C LEU A 615 -23.70 -25.53 -44.92
N ILE A 616 -24.86 -24.96 -45.24
CA ILE A 616 -25.51 -24.01 -44.34
C ILE A 616 -26.26 -24.81 -43.27
N ALA A 617 -25.60 -25.06 -42.14
CA ALA A 617 -26.17 -25.81 -41.03
C ALA A 617 -25.22 -25.70 -39.85
N LYS A 618 -25.60 -26.33 -38.73
CA LYS A 618 -24.69 -26.43 -37.60
C LYS A 618 -23.52 -27.31 -38.00
N PRO A 619 -22.26 -26.90 -37.73
CA PRO A 619 -21.10 -27.69 -38.14
C PRO A 619 -20.89 -28.89 -37.22
N LYS A 620 -21.02 -30.09 -37.79
CA LYS A 620 -20.66 -31.32 -37.11
C LYS A 620 -19.77 -32.15 -38.03
N GLN A 621 -19.21 -33.22 -37.49
CA GLN A 621 -18.14 -33.96 -38.18
C GLN A 621 -18.65 -34.51 -39.51
N ILE A 622 -19.78 -35.22 -39.49
CA ILE A 622 -20.31 -35.84 -40.69
C ILE A 622 -20.70 -34.78 -41.72
N TYR A 623 -21.24 -33.65 -41.26
CA TYR A 623 -21.72 -32.63 -42.18
C TYR A 623 -20.62 -32.12 -43.09
N CYS A 624 -19.50 -31.64 -42.52
CA CYS A 624 -18.44 -31.13 -43.36
C CYS A 624 -17.47 -32.24 -43.79
N TYR A 625 -17.70 -33.48 -43.34
CA TYR A 625 -17.03 -34.62 -43.93
C TYR A 625 -17.47 -34.79 -45.38
N LEU A 626 -18.76 -34.51 -45.65
CA LEU A 626 -19.31 -34.65 -47.00
C LEU A 626 -19.50 -33.31 -47.70
N GLN A 627 -19.53 -32.18 -46.95
CA GLN A 627 -19.62 -30.89 -47.60
C GLN A 627 -18.38 -30.63 -48.46
N ARG A 628 -17.21 -31.06 -47.96
CA ARG A 628 -15.97 -30.91 -48.71
C ARG A 628 -16.02 -31.72 -50.01
N ILE A 629 -16.46 -32.97 -49.93
CA ILE A 629 -16.51 -33.82 -51.12
C ILE A 629 -17.57 -33.27 -52.08
N GLY A 630 -18.63 -32.65 -51.55
CA GLY A 630 -19.61 -32.00 -52.41
C GLY A 630 -18.99 -30.84 -53.18
N ILE A 631 -18.36 -29.91 -52.45
CA ILE A 631 -17.74 -28.73 -53.03
C ILE A 631 -16.70 -29.15 -54.07
N GLY A 632 -16.03 -30.28 -53.84
CA GLY A 632 -15.06 -30.79 -54.81
C GLY A 632 -15.73 -31.45 -56.01
N LEU A 633 -16.49 -32.52 -55.76
CA LEU A 633 -16.99 -33.38 -56.82
C LEU A 633 -17.98 -32.63 -57.71
N SER A 634 -19.01 -32.01 -57.12
CA SER A 634 -20.13 -31.50 -57.90
C SER A 634 -19.66 -30.58 -59.03
N PRO A 635 -18.83 -29.55 -58.77
CA PRO A 635 -18.25 -28.78 -59.87
C PRO A 635 -17.45 -29.66 -60.82
N ALA A 636 -16.70 -30.63 -60.27
CA ALA A 636 -15.97 -31.56 -61.12
C ALA A 636 -16.97 -32.41 -61.91
N MET A 637 -17.97 -32.98 -61.24
CA MET A 637 -18.96 -33.84 -61.87
C MET A 637 -19.57 -33.15 -63.09
N SER A 638 -19.84 -31.83 -62.98
CA SER A 638 -20.44 -31.10 -64.08
C SER A 638 -19.41 -30.72 -65.15
N TYR A 639 -18.39 -29.97 -64.76
CA TYR A 639 -17.48 -29.36 -65.71
C TYR A 639 -16.61 -30.40 -66.42
N SER A 640 -16.33 -31.53 -65.76
CA SER A 640 -15.58 -32.62 -66.37
C SER A 640 -16.35 -33.22 -67.54
N ALA A 641 -17.67 -33.40 -67.36
CA ALA A 641 -18.51 -33.87 -68.45
C ALA A 641 -18.56 -32.82 -69.55
N LEU A 642 -18.72 -31.56 -69.15
CA LEU A 642 -18.94 -30.49 -70.12
C LEU A 642 -17.71 -30.27 -70.99
N VAL A 643 -16.51 -30.38 -70.41
CA VAL A 643 -15.29 -30.11 -71.15
C VAL A 643 -15.09 -31.17 -72.24
N THR A 644 -15.32 -32.45 -71.91
CA THR A 644 -15.14 -33.50 -72.90
C THR A 644 -16.25 -33.44 -73.95
N LYS A 645 -17.46 -33.03 -73.54
CA LYS A 645 -18.53 -32.82 -74.51
C LYS A 645 -18.10 -31.76 -75.53
N THR A 646 -17.60 -30.63 -75.04
CA THR A 646 -17.18 -29.55 -75.92
C THR A 646 -15.99 -29.97 -76.78
N ASN A 647 -15.10 -30.80 -76.23
CA ASN A 647 -13.97 -31.31 -76.97
C ASN A 647 -14.44 -32.15 -78.15
N ARG A 648 -15.44 -33.01 -77.93
CA ARG A 648 -15.99 -33.81 -79.01
C ARG A 648 -16.64 -32.92 -80.06
N ILE A 649 -17.42 -31.92 -79.63
CA ILE A 649 -18.12 -31.07 -80.59
C ILE A 649 -17.11 -30.24 -81.38
N ALA A 650 -15.96 -29.92 -80.79
CA ALA A 650 -14.92 -29.17 -81.48
C ALA A 650 -14.16 -30.07 -82.46
N ARG A 651 -13.91 -31.31 -82.08
CA ARG A 651 -13.22 -32.26 -82.95
C ARG A 651 -14.10 -32.62 -84.14
N ILE A 652 -15.44 -32.58 -83.98
CA ILE A 652 -16.35 -32.85 -85.07
C ILE A 652 -16.14 -31.84 -86.20
N LEU A 653 -16.02 -30.56 -85.85
CA LEU A 653 -15.90 -29.49 -86.84
C LEU A 653 -14.46 -29.36 -87.34
N ALA A 654 -13.49 -29.40 -86.43
CA ALA A 654 -12.10 -29.18 -86.79
C ALA A 654 -11.60 -30.30 -87.70
N GLY A 655 -11.97 -31.55 -87.39
CA GLY A 655 -11.53 -32.71 -88.14
C GLY A 655 -12.14 -32.76 -89.53
N MET A 668 -13.80 -41.19 -79.42
CA MET A 668 -14.60 -42.33 -79.95
C MET A 668 -16.08 -42.11 -79.61
N SER A 669 -16.63 -41.00 -80.08
CA SER A 669 -18.03 -40.66 -79.88
C SER A 669 -18.37 -40.61 -78.39
N ALA A 670 -18.90 -41.73 -77.87
CA ALA A 670 -19.31 -41.81 -76.47
C ALA A 670 -18.31 -42.65 -75.66
N CYS A 671 -17.70 -43.66 -76.27
CA CYS A 671 -16.90 -44.62 -75.52
C CYS A 671 -15.69 -43.96 -74.88
N ALA A 672 -14.98 -43.10 -75.64
CA ALA A 672 -13.80 -42.44 -75.12
C ALA A 672 -14.19 -41.28 -74.19
N GLN A 673 -15.32 -40.63 -74.45
CA GLN A 673 -15.75 -39.50 -73.64
C GLN A 673 -16.03 -39.95 -72.20
N LEU A 674 -16.70 -41.09 -72.05
CA LEU A 674 -17.05 -41.55 -70.71
C LEU A 674 -15.79 -41.90 -69.92
N VAL A 675 -14.80 -42.51 -70.57
CA VAL A 675 -13.58 -42.87 -69.84
C VAL A 675 -12.76 -41.60 -69.53
N ILE A 676 -12.78 -40.60 -70.41
CA ILE A 676 -12.12 -39.33 -70.11
C ILE A 676 -12.75 -38.70 -68.87
N ALA A 677 -14.07 -38.67 -68.83
CA ALA A 677 -14.78 -38.17 -67.67
C ALA A 677 -14.43 -38.99 -66.43
N PHE A 678 -14.35 -40.31 -66.60
CA PHE A 678 -13.97 -41.21 -65.52
C PHE A 678 -12.63 -40.79 -64.91
N ILE A 679 -11.60 -40.63 -65.75
CA ILE A 679 -10.27 -40.40 -65.24
C ILE A 679 -10.20 -39.00 -64.61
N LEU A 680 -10.89 -38.02 -65.20
CA LEU A 680 -10.81 -36.65 -64.69
C LEU A 680 -11.52 -36.56 -63.33
N ILE A 681 -12.74 -37.11 -63.26
CA ILE A 681 -13.49 -37.13 -62.01
C ILE A 681 -12.69 -37.90 -60.95
N CYS A 682 -12.07 -39.01 -61.36
CA CYS A 682 -11.30 -39.83 -60.44
C CYS A 682 -10.08 -39.06 -59.91
N ILE A 683 -9.42 -38.28 -60.78
CA ILE A 683 -8.24 -37.55 -60.33
C ILE A 683 -8.66 -36.51 -59.28
N GLN A 684 -9.80 -35.84 -59.50
CA GLN A 684 -10.24 -34.89 -58.50
C GLN A 684 -10.68 -35.60 -57.23
N LEU A 685 -11.34 -36.76 -57.37
CA LEU A 685 -11.76 -37.53 -56.20
C LEU A 685 -10.55 -37.94 -55.38
N GLY A 686 -9.49 -38.40 -56.05
CA GLY A 686 -8.25 -38.75 -55.38
C GLY A 686 -7.62 -37.55 -54.67
N ILE A 687 -7.63 -36.38 -55.32
CA ILE A 687 -7.06 -35.19 -54.71
C ILE A 687 -7.85 -34.84 -53.44
N ILE A 688 -9.18 -34.88 -53.52
CA ILE A 688 -10.02 -34.54 -52.39
C ILE A 688 -9.80 -35.55 -51.25
N VAL A 689 -9.71 -36.83 -51.61
CA VAL A 689 -9.52 -37.88 -50.61
C VAL A 689 -8.18 -37.68 -49.91
N ALA A 690 -7.13 -37.39 -50.68
CA ALA A 690 -5.80 -37.17 -50.10
C ALA A 690 -5.83 -35.96 -49.18
N LEU A 691 -6.53 -34.88 -49.60
CA LEU A 691 -6.63 -33.68 -48.77
C LEU A 691 -7.37 -33.97 -47.46
N PHE A 692 -8.43 -34.79 -47.54
CA PHE A 692 -9.17 -35.20 -46.35
C PHE A 692 -8.30 -36.04 -45.43
N ILE A 693 -7.53 -36.98 -45.99
CA ILE A 693 -6.73 -37.89 -45.18
C ILE A 693 -5.60 -37.13 -44.49
N MET A 694 -4.89 -36.28 -45.24
CA MET A 694 -3.76 -35.55 -44.69
C MET A 694 -4.22 -34.56 -43.62
N GLU A 695 -5.39 -33.94 -43.81
CA GLU A 695 -5.94 -32.98 -42.87
C GLU A 695 -7.34 -33.44 -42.46
N PRO A 696 -7.45 -34.32 -41.44
CA PRO A 696 -8.74 -34.79 -40.97
C PRO A 696 -9.63 -33.64 -40.49
N PRO A 697 -10.95 -33.70 -40.73
CA PRO A 697 -11.84 -32.61 -40.33
C PRO A 697 -12.15 -32.65 -38.84
N ASP A 698 -12.03 -31.49 -38.18
CA ASP A 698 -12.38 -31.33 -36.78
C ASP A 698 -13.09 -30.00 -36.60
N ILE A 699 -14.04 -29.98 -35.65
CA ILE A 699 -14.82 -28.79 -35.37
C ILE A 699 -13.98 -27.89 -34.47
N MET A 700 -13.29 -26.93 -35.08
CA MET A 700 -12.47 -26.01 -34.29
C MET A 700 -13.37 -24.91 -33.71
N HIS A 701 -12.80 -24.11 -32.81
CA HIS A 701 -13.53 -23.08 -32.10
C HIS A 701 -12.82 -21.75 -32.28
N ASP A 702 -12.53 -21.39 -33.54
CA ASP A 702 -11.71 -20.23 -33.85
C ASP A 702 -12.22 -18.97 -33.15
N TYR A 703 -11.29 -18.22 -32.55
CA TYR A 703 -11.62 -16.99 -31.84
C TYR A 703 -11.06 -15.81 -32.63
N PRO A 704 -11.89 -15.05 -33.37
CA PRO A 704 -11.37 -13.92 -34.13
C PRO A 704 -10.94 -12.77 -33.22
N SER A 705 -11.76 -12.46 -32.22
CA SER A 705 -11.43 -11.47 -31.21
C SER A 705 -11.90 -11.99 -29.85
N ILE A 706 -11.60 -11.21 -28.80
CA ILE A 706 -12.01 -11.56 -27.45
C ILE A 706 -13.53 -11.47 -27.30
N ARG A 707 -14.19 -10.64 -28.13
CA ARG A 707 -15.60 -10.34 -27.92
C ARG A 707 -16.49 -11.53 -28.28
N GLU A 708 -16.24 -12.15 -29.44
CA GLU A 708 -17.12 -13.20 -29.95
C GLU A 708 -16.31 -14.44 -30.31
N VAL A 709 -17.01 -15.58 -30.31
CA VAL A 709 -16.41 -16.87 -30.62
C VAL A 709 -17.24 -17.53 -31.71
N TYR A 710 -16.54 -18.06 -32.73
CA TYR A 710 -17.19 -18.79 -33.81
C TYR A 710 -16.67 -20.22 -33.89
N LEU A 711 -17.50 -21.11 -34.41
CA LEU A 711 -17.10 -22.49 -34.64
C LEU A 711 -17.36 -22.86 -36.10
N ILE A 712 -16.32 -23.38 -36.75
CA ILE A 712 -16.38 -23.88 -38.11
C ILE A 712 -15.28 -24.92 -38.25
N CYS A 713 -15.61 -26.05 -38.89
CA CYS A 713 -14.67 -27.17 -38.92
C CYS A 713 -13.47 -26.83 -39.80
N ASN A 714 -12.30 -27.33 -39.39
CA ASN A 714 -11.01 -26.81 -39.80
C ASN A 714 -10.84 -26.84 -41.32
N THR A 715 -10.35 -25.72 -41.86
CA THR A 715 -9.99 -25.63 -43.27
C THR A 715 -8.63 -24.92 -43.37
N THR A 716 -7.90 -25.21 -44.45
CA THR A 716 -6.61 -24.61 -44.70
C THR A 716 -6.63 -23.90 -46.06
N ASN A 717 -5.54 -23.18 -46.35
CA ASN A 717 -5.39 -22.51 -47.62
C ASN A 717 -5.38 -23.55 -48.75
N LEU A 718 -4.62 -24.64 -48.56
CA LEU A 718 -4.53 -25.69 -49.56
C LEU A 718 -5.90 -26.35 -49.76
N GLY A 719 -6.61 -26.60 -48.66
CA GLY A 719 -7.88 -27.32 -48.68
C GLY A 719 -8.96 -26.62 -49.52
N VAL A 720 -8.86 -25.30 -49.69
CA VAL A 720 -9.83 -24.54 -50.46
C VAL A 720 -9.23 -23.96 -51.74
N VAL A 721 -7.90 -24.09 -51.92
CA VAL A 721 -7.27 -23.60 -53.14
C VAL A 721 -7.06 -24.73 -54.15
N ALA A 722 -6.60 -25.91 -53.72
CA ALA A 722 -6.25 -26.97 -54.65
C ALA A 722 -7.49 -27.43 -55.46
N PRO A 723 -8.64 -27.76 -54.83
CA PRO A 723 -9.84 -28.06 -55.63
C PRO A 723 -10.27 -26.86 -56.46
N LEU A 724 -10.14 -25.65 -55.88
CA LEU A 724 -10.53 -24.44 -56.59
C LEU A 724 -9.61 -24.22 -57.79
N GLY A 725 -8.31 -24.45 -57.62
CA GLY A 725 -7.36 -24.31 -58.72
C GLY A 725 -7.63 -25.33 -59.82
N TYR A 726 -7.94 -26.57 -59.44
CA TYR A 726 -8.28 -27.61 -60.39
C TYR A 726 -9.51 -27.22 -61.21
N ASN A 727 -10.56 -26.78 -60.51
CA ASN A 727 -11.78 -26.40 -61.20
C ASN A 727 -11.57 -25.15 -62.05
N GLY A 728 -10.66 -24.26 -61.62
CA GLY A 728 -10.31 -23.10 -62.43
C GLY A 728 -9.61 -23.51 -63.73
N LEU A 729 -8.74 -24.50 -63.64
CA LEU A 729 -8.11 -25.08 -64.83
C LEU A 729 -9.19 -25.65 -65.75
N LEU A 730 -10.16 -26.36 -65.16
CA LEU A 730 -11.27 -26.90 -65.92
C LEU A 730 -12.03 -25.78 -66.63
N ILE A 731 -12.31 -24.69 -65.92
CA ILE A 731 -13.07 -23.59 -66.50
C ILE A 731 -12.28 -22.95 -67.65
N LEU A 732 -10.96 -22.81 -67.47
CA LEU A 732 -10.12 -22.25 -68.53
C LEU A 732 -10.15 -23.14 -69.78
N ALA A 733 -10.04 -24.46 -69.58
CA ALA A 733 -10.09 -25.39 -70.70
C ALA A 733 -11.44 -25.31 -71.41
N CYS A 734 -12.53 -25.25 -70.63
CA CYS A 734 -13.87 -25.17 -71.21
C CYS A 734 -14.03 -23.88 -72.02
N THR A 735 -13.49 -22.77 -71.49
CA THR A 735 -13.54 -21.49 -72.19
C THR A 735 -12.79 -21.57 -73.51
N PHE A 736 -11.60 -22.18 -73.48
CA PHE A 736 -10.81 -22.33 -74.69
C PHE A 736 -11.59 -23.12 -75.74
N TYR A 737 -12.18 -24.25 -75.32
CA TYR A 737 -12.83 -25.13 -76.29
C TYR A 737 -14.10 -24.50 -76.86
N ALA A 738 -14.91 -23.84 -76.01
CA ALA A 738 -16.14 -23.28 -76.52
C ALA A 738 -15.87 -21.98 -77.28
N PHE A 739 -14.70 -21.37 -77.07
CA PHE A 739 -14.24 -20.34 -77.98
C PHE A 739 -13.86 -20.96 -79.32
N LYS A 740 -13.26 -22.16 -79.29
CA LYS A 740 -12.93 -22.87 -80.52
C LYS A 740 -14.19 -23.12 -81.35
N THR A 741 -15.24 -23.65 -80.72
CA THR A 741 -16.46 -23.95 -81.46
C THR A 741 -17.28 -22.68 -81.72
N ARG A 742 -17.32 -21.78 -80.74
CA ARG A 742 -17.99 -20.48 -80.86
C ARG A 742 -19.40 -20.62 -81.42
N ASN A 743 -19.57 -20.36 -82.72
CA ASN A 743 -20.89 -20.25 -83.32
C ASN A 743 -21.02 -21.22 -84.49
N VAL A 744 -20.59 -22.46 -84.29
CA VAL A 744 -20.73 -23.49 -85.32
C VAL A 744 -22.21 -23.78 -85.53
N PRO A 745 -22.67 -24.02 -86.77
CA PRO A 745 -24.03 -24.50 -86.98
C PRO A 745 -24.26 -25.87 -86.35
N ALA A 746 -25.28 -25.97 -85.49
CA ALA A 746 -25.62 -27.20 -84.81
C ALA A 746 -27.13 -27.24 -84.59
N ASN A 747 -27.58 -28.10 -83.67
CA ASN A 747 -28.98 -28.15 -83.29
C ASN A 747 -29.34 -26.92 -82.47
N PHE A 748 -29.86 -25.89 -83.16
CA PHE A 748 -30.09 -24.57 -82.59
C PHE A 748 -28.81 -23.93 -82.04
N ASN A 749 -27.64 -24.41 -82.52
CA ASN A 749 -26.35 -23.86 -82.14
C ASN A 749 -26.17 -23.94 -80.62
N GLU A 750 -26.09 -25.16 -80.11
CA GLU A 750 -25.81 -25.40 -78.69
C GLU A 750 -24.42 -24.90 -78.30
N ALA A 751 -23.51 -24.77 -79.28
CA ALA A 751 -22.18 -24.23 -79.01
C ALA A 751 -22.27 -22.79 -78.51
N LYS A 752 -23.15 -21.99 -79.10
CA LYS A 752 -23.32 -20.60 -78.66
C LYS A 752 -23.86 -20.55 -77.23
N TYR A 753 -24.78 -21.44 -76.90
CA TYR A 753 -25.28 -21.55 -75.54
C TYR A 753 -24.17 -21.92 -74.56
N ILE A 754 -23.31 -22.87 -74.96
CA ILE A 754 -22.18 -23.26 -74.12
C ILE A 754 -21.23 -22.08 -73.91
N ALA A 755 -21.01 -21.29 -74.98
CA ALA A 755 -20.14 -20.13 -74.89
C ALA A 755 -20.72 -19.10 -73.92
N PHE A 756 -22.02 -18.86 -73.99
CA PHE A 756 -22.69 -17.97 -73.05
C PHE A 756 -22.52 -18.48 -71.63
N ALA A 757 -22.66 -19.80 -71.44
CA ALA A 757 -22.53 -20.42 -70.13
C ALA A 757 -21.12 -20.18 -69.57
N MET A 758 -20.09 -20.38 -70.39
CA MET A 758 -18.74 -20.30 -69.86
C MET A 758 -18.40 -18.84 -69.56
N TYR A 759 -18.80 -17.90 -70.43
CA TYR A 759 -18.65 -16.49 -70.14
C TYR A 759 -19.27 -16.15 -68.77
N THR A 760 -20.53 -16.53 -68.58
CA THR A 760 -21.24 -16.18 -67.36
C THR A 760 -20.58 -16.82 -66.14
N THR A 761 -20.21 -18.09 -66.26
CA THR A 761 -19.62 -18.82 -65.14
C THR A 761 -18.28 -18.22 -64.74
N CYS A 762 -17.45 -17.88 -65.74
CA CYS A 762 -16.16 -17.25 -65.46
C CYS A 762 -16.38 -15.91 -64.76
N ILE A 763 -17.39 -15.16 -65.19
CA ILE A 763 -17.69 -13.87 -64.58
C ILE A 763 -18.06 -14.06 -63.11
N ILE A 764 -18.93 -15.03 -62.81
CA ILE A 764 -19.37 -15.22 -61.44
C ILE A 764 -18.18 -15.68 -60.59
N TRP A 765 -17.36 -16.58 -61.12
CA TRP A 765 -16.22 -17.10 -60.35
C TRP A 765 -15.25 -15.97 -60.02
N LEU A 766 -15.00 -15.08 -60.98
CA LEU A 766 -14.15 -13.93 -60.70
C LEU A 766 -14.83 -12.90 -59.80
N ALA A 767 -16.17 -12.93 -59.71
CA ALA A 767 -16.91 -11.91 -58.98
C ALA A 767 -16.79 -12.11 -57.46
N PHE A 768 -16.74 -13.37 -57.00
CA PHE A 768 -16.82 -13.66 -55.58
C PHE A 768 -15.46 -13.70 -54.90
N VAL A 769 -14.38 -13.40 -55.62
CA VAL A 769 -13.05 -13.41 -55.06
C VAL A 769 -12.93 -12.40 -53.92
N PRO A 770 -13.36 -11.12 -54.06
CA PRO A 770 -13.12 -10.15 -52.99
C PRO A 770 -13.90 -10.48 -51.71
N ILE A 771 -15.19 -10.80 -51.84
CA ILE A 771 -16.02 -11.04 -50.66
C ILE A 771 -15.53 -12.28 -49.92
N TYR A 772 -15.04 -13.27 -50.67
CA TYR A 772 -14.54 -14.49 -50.04
C TYR A 772 -13.21 -14.24 -49.34
N PHE A 773 -12.23 -13.73 -50.06
CA PHE A 773 -10.88 -13.64 -49.51
C PHE A 773 -10.69 -12.40 -48.65
N GLY A 774 -11.70 -11.54 -48.50
CA GLY A 774 -11.58 -10.33 -47.72
C GLY A 774 -12.39 -10.37 -46.41
N SER A 775 -13.25 -11.39 -46.27
CA SER A 775 -14.10 -11.51 -45.10
C SER A 775 -14.17 -12.98 -44.68
N ASN A 776 -14.73 -13.21 -43.49
CA ASN A 776 -14.78 -14.54 -42.89
C ASN A 776 -16.09 -15.25 -43.20
N TYR A 777 -16.96 -14.65 -44.03
CA TYR A 777 -18.22 -15.27 -44.42
C TYR A 777 -17.96 -16.32 -45.51
N LYS A 778 -17.19 -17.35 -45.15
CA LYS A 778 -16.84 -18.40 -46.08
C LYS A 778 -18.06 -19.20 -46.50
N ALA A 779 -18.89 -19.59 -45.53
CA ALA A 779 -19.95 -20.55 -45.77
C ALA A 779 -21.04 -19.99 -46.69
N ILE A 780 -21.54 -18.79 -46.36
CA ILE A 780 -22.67 -18.24 -47.08
C ILE A 780 -22.24 -17.84 -48.50
N THR A 781 -21.01 -17.34 -48.63
CA THR A 781 -20.50 -16.99 -49.95
C THR A 781 -20.28 -18.24 -50.79
N MET A 782 -19.83 -19.33 -50.18
CA MET A 782 -19.70 -20.59 -50.89
C MET A 782 -21.06 -21.08 -51.37
N CYS A 783 -22.08 -20.99 -50.50
CA CYS A 783 -23.44 -21.34 -50.88
C CYS A 783 -23.88 -20.55 -52.11
N PHE A 784 -23.69 -19.22 -52.05
CA PHE A 784 -24.13 -18.36 -53.14
C PHE A 784 -23.39 -18.68 -54.44
N SER A 785 -22.07 -18.89 -54.34
CA SER A 785 -21.27 -19.14 -55.53
C SER A 785 -21.68 -20.46 -56.19
N VAL A 786 -21.84 -21.51 -55.37
CA VAL A 786 -22.20 -22.81 -55.90
C VAL A 786 -23.59 -22.75 -56.53
N SER A 787 -24.54 -22.09 -55.85
CA SER A 787 -25.90 -21.99 -56.36
C SER A 787 -25.91 -21.24 -57.69
N LEU A 788 -25.16 -20.13 -57.78
CA LEU A 788 -25.16 -19.31 -58.98
C LEU A 788 -24.50 -20.04 -60.15
N SER A 789 -23.38 -20.73 -59.90
CA SER A 789 -22.74 -21.50 -60.95
C SER A 789 -23.67 -22.60 -61.46
N ALA A 790 -24.33 -23.29 -60.53
CA ALA A 790 -25.26 -24.34 -60.90
C ALA A 790 -26.43 -23.77 -61.71
N THR A 791 -26.93 -22.59 -61.33
CA THR A 791 -28.11 -22.05 -61.99
C THR A 791 -27.75 -21.53 -63.37
N VAL A 792 -26.55 -20.97 -63.57
CA VAL A 792 -26.18 -20.55 -64.91
C VAL A 792 -25.99 -21.77 -65.82
N LEU A 793 -25.38 -22.84 -65.29
CA LEU A 793 -25.25 -24.05 -66.09
C LEU A 793 -26.62 -24.65 -66.41
N LEU A 794 -27.58 -24.51 -65.50
CA LEU A 794 -28.93 -25.01 -65.72
C LEU A 794 -29.75 -24.09 -66.62
N GLY A 795 -29.37 -22.82 -66.74
CA GLY A 795 -30.10 -21.85 -67.55
C GLY A 795 -29.64 -21.85 -69.01
N CYS A 796 -28.32 -21.76 -69.22
CA CYS A 796 -27.78 -21.74 -70.57
C CYS A 796 -27.90 -23.10 -71.26
N MET A 797 -28.14 -24.17 -70.49
CA MET A 797 -28.32 -25.50 -71.03
C MET A 797 -29.66 -26.05 -70.58
N PHE A 798 -30.23 -26.93 -71.42
CA PHE A 798 -31.43 -27.69 -71.09
C PHE A 798 -32.68 -26.82 -71.12
N VAL A 799 -32.51 -25.51 -71.23
CA VAL A 799 -33.62 -24.61 -71.47
C VAL A 799 -33.92 -24.54 -72.97
N PRO A 800 -32.91 -24.35 -73.86
CA PRO A 800 -33.15 -24.53 -75.29
C PRO A 800 -33.73 -25.91 -75.60
N LYS A 801 -33.16 -26.96 -74.99
CA LYS A 801 -33.64 -28.32 -75.20
C LYS A 801 -35.13 -28.42 -74.86
N VAL A 802 -35.51 -27.99 -73.65
CA VAL A 802 -36.87 -28.19 -73.19
C VAL A 802 -37.86 -27.36 -74.01
N TYR A 803 -37.51 -26.10 -74.30
CA TYR A 803 -38.48 -25.23 -74.96
C TYR A 803 -38.55 -25.56 -76.46
N ILE A 804 -37.53 -26.22 -77.02
CA ILE A 804 -37.59 -26.63 -78.42
C ILE A 804 -38.37 -27.94 -78.55
N ILE A 805 -38.08 -28.91 -77.68
CA ILE A 805 -38.76 -30.20 -77.77
C ILE A 805 -40.21 -30.08 -77.29
N LEU A 806 -40.55 -29.06 -76.50
CA LEU A 806 -41.93 -28.83 -76.12
C LEU A 806 -42.79 -28.48 -77.34
N ALA A 807 -42.24 -27.64 -78.23
CA ALA A 807 -42.98 -27.23 -79.41
C ALA A 807 -43.04 -28.38 -80.42
N ARG B 5 22.64 -2.50 55.64
CA ARG B 5 22.63 -3.96 55.38
C ARG B 5 23.64 -4.29 54.29
N ARG B 6 23.53 -3.59 53.15
CA ARG B 6 24.45 -3.79 52.04
C ARG B 6 25.75 -3.05 52.31
N VAL B 7 26.87 -3.64 51.86
CA VAL B 7 28.18 -3.09 52.15
C VAL B 7 28.45 -1.90 51.22
N VAL B 8 29.44 -1.10 51.60
CA VAL B 8 29.77 0.13 50.88
C VAL B 8 31.29 0.36 50.99
N ALA B 9 31.87 0.92 49.92
CA ALA B 9 33.30 1.22 49.90
C ALA B 9 33.53 2.68 50.29
N HIS B 10 34.42 2.90 51.25
CA HIS B 10 34.66 4.23 51.79
C HIS B 10 36.04 4.74 51.35
N MET B 11 36.15 6.07 51.28
CA MET B 11 37.43 6.73 51.14
C MET B 11 37.31 8.13 51.77
N PRO B 12 38.04 8.40 52.87
CA PRO B 12 37.90 9.68 53.56
C PRO B 12 38.34 10.86 52.68
N GLY B 13 37.71 12.01 52.93
CA GLY B 13 38.07 13.22 52.21
C GLY B 13 37.28 14.42 52.72
N ASP B 14 37.71 15.61 52.30
CA ASP B 14 37.00 16.83 52.65
C ASP B 14 35.73 16.95 51.84
N ILE B 15 35.75 16.47 50.59
CA ILE B 15 34.60 16.47 49.71
C ILE B 15 34.33 15.02 49.30
N ILE B 16 33.06 14.59 49.45
CA ILE B 16 32.68 13.21 49.19
C ILE B 16 31.90 13.14 47.89
N ILE B 17 32.29 12.18 47.04
CA ILE B 17 31.63 11.92 45.78
C ILE B 17 31.04 10.52 45.83
N GLY B 18 29.73 10.42 45.55
CA GLY B 18 29.08 9.12 45.48
C GLY B 18 29.38 8.39 44.18
N ALA B 19 29.06 7.09 44.18
CA ALA B 19 29.21 6.28 42.97
C ALA B 19 28.22 5.13 43.03
N LEU B 20 27.69 4.75 41.87
CA LEU B 20 26.76 3.65 41.76
C LEU B 20 27.26 2.72 40.65
N PHE B 21 27.94 1.64 41.06
CA PHE B 21 28.43 0.63 40.12
C PHE B 21 27.69 -0.68 40.35
N SER B 22 27.37 -1.36 39.26
CA SER B 22 26.72 -2.66 39.33
C SER B 22 27.75 -3.73 39.65
N VAL B 23 28.07 -3.85 40.93
CA VAL B 23 29.08 -4.82 41.35
C VAL B 23 28.54 -6.23 41.18
N HIS B 24 27.24 -6.42 41.45
CA HIS B 24 26.61 -7.72 41.34
C HIS B 24 25.61 -7.72 40.18
N HIS B 25 25.22 -8.93 39.76
CA HIS B 25 24.27 -9.07 38.67
C HIS B 25 22.87 -8.68 39.12
N GLN B 26 22.01 -8.42 38.14
CA GLN B 26 20.63 -8.05 38.39
C GLN B 26 19.94 -9.20 39.12
N PRO B 27 19.07 -8.91 40.13
CA PRO B 27 18.35 -9.97 40.81
C PRO B 27 17.50 -10.79 39.84
N THR B 28 17.43 -12.09 40.09
CA THR B 28 16.63 -12.99 39.27
C THR B 28 15.15 -12.65 39.42
N VAL B 29 14.36 -13.09 38.43
CA VAL B 29 12.94 -12.77 38.38
C VAL B 29 12.21 -13.27 39.63
N ASP B 30 12.78 -14.25 40.34
CA ASP B 30 12.18 -14.73 41.57
C ASP B 30 12.47 -13.76 42.72
N LYS B 31 13.74 -13.42 42.89
CA LYS B 31 14.19 -12.68 44.07
C LYS B 31 14.19 -11.17 43.84
N VAL B 32 13.36 -10.68 42.91
CA VAL B 32 13.28 -9.24 42.67
C VAL B 32 12.73 -8.52 43.90
N HIS B 33 11.67 -9.08 44.49
CA HIS B 33 11.02 -8.43 45.63
C HIS B 33 11.93 -8.42 46.86
N GLU B 34 12.77 -9.44 47.02
CA GLU B 34 13.72 -9.46 48.11
C GLU B 34 14.90 -8.51 47.85
N ARG B 35 15.11 -8.10 46.59
CA ARG B 35 16.16 -7.17 46.22
C ARG B 35 17.53 -7.68 46.65
N LYS B 36 17.76 -8.98 46.43
CA LYS B 36 19.07 -9.58 46.63
C LYS B 36 19.70 -9.83 45.27
N CYS B 37 20.94 -9.38 45.10
CA CYS B 37 21.60 -9.36 43.80
C CYS B 37 22.30 -10.70 43.54
N GLY B 38 22.64 -10.92 42.26
CA GLY B 38 23.25 -12.16 41.82
C GLY B 38 24.76 -12.19 42.06
N ALA B 39 25.47 -12.83 41.13
CA ALA B 39 26.91 -13.02 41.23
C ALA B 39 27.64 -11.71 40.95
N VAL B 40 28.88 -11.63 41.44
CA VAL B 40 29.68 -10.43 41.28
C VAL B 40 30.11 -10.28 39.82
N ARG B 41 30.47 -9.04 39.45
CA ARG B 41 30.91 -8.73 38.11
C ARG B 41 32.33 -8.18 38.16
N GLU B 42 33.07 -8.39 37.06
CA GLU B 42 34.44 -7.92 36.98
C GLU B 42 34.53 -6.64 36.15
N GLN B 43 34.06 -6.70 34.90
CA GLN B 43 34.16 -5.57 33.99
C GLN B 43 33.28 -4.42 34.50
N TYR B 44 32.01 -4.71 34.79
CA TYR B 44 31.07 -3.70 35.22
C TYR B 44 31.09 -3.52 36.73
N GLY B 45 31.85 -4.36 37.44
CA GLY B 45 31.86 -4.35 38.90
C GLY B 45 33.19 -3.89 39.46
N ILE B 46 34.05 -4.86 39.81
CA ILE B 46 35.26 -4.60 40.57
C ILE B 46 36.19 -3.66 39.81
N GLN B 47 36.25 -3.79 38.48
CA GLN B 47 37.16 -2.96 37.71
C GLN B 47 36.83 -1.48 37.88
N ARG B 48 35.55 -1.14 37.82
CA ARG B 48 35.13 0.25 37.94
C ARG B 48 35.33 0.76 39.36
N VAL B 49 35.08 -0.09 40.36
CA VAL B 49 35.29 0.30 41.75
C VAL B 49 36.77 0.61 41.99
N GLU B 50 37.65 -0.27 41.50
CA GLU B 50 39.09 -0.06 41.64
C GLU B 50 39.52 1.17 40.84
N ALA B 51 38.89 1.40 39.68
CA ALA B 51 39.21 2.56 38.86
C ALA B 51 38.93 3.84 39.63
N MET B 52 37.76 3.92 40.27
CA MET B 52 37.41 5.12 41.03
C MET B 52 38.35 5.27 42.22
N LEU B 53 38.61 4.17 42.93
CA LEU B 53 39.45 4.22 44.12
C LEU B 53 40.87 4.68 43.77
N HIS B 54 41.36 4.34 42.57
CA HIS B 54 42.70 4.71 42.16
C HIS B 54 42.74 6.12 41.58
N THR B 55 41.73 6.49 40.80
CA THR B 55 41.73 7.82 40.20
C THR B 55 41.55 8.90 41.26
N LEU B 56 40.80 8.62 42.33
CA LEU B 56 40.70 9.59 43.41
C LEU B 56 42.05 9.81 44.09
N GLU B 57 42.81 8.74 44.32
CA GLU B 57 44.11 8.89 44.94
C GLU B 57 45.09 9.55 43.98
N ARG B 58 44.95 9.32 42.67
CA ARG B 58 45.74 10.04 41.68
C ARG B 58 45.45 11.54 41.73
N ILE B 59 44.18 11.90 41.83
CA ILE B 59 43.79 13.30 41.91
C ILE B 59 44.34 13.93 43.19
N ASN B 60 44.22 13.20 44.31
CA ASN B 60 44.71 13.69 45.59
C ASN B 60 46.22 13.89 45.55
N SER B 61 46.94 12.98 44.87
CA SER B 61 48.39 13.10 44.74
C SER B 61 48.76 14.25 43.82
N ASP B 62 47.84 14.63 42.91
CA ASP B 62 48.11 15.69 41.96
C ASP B 62 48.00 17.04 42.65
N PRO B 63 49.06 17.89 42.64
CA PRO B 63 48.97 19.21 43.25
C PRO B 63 48.27 20.27 42.40
N THR B 64 48.22 20.05 41.08
CA THR B 64 47.65 21.02 40.16
C THR B 64 46.13 20.90 40.03
N LEU B 65 45.52 19.89 40.68
CA LEU B 65 44.08 19.70 40.64
C LEU B 65 43.58 19.46 42.05
N LEU B 66 42.57 20.26 42.47
CA LEU B 66 42.02 20.20 43.81
C LEU B 66 43.13 20.31 44.86
N PRO B 67 43.93 21.39 44.87
CA PRO B 67 45.07 21.47 45.76
C PRO B 67 44.66 21.67 47.23
N ASN B 68 45.51 21.16 48.12
CA ASN B 68 45.42 21.40 49.56
C ASN B 68 44.23 20.71 50.22
N ILE B 69 43.35 20.08 49.42
CA ILE B 69 42.22 19.35 49.97
C ILE B 69 42.14 17.99 49.28
N THR B 70 41.52 17.03 49.96
CA THR B 70 41.46 15.65 49.49
C THR B 70 40.04 15.32 49.03
N LEU B 71 39.96 14.41 48.07
CA LEU B 71 38.68 13.94 47.53
C LEU B 71 38.41 12.53 48.04
N GLY B 72 37.26 12.36 48.69
CA GLY B 72 36.82 11.06 49.17
C GLY B 72 35.73 10.47 48.28
N CYS B 73 35.22 9.31 48.70
CA CYS B 73 34.16 8.66 47.97
C CYS B 73 33.37 7.71 48.86
N GLU B 74 32.15 7.42 48.42
CA GLU B 74 31.28 6.44 49.03
C GLU B 74 30.64 5.63 47.90
N ILE B 75 31.30 4.52 47.54
CA ILE B 75 30.88 3.72 46.39
C ILE B 75 29.86 2.69 46.87
N ARG B 76 28.73 2.63 46.16
CA ARG B 76 27.63 1.73 46.50
C ARG B 76 27.28 0.86 45.30
N ASP B 77 26.59 -0.25 45.60
CA ASP B 77 26.26 -1.25 44.60
C ASP B 77 24.81 -1.07 44.16
N SER B 78 24.60 -0.92 42.84
CA SER B 78 23.26 -0.72 42.29
C SER B 78 22.67 -2.02 41.74
N CYS B 79 23.50 -3.03 41.45
CA CYS B 79 23.05 -4.33 40.97
C CYS B 79 22.22 -4.21 39.70
N TRP B 80 22.48 -3.16 38.90
CA TRP B 80 21.82 -2.96 37.62
C TRP B 80 20.30 -2.96 37.76
N HIS B 81 19.79 -2.65 38.96
CA HIS B 81 18.37 -2.68 39.24
C HIS B 81 17.91 -1.33 39.75
N SER B 82 16.73 -0.89 39.31
CA SER B 82 16.21 0.42 39.66
C SER B 82 15.90 0.50 41.16
N ALA B 83 15.36 -0.58 41.74
CA ALA B 83 14.96 -0.57 43.14
C ALA B 83 16.18 -0.52 44.05
N VAL B 84 17.18 -1.34 43.76
CA VAL B 84 18.39 -1.38 44.57
C VAL B 84 19.12 -0.05 44.48
N ALA B 85 19.21 0.51 43.27
CA ALA B 85 19.87 1.79 43.07
C ALA B 85 19.12 2.91 43.79
N LEU B 86 17.78 2.86 43.78
CA LEU B 86 17.00 3.87 44.46
C LEU B 86 17.21 3.79 45.97
N GLU B 87 17.29 2.57 46.52
CA GLU B 87 17.56 2.39 47.93
C GLU B 87 18.94 2.95 48.28
N GLN B 88 19.95 2.65 47.46
CA GLN B 88 21.31 3.13 47.70
C GLN B 88 21.35 4.67 47.59
N SER B 89 20.60 5.23 46.65
CA SER B 89 20.52 6.69 46.50
C SER B 89 19.85 7.33 47.72
N ILE B 90 18.84 6.67 48.28
CA ILE B 90 18.25 7.13 49.53
C ILE B 90 19.32 7.14 50.62
N GLU B 91 20.16 6.10 50.66
CA GLU B 91 21.27 6.06 51.60
C GLU B 91 22.24 7.22 51.34
N PHE B 92 22.37 7.65 50.07
CA PHE B 92 23.22 8.79 49.76
C PHE B 92 22.71 10.08 50.39
N ILE B 93 21.39 10.31 50.29
CA ILE B 93 20.80 11.59 50.65
C ILE B 93 20.27 11.57 52.08
N ARG B 94 20.60 10.51 52.84
CA ARG B 94 20.16 10.44 54.22
C ARG B 94 20.78 11.56 55.06
N ASP B 95 22.01 11.95 54.73
CA ASP B 95 22.70 13.01 55.45
C ASP B 95 22.01 14.35 55.22
N SER B 96 21.59 14.61 53.98
CA SER B 96 20.94 15.87 53.63
C SER B 96 19.59 16.03 54.33
N LEU B 97 18.97 14.91 54.74
CA LEU B 97 17.68 14.97 55.42
C LEU B 97 17.88 15.24 56.92
N LYS B 121 28.84 13.47 56.26
CA LYS B 121 29.34 14.45 55.25
C LYS B 121 28.50 14.32 53.99
N PRO B 122 27.99 15.44 53.44
CA PRO B 122 27.11 15.39 52.29
C PRO B 122 27.82 14.91 51.03
N ILE B 123 27.06 14.23 50.17
CA ILE B 123 27.54 13.81 48.87
C ILE B 123 27.34 14.97 47.89
N VAL B 124 28.44 15.44 47.31
CA VAL B 124 28.36 16.60 46.43
C VAL B 124 27.97 16.20 45.01
N GLY B 125 28.13 14.92 44.66
CA GLY B 125 27.79 14.44 43.33
C GLY B 125 28.04 12.96 43.24
N VAL B 126 27.39 12.31 42.28
CA VAL B 126 27.55 10.88 42.08
C VAL B 126 28.00 10.64 40.65
N ILE B 127 28.74 9.54 40.47
CA ILE B 127 29.03 9.01 39.15
C ILE B 127 27.93 8.02 38.81
N GLY B 128 26.98 8.47 37.99
CA GLY B 128 25.71 7.81 37.81
C GLY B 128 25.86 6.35 37.38
N PRO B 129 24.78 5.56 37.54
CA PRO B 129 24.84 4.14 37.18
C PRO B 129 24.97 3.94 35.68
N GLY B 130 25.07 2.67 35.29
CA GLY B 130 25.30 2.31 33.91
C GLY B 130 24.02 2.25 33.08
N SER B 131 22.91 1.85 33.71
CA SER B 131 21.66 1.65 32.99
C SER B 131 20.93 2.99 32.85
N SER B 132 20.23 3.14 31.72
CA SER B 132 19.50 4.37 31.43
C SER B 132 18.28 4.51 32.34
N SER B 133 17.49 3.43 32.48
CA SER B 133 16.32 3.44 33.33
C SER B 133 16.71 3.63 34.80
N VAL B 134 17.78 2.95 35.22
CA VAL B 134 18.28 3.09 36.56
C VAL B 134 18.77 4.53 36.80
N ALA B 135 19.45 5.10 35.79
CA ALA B 135 19.91 6.48 35.90
C ALA B 135 18.73 7.44 36.02
N ILE B 136 17.65 7.18 35.28
CA ILE B 136 16.47 8.02 35.35
C ILE B 136 15.86 7.96 36.76
N GLN B 137 15.75 6.75 37.30
CA GLN B 137 15.19 6.57 38.63
C GLN B 137 16.04 7.29 39.68
N VAL B 138 17.37 7.20 39.55
CA VAL B 138 18.26 7.83 40.50
C VAL B 138 18.20 9.36 40.37
N GLN B 139 18.13 9.85 39.13
CA GLN B 139 18.11 11.29 38.88
C GLN B 139 16.83 11.91 39.43
N ASN B 140 15.69 11.23 39.28
CA ASN B 140 14.43 11.75 39.77
C ASN B 140 14.50 12.06 41.26
N LEU B 141 15.30 11.28 42.01
CA LEU B 141 15.49 11.52 43.44
C LEU B 141 16.60 12.53 43.69
N LEU B 142 17.68 12.48 42.90
CA LEU B 142 18.86 13.29 43.19
C LEU B 142 18.61 14.76 42.87
N GLN B 143 17.85 15.06 41.82
CA GLN B 143 17.63 16.45 41.44
C GLN B 143 16.82 17.20 42.50
N LEU B 144 16.12 16.47 43.38
CA LEU B 144 15.40 17.09 44.48
C LEU B 144 16.35 17.68 45.51
N PHE B 145 17.60 17.17 45.57
CA PHE B 145 18.56 17.61 46.57
C PHE B 145 19.74 18.36 45.97
N ASN B 146 19.64 18.72 44.67
CA ASN B 146 20.68 19.46 43.98
C ASN B 146 22.01 18.72 44.03
N ILE B 147 22.00 17.46 43.58
CA ILE B 147 23.20 16.63 43.52
C ILE B 147 23.48 16.33 42.05
N PRO B 148 24.50 16.94 41.45
CA PRO B 148 24.84 16.63 40.05
C PRO B 148 25.21 15.16 39.88
N GLN B 149 24.81 14.60 38.73
CA GLN B 149 25.04 13.20 38.43
C GLN B 149 25.64 13.09 37.04
N ILE B 150 26.84 12.49 36.96
CA ILE B 150 27.52 12.29 35.69
C ILE B 150 27.51 10.80 35.38
N ALA B 151 26.96 10.45 34.22
CA ALA B 151 26.90 9.07 33.77
C ALA B 151 27.97 8.81 32.72
N TYR B 152 28.46 7.56 32.70
CA TYR B 152 29.51 7.15 31.79
C TYR B 152 28.99 6.19 30.72
N SER B 153 27.84 5.54 30.95
CA SER B 153 27.30 4.62 29.96
C SER B 153 25.79 4.78 29.73
N ALA B 154 25.08 5.58 30.54
CA ALA B 154 23.69 5.90 30.23
C ALA B 154 23.65 6.63 28.89
N THR B 155 22.77 6.20 28.00
CA THR B 155 22.86 6.58 26.59
C THR B 155 21.53 7.03 25.98
N SER B 156 20.40 6.68 26.60
CA SER B 156 19.09 6.95 26.00
C SER B 156 18.89 8.45 25.78
N MET B 157 18.09 8.79 24.77
CA MET B 157 17.83 10.18 24.43
C MET B 157 16.99 10.87 25.50
N ASP B 158 16.22 10.09 26.27
CA ASP B 158 15.29 10.67 27.22
C ASP B 158 16.02 11.48 28.29
N LEU B 159 17.29 11.16 28.55
CA LEU B 159 18.06 11.86 29.56
C LEU B 159 18.65 13.17 29.04
N SER B 160 18.44 13.49 27.75
CA SER B 160 18.90 14.75 27.19
C SER B 160 17.94 15.90 27.51
N ASP B 161 16.73 15.60 28.00
CA ASP B 161 15.75 16.62 28.31
C ASP B 161 16.14 17.30 29.63
N LYS B 162 16.74 18.49 29.51
CA LYS B 162 17.21 19.22 30.68
C LYS B 162 16.06 19.76 31.53
N THR B 163 14.82 19.70 31.04
CA THR B 163 13.68 20.14 31.82
C THR B 163 13.40 19.13 32.94
N LEU B 164 13.49 17.83 32.62
CA LEU B 164 13.19 16.78 33.57
C LEU B 164 14.45 16.26 34.26
N PHE B 165 15.63 16.45 33.64
CA PHE B 165 16.88 15.87 34.10
C PHE B 165 17.96 16.94 34.15
N LYS B 166 17.67 18.05 34.85
CA LYS B 166 18.55 19.20 34.85
C LYS B 166 19.94 18.84 35.40
N TYR B 167 19.98 18.02 36.46
CA TYR B 167 21.23 17.73 37.14
C TYR B 167 21.90 16.47 36.59
N PHE B 168 21.70 16.16 35.31
CA PHE B 168 22.27 14.97 34.70
C PHE B 168 23.18 15.37 33.55
N MET B 169 24.39 14.80 33.53
CA MET B 169 25.33 15.02 32.46
C MET B 169 25.93 13.69 32.04
N ARG B 170 26.49 13.66 30.82
CA ARG B 170 27.07 12.46 30.27
C ARG B 170 28.43 12.76 29.67
N VAL B 171 29.34 11.79 29.74
CA VAL B 171 30.59 11.83 28.99
C VAL B 171 30.47 10.98 27.73
N VAL B 172 29.26 10.56 27.37
CA VAL B 172 29.02 9.75 26.19
C VAL B 172 27.89 10.39 25.39
N PRO B 173 27.88 10.21 24.05
CA PRO B 173 26.76 10.70 23.25
C PRO B 173 25.48 9.91 23.48
N SER B 174 24.37 10.53 23.11
CA SER B 174 23.06 9.89 23.15
C SER B 174 23.00 8.75 22.14
N ASP B 175 21.93 7.95 22.21
CA ASP B 175 21.76 6.83 21.32
C ASP B 175 21.11 7.22 19.98
N ALA B 176 20.80 8.51 19.80
CA ALA B 176 20.34 8.98 18.50
C ALA B 176 21.43 8.77 17.45
N GLN B 177 22.69 9.07 17.81
CA GLN B 177 23.81 8.79 16.94
C GLN B 177 23.97 7.28 16.73
N GLN B 178 23.70 6.49 17.78
CA GLN B 178 23.80 5.04 17.67
C GLN B 178 22.72 4.48 16.75
N ALA B 179 21.49 5.00 16.86
CA ALA B 179 20.42 4.59 15.97
C ALA B 179 20.76 4.97 14.52
N ARG B 180 21.34 6.16 14.34
CA ARG B 180 21.77 6.59 13.02
C ARG B 180 22.82 5.65 12.46
N ALA B 181 23.77 5.24 13.30
CA ALA B 181 24.82 4.32 12.86
C ALA B 181 24.23 2.96 12.47
N MET B 182 23.26 2.47 13.25
CA MET B 182 22.63 1.19 12.95
C MET B 182 21.87 1.28 11.63
N VAL B 183 21.17 2.38 11.39
CA VAL B 183 20.45 2.57 10.14
C VAL B 183 21.44 2.64 8.97
N ASP B 184 22.56 3.33 9.17
CA ASP B 184 23.58 3.40 8.12
C ASP B 184 24.12 2.02 7.79
N ILE B 185 24.33 1.19 8.82
CA ILE B 185 24.85 -0.15 8.60
C ILE B 185 23.83 -1.00 7.83
N VAL B 186 22.56 -0.94 8.22
CA VAL B 186 21.56 -1.76 7.53
C VAL B 186 21.34 -1.24 6.11
N LYS B 187 21.57 0.06 5.88
CA LYS B 187 21.41 0.62 4.55
C LYS B 187 22.60 0.23 3.64
N ARG B 188 23.81 0.18 4.20
CA ARG B 188 25.00 -0.09 3.42
C ARG B 188 24.99 -1.52 2.84
N TYR B 189 24.32 -2.45 3.53
CA TYR B 189 24.34 -3.85 3.14
C TYR B 189 22.99 -4.32 2.59
N ASN B 190 22.28 -3.44 1.90
CA ASN B 190 21.06 -3.78 1.18
C ASN B 190 19.96 -4.31 2.11
N TRP B 191 20.18 -4.32 3.43
CA TRP B 191 19.21 -4.90 4.34
C TRP B 191 17.97 -4.03 4.41
N THR B 192 16.83 -4.61 3.99
CA THR B 192 15.60 -3.87 3.89
C THR B 192 14.49 -4.49 4.74
N TYR B 193 14.50 -5.82 4.90
CA TYR B 193 13.47 -6.52 5.65
C TYR B 193 14.12 -7.17 6.87
N VAL B 194 14.25 -6.40 7.95
CA VAL B 194 14.88 -6.88 9.17
C VAL B 194 13.80 -7.08 10.23
N SER B 195 14.16 -7.84 11.27
CA SER B 195 13.36 -7.92 12.49
C SER B 195 14.04 -7.09 13.57
N ALA B 196 13.29 -6.73 14.61
CA ALA B 196 13.78 -5.84 15.65
C ALA B 196 13.54 -6.46 17.02
N VAL B 197 14.56 -6.39 17.87
CA VAL B 197 14.45 -6.79 19.27
C VAL B 197 15.10 -5.70 20.11
N HIS B 198 14.46 -5.35 21.24
CA HIS B 198 15.03 -4.42 22.19
C HIS B 198 14.69 -4.87 23.60
N THR B 199 15.56 -4.53 24.54
CA THR B 199 15.35 -4.89 25.93
C THR B 199 14.29 -3.96 26.54
N GLU B 200 13.40 -4.55 27.33
CA GLU B 200 12.42 -3.76 28.08
C GLU B 200 13.16 -2.84 29.05
N GLY B 201 12.81 -1.55 28.99
CA GLY B 201 13.49 -0.54 29.78
C GLY B 201 13.41 0.81 29.07
N ASN B 202 14.42 1.65 29.30
CA ASN B 202 14.44 2.99 28.74
C ASN B 202 15.47 3.11 27.63
N TYR B 203 16.63 2.49 27.81
CA TYR B 203 17.67 2.48 26.79
C TYR B 203 17.17 1.76 25.53
N GLY B 204 16.70 0.52 25.71
CA GLY B 204 16.25 -0.29 24.60
C GLY B 204 15.03 0.34 23.91
N GLU B 205 14.07 0.81 24.71
CA GLU B 205 12.84 1.38 24.17
C GLU B 205 13.14 2.60 23.31
N SER B 206 13.87 3.58 23.88
CA SER B 206 14.18 4.81 23.18
C SER B 206 15.04 4.53 21.95
N GLY B 207 16.02 3.64 22.08
CA GLY B 207 16.87 3.28 20.96
C GLY B 207 16.07 2.68 19.81
N MET B 208 15.15 1.77 20.12
CA MET B 208 14.32 1.16 19.09
C MET B 208 13.35 2.17 18.49
N GLU B 209 12.82 3.10 19.28
CA GLU B 209 11.95 4.12 18.70
C GLU B 209 12.72 4.99 17.71
N ALA B 210 13.93 5.41 18.08
CA ALA B 210 14.75 6.23 17.19
C ALA B 210 15.10 5.45 15.92
N PHE B 211 15.52 4.19 16.09
CA PHE B 211 15.89 3.36 14.95
C PHE B 211 14.70 3.17 14.02
N LYS B 212 13.53 2.87 14.60
CA LYS B 212 12.34 2.63 13.81
C LYS B 212 11.97 3.88 13.01
N ASP B 213 12.01 5.05 13.68
CA ASP B 213 11.69 6.30 13.01
C ASP B 213 12.63 6.52 11.83
N MET B 214 13.93 6.61 12.10
CA MET B 214 14.87 7.02 11.06
C MET B 214 15.14 5.90 10.06
N SER B 215 14.66 4.67 10.31
CA SER B 215 14.79 3.59 9.36
C SER B 215 13.57 3.52 8.43
N ALA B 216 12.37 3.49 9.02
CA ALA B 216 11.14 3.51 8.25
C ALA B 216 11.04 4.79 7.41
N LYS B 217 11.70 5.86 7.85
CA LYS B 217 11.74 7.08 7.06
C LYS B 217 12.49 6.86 5.75
N GLU B 218 13.69 6.24 5.83
CA GLU B 218 14.57 6.19 4.68
C GLU B 218 14.17 5.06 3.72
N GLY B 219 14.43 3.80 4.09
CA GLY B 219 14.06 2.71 3.22
C GLY B 219 13.82 1.36 3.91
N ILE B 220 13.86 1.33 5.24
CA ILE B 220 13.95 0.05 5.95
C ILE B 220 12.57 -0.39 6.42
N CYS B 221 12.33 -1.70 6.32
CA CYS B 221 11.09 -2.32 6.72
C CYS B 221 11.37 -3.31 7.85
N ILE B 222 10.55 -3.25 8.91
CA ILE B 222 10.73 -4.11 10.06
C ILE B 222 9.68 -5.20 10.02
N ALA B 223 10.12 -6.46 10.03
CA ALA B 223 9.23 -7.60 10.00
C ALA B 223 8.32 -7.60 11.23
N HIS B 224 8.93 -7.45 12.41
CA HIS B 224 8.21 -7.40 13.66
C HIS B 224 9.16 -6.96 14.77
N SER B 225 8.65 -6.14 15.69
CA SER B 225 9.42 -5.65 16.82
C SER B 225 9.04 -6.43 18.08
N TYR B 226 10.05 -6.92 18.79
CA TYR B 226 9.85 -7.69 20.01
C TYR B 226 10.58 -7.01 21.16
N LYS B 227 10.04 -7.19 22.37
CA LYS B 227 10.67 -6.69 23.58
C LYS B 227 10.72 -7.81 24.61
N ILE B 228 11.74 -7.75 25.46
CA ILE B 228 11.95 -8.78 26.47
C ILE B 228 12.84 -8.19 27.56
N TYR B 229 12.59 -8.63 28.80
CA TYR B 229 13.41 -8.22 29.93
C TYR B 229 14.72 -9.00 29.91
N SER B 230 15.77 -8.39 30.49
CA SER B 230 17.07 -9.03 30.57
C SER B 230 17.01 -10.28 31.44
N ASN B 231 16.28 -10.19 32.56
CA ASN B 231 16.20 -11.28 33.53
C ASN B 231 15.03 -12.22 33.23
N ALA B 232 14.54 -12.22 31.99
CA ALA B 232 13.45 -13.11 31.61
C ALA B 232 13.91 -14.56 31.68
N GLY B 233 12.96 -15.45 31.92
CA GLY B 233 13.23 -16.88 32.01
C GLY B 233 13.63 -17.48 30.67
N GLU B 234 14.01 -18.74 30.70
CA GLU B 234 14.41 -19.46 29.50
C GLU B 234 13.24 -19.56 28.52
N GLN B 235 12.03 -19.75 29.05
CA GLN B 235 10.85 -19.95 28.22
C GLN B 235 10.53 -18.68 27.43
N SER B 236 10.71 -17.51 28.06
CA SER B 236 10.44 -16.25 27.39
C SER B 236 11.37 -16.07 26.19
N PHE B 237 12.65 -16.37 26.38
CA PHE B 237 13.62 -16.26 25.29
C PHE B 237 13.32 -17.30 24.20
N ASP B 238 12.88 -18.48 24.59
CA ASP B 238 12.53 -19.51 23.62
C ASP B 238 11.35 -19.05 22.77
N LYS B 239 10.32 -18.47 23.41
CA LYS B 239 9.17 -17.97 22.68
C LYS B 239 9.57 -16.82 21.74
N LEU B 240 10.44 -15.92 22.23
CA LEU B 240 10.92 -14.82 21.41
C LEU B 240 11.66 -15.36 20.19
N LEU B 241 12.49 -16.39 20.37
CA LEU B 241 13.24 -16.93 19.27
C LEU B 241 12.33 -17.66 18.28
N LYS B 242 11.28 -18.33 18.76
CA LYS B 242 10.30 -18.95 17.87
C LYS B 242 9.61 -17.89 17.02
N LYS B 243 9.22 -16.78 17.65
CA LYS B 243 8.60 -15.68 16.90
C LYS B 243 9.57 -15.11 15.87
N LEU B 244 10.86 -14.99 16.24
CA LEU B 244 11.86 -14.51 15.31
C LEU B 244 12.04 -15.48 14.14
N THR B 245 12.02 -16.78 14.42
CA THR B 245 12.19 -17.80 13.39
C THR B 245 10.97 -17.86 12.47
N SER B 246 9.81 -17.38 12.93
CA SER B 246 8.62 -17.37 12.09
C SER B 246 8.85 -16.59 10.79
N HIS B 247 9.76 -15.61 10.81
CA HIS B 247 10.10 -14.86 9.61
C HIS B 247 11.52 -15.18 9.12
N LEU B 248 12.06 -16.35 9.50
CA LEU B 248 13.47 -16.62 9.29
C LEU B 248 13.87 -16.63 7.81
N PRO B 249 13.11 -17.27 6.89
CA PRO B 249 13.56 -17.34 5.49
C PRO B 249 13.80 -15.98 4.84
N LYS B 250 13.04 -14.95 5.27
CA LYS B 250 13.11 -13.65 4.62
C LYS B 250 13.91 -12.66 5.48
N ALA B 251 13.56 -12.55 6.77
CA ALA B 251 14.22 -11.60 7.66
C ALA B 251 15.30 -12.33 8.45
N ARG B 252 16.51 -12.38 7.88
CA ARG B 252 17.63 -13.06 8.52
C ARG B 252 18.42 -12.14 9.44
N VAL B 253 18.14 -10.83 9.43
CA VAL B 253 18.87 -9.86 10.21
C VAL B 253 17.99 -9.37 11.35
N VAL B 254 18.54 -9.43 12.57
CA VAL B 254 17.83 -8.97 13.75
C VAL B 254 18.59 -7.78 14.33
N ALA B 255 17.95 -6.60 14.29
CA ALA B 255 18.51 -5.42 14.90
C ALA B 255 18.22 -5.46 16.40
N CYS B 256 19.27 -5.62 17.21
CA CYS B 256 19.14 -5.80 18.64
C CYS B 256 19.63 -4.52 19.33
N PHE B 257 18.69 -3.69 19.77
CA PHE B 257 19.02 -2.58 20.65
C PHE B 257 18.90 -3.06 22.10
N CYS B 258 19.62 -4.15 22.37
CA CYS B 258 19.42 -4.95 23.56
C CYS B 258 20.68 -4.88 24.43
N GLU B 259 20.49 -5.10 25.73
CA GLU B 259 21.61 -5.19 26.65
C GLU B 259 22.38 -6.48 26.39
N GLY B 260 23.54 -6.60 27.05
CA GLY B 260 24.37 -7.78 26.89
C GLY B 260 23.68 -9.05 27.36
N MET B 261 22.88 -8.96 28.42
CA MET B 261 22.21 -10.12 28.96
C MET B 261 21.07 -10.57 28.05
N THR B 262 20.39 -9.62 27.38
CA THR B 262 19.35 -9.98 26.43
C THR B 262 19.95 -10.73 25.25
N VAL B 263 21.08 -10.24 24.74
CA VAL B 263 21.75 -10.89 23.62
C VAL B 263 22.25 -12.27 24.05
N ARG B 264 22.77 -12.38 25.28
CA ARG B 264 23.23 -13.66 25.76
C ARG B 264 22.07 -14.64 25.89
N GLY B 265 20.92 -14.18 26.36
CA GLY B 265 19.73 -15.02 26.43
C GLY B 265 19.28 -15.49 25.06
N LEU B 266 19.34 -14.60 24.06
CA LEU B 266 19.04 -14.99 22.69
C LEU B 266 20.01 -16.06 22.19
N LEU B 267 21.30 -15.91 22.51
CA LEU B 267 22.29 -16.88 22.09
C LEU B 267 22.05 -18.24 22.75
N MET B 268 21.70 -18.24 24.04
CA MET B 268 21.42 -19.49 24.73
C MET B 268 20.16 -20.15 24.14
N ALA B 269 19.16 -19.35 23.78
CA ALA B 269 17.97 -19.88 23.13
C ALA B 269 18.33 -20.50 21.79
N MET B 270 19.21 -19.84 21.03
CA MET B 270 19.66 -20.36 19.74
C MET B 270 20.36 -21.71 19.94
N ARG B 271 21.21 -21.80 20.96
CA ARG B 271 21.91 -23.04 21.26
C ARG B 271 20.93 -24.14 21.64
N ARG B 272 19.90 -23.79 22.42
CA ARG B 272 18.96 -24.79 22.93
C ARG B 272 18.18 -25.45 21.78
N LEU B 273 17.73 -24.66 20.81
CA LEU B 273 16.90 -25.19 19.73
C LEU B 273 17.65 -25.21 18.40
N GLY B 274 18.99 -25.31 18.45
CA GLY B 274 19.81 -25.65 17.30
C GLY B 274 19.82 -24.61 16.17
N LEU B 275 19.98 -23.34 16.53
CA LEU B 275 20.19 -22.27 15.55
C LEU B 275 21.62 -21.75 15.71
N ALA B 276 22.47 -22.04 14.72
CA ALA B 276 23.89 -21.79 14.82
C ALA B 276 24.41 -21.08 13.56
N GLY B 277 23.71 -20.00 13.18
CA GLY B 277 24.14 -19.18 12.07
C GLY B 277 23.02 -18.86 11.08
N GLU B 278 21.76 -19.09 11.48
CA GLU B 278 20.63 -18.73 10.65
C GLU B 278 20.28 -17.25 10.80
N PHE B 279 20.85 -16.58 11.82
CA PHE B 279 20.57 -15.17 12.07
C PHE B 279 21.87 -14.37 12.04
N LEU B 280 21.74 -13.10 11.65
CA LEU B 280 22.82 -12.14 11.82
C LEU B 280 22.37 -11.10 12.86
N LEU B 281 22.98 -11.17 14.04
CA LEU B 281 22.62 -10.26 15.13
C LEU B 281 23.36 -8.95 14.94
N LEU B 282 22.59 -7.86 14.80
CA LEU B 282 23.15 -6.52 14.74
C LEU B 282 23.02 -5.89 16.13
N GLY B 283 24.12 -5.95 16.89
CA GLY B 283 24.10 -5.49 18.27
C GLY B 283 24.15 -3.98 18.37
N SER B 284 24.40 -3.52 19.59
CA SER B 284 24.47 -2.11 19.90
C SER B 284 25.50 -1.90 21.00
N ASP B 285 25.44 -0.74 21.67
CA ASP B 285 26.40 -0.45 22.72
C ASP B 285 26.29 -1.41 23.89
N GLY B 286 25.09 -1.99 24.09
CA GLY B 286 24.91 -2.98 25.13
C GLY B 286 25.78 -4.22 24.90
N TRP B 287 25.82 -4.69 23.65
CA TRP B 287 26.68 -5.80 23.29
C TRP B 287 28.12 -5.33 23.18
N ALA B 288 28.36 -4.37 22.27
CA ALA B 288 29.67 -3.77 22.07
C ALA B 288 30.68 -4.87 21.73
N ASP B 289 31.76 -5.02 22.53
CA ASP B 289 32.72 -6.09 22.31
C ASP B 289 32.90 -6.89 23.60
N ARG B 290 31.78 -7.18 24.26
CA ARG B 290 31.81 -7.86 25.54
C ARG B 290 32.05 -9.35 25.34
N TYR B 291 33.08 -9.87 26.02
CA TYR B 291 33.37 -11.30 25.95
C TYR B 291 32.47 -12.12 26.88
N ASP B 292 31.82 -11.47 27.84
CA ASP B 292 30.99 -12.18 28.81
C ASP B 292 29.59 -12.45 28.27
N VAL B 293 29.26 -11.94 27.08
CA VAL B 293 27.96 -12.20 26.47
C VAL B 293 28.04 -13.27 25.38
N THR B 294 29.26 -13.64 24.94
CA THR B 294 29.43 -14.68 23.95
C THR B 294 30.23 -15.87 24.47
N ASP B 295 30.76 -15.79 25.68
CA ASP B 295 31.51 -16.90 26.26
C ASP B 295 30.63 -18.13 26.37
N GLY B 296 31.16 -19.27 25.89
CA GLY B 296 30.42 -20.52 25.87
C GLY B 296 29.48 -20.65 24.68
N TYR B 297 29.02 -19.52 24.12
CA TYR B 297 28.09 -19.53 23.00
C TYR B 297 28.65 -18.72 21.83
N GLN B 298 29.95 -18.87 21.59
CA GLN B 298 30.61 -18.13 20.52
C GLN B 298 30.08 -18.57 19.15
N ARG B 299 29.83 -19.88 18.99
CA ARG B 299 29.44 -20.43 17.70
C ARG B 299 28.12 -19.82 17.21
N GLU B 300 27.22 -19.49 18.14
CA GLU B 300 25.91 -18.97 17.77
C GLU B 300 25.97 -17.49 17.42
N ALA B 301 26.94 -16.74 17.97
CA ALA B 301 27.02 -15.30 17.77
C ALA B 301 27.99 -14.92 16.64
N VAL B 302 28.61 -15.90 15.98
CA VAL B 302 29.58 -15.60 14.95
C VAL B 302 28.90 -14.86 13.80
N GLY B 303 29.60 -13.88 13.25
CA GLY B 303 29.09 -13.07 12.15
C GLY B 303 28.26 -11.88 12.61
N GLY B 304 28.09 -11.70 13.93
CA GLY B 304 27.35 -10.57 14.45
C GLY B 304 28.12 -9.27 14.30
N ILE B 305 27.38 -8.17 14.07
CA ILE B 305 27.96 -6.85 13.93
C ILE B 305 27.45 -5.98 15.07
N THR B 306 28.37 -5.37 15.81
CA THR B 306 28.02 -4.59 16.99
C THR B 306 28.62 -3.18 16.89
N ILE B 307 28.03 -2.26 17.64
CA ILE B 307 28.51 -0.90 17.74
C ILE B 307 29.06 -0.68 19.14
N LYS B 308 30.28 -0.14 19.22
CA LYS B 308 30.96 0.06 20.48
C LYS B 308 31.50 1.48 20.54
N LEU B 309 31.18 2.19 21.62
CA LEU B 309 31.68 3.54 21.80
C LEU B 309 33.21 3.50 21.89
N GLN B 310 33.86 4.38 21.12
CA GLN B 310 35.31 4.40 21.06
C GLN B 310 35.90 4.93 22.37
N SER B 311 36.80 4.15 22.96
CA SER B 311 37.52 4.56 24.15
C SER B 311 38.82 3.78 24.24
N PRO B 312 40.00 4.44 24.10
CA PRO B 312 41.26 3.73 24.20
C PRO B 312 41.49 3.13 25.58
N ASP B 313 42.28 2.06 25.64
CA ASP B 313 42.63 1.43 26.89
C ASP B 313 43.46 2.38 27.75
N VAL B 314 43.24 2.28 29.06
CA VAL B 314 43.92 3.13 30.02
C VAL B 314 45.06 2.31 30.63
N LYS B 315 46.30 2.71 30.36
CA LYS B 315 47.45 1.89 30.71
C LYS B 315 47.74 1.95 32.20
N TRP B 316 47.68 3.15 32.79
CA TRP B 316 47.99 3.29 34.20
C TRP B 316 46.96 2.57 35.08
N PHE B 317 45.74 2.37 34.58
CA PHE B 317 44.77 1.55 35.29
C PHE B 317 45.21 0.08 35.30
N ASP B 318 45.71 -0.41 34.16
CA ASP B 318 46.18 -1.78 34.07
C ASP B 318 47.39 -2.00 34.98
N ASP B 319 48.30 -1.02 35.03
CA ASP B 319 49.49 -1.15 35.85
C ASP B 319 49.16 -1.31 37.33
N TYR B 320 48.04 -0.71 37.77
CA TYR B 320 47.64 -0.75 39.17
C TYR B 320 46.73 -1.95 39.46
N TYR B 321 45.84 -2.28 38.52
CA TYR B 321 44.84 -3.32 38.74
C TYR B 321 45.48 -4.71 38.81
N LEU B 322 46.40 -5.01 37.87
CA LEU B 322 46.94 -6.35 37.75
C LEU B 322 47.85 -6.73 38.92
N LYS B 323 48.23 -5.76 39.77
CA LYS B 323 49.07 -6.03 40.93
C LYS B 323 48.24 -6.16 42.21
N LEU B 324 46.90 -6.15 42.10
CA LEU B 324 46.04 -6.23 43.27
C LEU B 324 46.01 -7.66 43.80
N ARG B 325 46.05 -7.78 45.13
CA ARG B 325 45.99 -9.06 45.79
C ARG B 325 44.99 -9.00 46.93
N PRO B 326 44.25 -10.09 47.20
CA PRO B 326 43.21 -10.07 48.23
C PRO B 326 43.74 -9.84 49.64
N GLU B 327 44.99 -10.23 49.92
CA GLU B 327 45.51 -10.10 51.27
C GLU B 327 45.73 -8.62 51.63
N THR B 328 46.13 -7.81 50.64
CA THR B 328 46.48 -6.42 50.90
C THR B 328 45.36 -5.45 50.51
N ASN B 329 44.45 -5.87 49.63
CA ASN B 329 43.37 -5.01 49.17
C ASN B 329 42.22 -5.08 50.18
N LEU B 330 42.22 -4.17 51.14
CA LEU B 330 41.23 -4.16 52.21
C LEU B 330 40.13 -3.12 51.98
N ARG B 331 40.45 -2.03 51.27
CA ARG B 331 39.51 -0.94 51.12
C ARG B 331 38.35 -1.30 50.19
N ASN B 332 38.51 -2.36 49.39
CA ASN B 332 37.46 -2.82 48.50
C ASN B 332 36.73 -3.98 49.16
N PRO B 333 35.47 -3.80 49.62
CA PRO B 333 34.78 -4.87 50.32
C PRO B 333 34.38 -6.06 49.44
N TRP B 334 34.33 -5.84 48.11
CA TRP B 334 33.90 -6.89 47.20
C TRP B 334 35.07 -7.63 46.56
N PHE B 335 36.31 -7.32 46.94
CA PHE B 335 37.46 -7.86 46.23
C PHE B 335 37.70 -9.33 46.57
N GLN B 336 37.46 -9.72 47.83
CA GLN B 336 37.66 -11.11 48.23
C GLN B 336 36.66 -12.02 47.53
N GLU B 337 35.39 -11.61 47.49
CA GLU B 337 34.35 -12.38 46.83
C GLU B 337 34.66 -12.51 45.34
N PHE B 338 35.12 -11.42 44.72
CA PHE B 338 35.48 -11.45 43.32
C PHE B 338 36.67 -12.36 43.07
N TRP B 339 37.66 -12.32 43.96
CA TRP B 339 38.83 -13.18 43.83
C TRP B 339 38.42 -14.65 43.91
N GLN B 340 37.52 -14.98 44.83
CA GLN B 340 37.02 -16.35 44.95
C GLN B 340 36.22 -16.76 43.70
N HIS B 341 35.40 -15.85 43.17
CA HIS B 341 34.54 -16.17 42.05
C HIS B 341 35.32 -16.34 40.76
N ARG B 342 36.37 -15.53 40.57
CA ARG B 342 37.15 -15.56 39.34
C ARG B 342 38.01 -16.82 39.29
N PHE B 343 38.96 -16.92 40.22
CA PHE B 343 39.70 -18.15 40.43
C PHE B 343 38.94 -19.00 41.44
N GLN B 344 38.17 -19.96 40.95
CA GLN B 344 37.26 -20.73 41.78
C GLN B 344 38.04 -21.43 42.89
N CYS B 345 37.90 -20.91 44.12
CA CYS B 345 38.72 -21.33 45.24
C CYS B 345 38.18 -20.73 46.53
N ARG B 346 38.80 -21.09 47.66
CA ARG B 346 38.35 -20.62 48.97
C ARG B 346 39.51 -19.95 49.68
N LEU B 347 39.29 -18.71 50.14
CA LEU B 347 40.28 -17.99 50.92
C LEU B 347 40.05 -18.30 52.40
N GLU B 348 40.69 -19.36 52.88
CA GLU B 348 40.40 -19.88 54.22
C GLU B 348 40.84 -18.90 55.31
N GLY B 349 42.00 -18.25 55.13
CA GLY B 349 42.56 -17.40 56.16
C GLY B 349 41.68 -16.20 56.49
N PHE B 350 40.99 -15.66 55.47
CA PHE B 350 40.23 -14.44 55.60
C PHE B 350 38.81 -14.74 56.05
N PRO B 351 38.10 -13.76 56.64
CA PRO B 351 36.71 -13.97 57.06
C PRO B 351 35.79 -14.44 55.94
N GLN B 352 35.99 -13.94 54.72
CA GLN B 352 35.23 -14.44 53.57
C GLN B 352 35.92 -15.68 53.02
N GLU B 353 35.24 -16.83 53.12
CA GLU B 353 35.81 -18.09 52.67
C GLU B 353 34.98 -18.68 51.51
N ASN B 354 33.67 -18.82 51.72
CA ASN B 354 32.77 -19.36 50.72
C ASN B 354 33.20 -20.77 50.33
N SER B 355 33.04 -21.69 51.29
CA SER B 355 33.44 -23.09 51.15
C SER B 355 32.77 -23.78 49.96
N LYS B 356 31.84 -23.10 49.27
CA LYS B 356 31.24 -23.64 48.06
C LYS B 356 32.31 -24.07 47.06
N TYR B 357 33.36 -23.26 46.92
CA TYR B 357 34.50 -23.62 46.09
C TYR B 357 35.37 -24.59 46.85
N ASN B 358 35.57 -25.79 46.29
CA ASN B 358 36.20 -26.88 47.00
C ASN B 358 37.68 -26.59 47.27
N LYS B 359 38.42 -26.22 46.23
CA LYS B 359 39.86 -26.08 46.34
C LYS B 359 40.21 -24.74 46.99
N THR B 360 41.48 -24.64 47.40
CA THR B 360 42.02 -23.42 47.99
C THR B 360 42.83 -22.66 46.94
N CYS B 361 43.16 -21.40 47.28
CA CYS B 361 43.96 -20.55 46.41
C CYS B 361 45.39 -20.50 46.94
N ASN B 362 46.33 -20.99 46.14
CA ASN B 362 47.74 -20.79 46.44
C ASN B 362 48.14 -19.34 46.14
N SER B 363 49.27 -18.92 46.70
CA SER B 363 49.77 -17.57 46.50
C SER B 363 50.50 -17.46 45.16
N SER B 364 49.83 -17.87 44.08
CA SER B 364 50.43 -17.90 42.77
C SER B 364 49.49 -17.36 41.67
N LEU B 365 48.19 -17.23 41.97
CA LEU B 365 47.24 -16.77 40.95
C LEU B 365 47.33 -15.25 40.83
N THR B 366 47.28 -14.78 39.57
CA THR B 366 47.40 -13.37 39.28
C THR B 366 46.27 -12.96 38.32
N LEU B 367 45.98 -11.65 38.32
CA LEU B 367 44.95 -11.09 37.46
C LEU B 367 45.43 -10.94 36.02
N LYS B 368 46.73 -11.14 35.76
CA LYS B 368 47.26 -10.97 34.42
C LYS B 368 46.64 -11.95 33.43
N THR B 369 46.41 -13.19 33.88
CA THR B 369 45.91 -14.23 33.00
C THR B 369 44.46 -13.94 32.61
N HIS B 370 44.19 -13.96 31.30
CA HIS B 370 42.85 -13.77 30.76
C HIS B 370 42.26 -12.44 31.23
N HIS B 371 43.09 -11.40 31.28
CA HIS B 371 42.64 -10.09 31.73
C HIS B 371 42.03 -9.33 30.54
N VAL B 372 40.77 -8.89 30.73
CA VAL B 372 40.09 -8.06 29.75
C VAL B 372 39.61 -6.81 30.45
N GLN B 373 40.12 -5.66 30.01
CA GLN B 373 39.65 -4.38 30.52
C GLN B 373 38.36 -4.00 29.78
N ASP B 374 37.38 -3.50 30.54
CA ASP B 374 36.09 -3.17 29.95
C ASP B 374 36.23 -1.98 29.01
N SER B 375 35.29 -1.90 28.07
CA SER B 375 35.34 -0.91 27.01
C SER B 375 35.14 0.50 27.55
N LYS B 376 34.27 0.65 28.56
CA LYS B 376 33.88 1.97 29.04
C LYS B 376 34.67 2.37 30.29
N MET B 377 35.91 1.88 30.42
CA MET B 377 36.76 2.28 31.53
C MET B 377 37.18 3.75 31.38
N GLY B 378 37.56 4.14 30.16
CA GLY B 378 37.91 5.51 29.88
C GLY B 378 36.79 6.47 30.24
N PHE B 379 35.54 6.07 29.95
CA PHE B 379 34.40 6.92 30.22
C PHE B 379 34.22 7.10 31.72
N VAL B 380 34.41 6.04 32.50
CA VAL B 380 34.28 6.14 33.94
C VAL B 380 35.34 7.10 34.49
N ILE B 381 36.59 6.93 34.05
CA ILE B 381 37.65 7.79 34.53
C ILE B 381 37.38 9.24 34.09
N ASN B 382 36.87 9.41 32.87
CA ASN B 382 36.54 10.75 32.37
C ASN B 382 35.44 11.40 33.21
N ALA B 383 34.43 10.62 33.60
CA ALA B 383 33.36 11.15 34.43
C ALA B 383 33.90 11.62 35.78
N ILE B 384 34.77 10.82 36.40
CA ILE B 384 35.34 11.20 37.68
C ILE B 384 36.20 12.45 37.50
N TYR B 385 37.04 12.48 36.46
CA TYR B 385 37.86 13.65 36.20
C TYR B 385 37.00 14.88 35.93
N SER B 386 35.87 14.70 35.24
CA SER B 386 34.96 15.79 34.96
C SER B 386 34.42 16.38 36.26
N MET B 387 33.99 15.53 37.17
CA MET B 387 33.48 16.02 38.45
C MET B 387 34.59 16.76 39.20
N ALA B 388 35.80 16.20 39.21
CA ALA B 388 36.93 16.84 39.88
C ALA B 388 37.20 18.22 39.28
N TYR B 389 37.18 18.31 37.94
CA TYR B 389 37.48 19.57 37.28
C TYR B 389 36.38 20.60 37.52
N GLY B 390 35.12 20.15 37.55
CA GLY B 390 34.02 21.03 37.91
C GLY B 390 34.21 21.60 39.31
N LEU B 391 34.59 20.75 40.27
CA LEU B 391 34.84 21.21 41.61
C LEU B 391 35.99 22.21 41.63
N HIS B 392 37.05 21.93 40.86
CA HIS B 392 38.21 22.82 40.80
C HIS B 392 37.79 24.19 40.27
N ASN B 393 37.04 24.20 39.17
CA ASN B 393 36.60 25.45 38.58
C ASN B 393 35.73 26.22 39.55
N MET B 394 34.81 25.54 40.22
CA MET B 394 33.90 26.20 41.16
C MET B 394 34.69 26.81 42.31
N GLN B 395 35.67 26.06 42.84
CA GLN B 395 36.48 26.55 43.95
C GLN B 395 37.30 27.76 43.51
N MET B 396 37.87 27.70 42.31
CA MET B 396 38.67 28.82 41.80
C MET B 396 37.78 30.06 41.62
N SER B 397 36.57 29.87 41.09
CA SER B 397 35.66 30.98 40.85
C SER B 397 35.19 31.60 42.17
N LEU B 398 34.91 30.78 43.17
CA LEU B 398 34.35 31.30 44.42
C LEU B 398 35.41 32.07 45.22
N CYS B 399 36.54 31.41 45.51
CA CYS B 399 37.61 32.04 46.28
C CYS B 399 38.92 31.90 45.51
N PRO B 400 39.22 32.83 44.58
CA PRO B 400 40.45 32.73 43.80
C PRO B 400 41.72 32.77 44.64
N GLY B 401 41.70 33.55 45.73
CA GLY B 401 42.88 33.75 46.56
C GLY B 401 43.23 32.53 47.40
N TYR B 402 42.28 32.08 48.21
CA TYR B 402 42.53 30.99 49.13
C TYR B 402 42.76 29.68 48.37
N ALA B 403 43.73 28.90 48.87
CA ALA B 403 44.03 27.59 48.31
C ALA B 403 43.50 26.52 49.25
N GLY B 404 42.25 26.12 49.02
CA GLY B 404 41.60 25.13 49.86
C GLY B 404 40.10 25.36 49.90
N LEU B 405 39.47 24.96 51.01
CA LEU B 405 38.04 25.13 51.21
C LEU B 405 37.79 26.42 51.98
N CYS B 406 37.44 27.48 51.24
CA CYS B 406 37.20 28.78 51.85
C CYS B 406 35.88 28.75 52.63
N ASP B 407 35.67 29.79 53.44
CA ASP B 407 34.47 29.90 54.24
C ASP B 407 33.21 30.02 53.37
N ALA B 408 33.37 30.50 52.12
CA ALA B 408 32.27 30.57 51.17
C ALA B 408 32.06 29.24 50.44
N MET B 409 32.74 28.16 50.88
CA MET B 409 32.64 26.88 50.21
C MET B 409 32.26 25.74 51.17
N LYS B 410 32.09 26.02 52.47
CA LYS B 410 31.72 24.97 53.40
C LYS B 410 30.37 24.35 53.05
N PRO B 411 29.29 25.12 52.82
CA PRO B 411 28.05 24.55 52.29
C PRO B 411 28.08 24.55 50.77
N ILE B 412 28.76 23.56 50.18
CA ILE B 412 28.88 23.47 48.73
C ILE B 412 27.48 23.43 48.13
N ASP B 413 27.21 24.36 47.21
CA ASP B 413 25.91 24.47 46.59
C ASP B 413 25.89 23.60 45.32
N GLY B 414 24.86 22.76 45.22
CA GLY B 414 24.68 21.91 44.05
C GLY B 414 24.45 22.71 42.77
N ARG B 415 23.77 23.85 42.88
CA ARG B 415 23.45 24.65 41.70
C ARG B 415 24.71 25.24 41.10
N LYS B 416 25.59 25.79 41.94
CA LYS B 416 26.84 26.37 41.46
C LYS B 416 27.74 25.28 40.88
N LEU B 417 27.78 24.11 41.52
CA LEU B 417 28.58 23.00 41.02
C LEU B 417 28.06 22.55 39.65
N LEU B 418 26.74 22.43 39.50
CA LEU B 418 26.14 22.04 38.23
C LEU B 418 26.47 23.08 37.15
N GLU B 419 26.40 24.37 37.50
CA GLU B 419 26.67 25.44 36.53
C GLU B 419 28.13 25.38 36.08
N SER B 420 29.05 25.17 37.03
CA SER B 420 30.47 25.06 36.69
C SER B 420 30.75 23.81 35.86
N LEU B 421 30.04 22.71 36.15
CA LEU B 421 30.23 21.47 35.42
C LEU B 421 29.72 21.60 33.99
N MET B 422 28.61 22.31 33.79
CA MET B 422 28.00 22.43 32.47
C MET B 422 28.89 23.22 31.51
N LYS B 423 29.85 23.99 32.02
CA LYS B 423 30.72 24.78 31.16
C LYS B 423 32.18 24.35 31.22
N THR B 424 32.52 23.36 32.06
CA THR B 424 33.91 22.95 32.20
C THR B 424 34.37 22.20 30.96
N ALA B 425 35.66 22.35 30.65
CA ALA B 425 36.31 21.61 29.60
C ALA B 425 37.71 21.23 30.07
N PHE B 426 38.13 19.99 29.77
CA PHE B 426 39.42 19.52 30.21
C PHE B 426 39.94 18.48 29.22
N THR B 427 41.08 17.87 29.57
CA THR B 427 41.68 16.84 28.75
C THR B 427 41.48 15.48 29.40
N GLY B 428 40.89 14.55 28.64
CA GLY B 428 40.62 13.22 29.15
C GLY B 428 41.88 12.35 29.19
N VAL B 429 41.70 11.12 29.67
CA VAL B 429 42.80 10.18 29.75
C VAL B 429 43.29 9.81 28.35
N SER B 430 42.35 9.72 27.39
CA SER B 430 42.71 9.40 26.01
C SER B 430 43.60 10.50 25.42
N GLY B 431 43.28 11.76 25.72
CA GLY B 431 44.07 12.87 25.23
C GLY B 431 43.21 13.97 24.62
N ASP B 432 42.00 13.60 24.17
CA ASP B 432 41.10 14.56 23.56
C ASP B 432 40.49 15.48 24.62
N THR B 433 39.67 16.42 24.17
CA THR B 433 39.06 17.39 25.06
C THR B 433 37.64 16.96 25.41
N ILE B 434 37.38 16.81 26.71
CA ILE B 434 36.05 16.51 27.21
C ILE B 434 35.37 17.83 27.55
N LEU B 435 34.17 18.02 26.99
CA LEU B 435 33.33 19.18 27.25
C LEU B 435 31.87 18.77 27.08
N PHE B 436 30.98 19.53 27.71
CA PHE B 436 29.56 19.24 27.68
C PHE B 436 28.84 20.29 26.84
N ASP B 437 27.85 19.84 26.06
CA ASP B 437 27.03 20.74 25.26
C ASP B 437 25.87 21.26 26.11
N GLU B 438 24.89 21.91 25.48
CA GLU B 438 23.79 22.52 26.21
C GLU B 438 22.88 21.46 26.83
N ASN B 439 22.87 20.24 26.27
CA ASN B 439 22.03 19.16 26.78
C ASN B 439 22.77 18.30 27.80
N GLY B 440 24.03 18.63 28.12
CA GLY B 440 24.77 17.88 29.11
C GLY B 440 25.50 16.67 28.53
N ASP B 441 25.32 16.39 27.23
CA ASP B 441 25.99 15.26 26.60
C ASP B 441 27.42 15.64 26.24
N SER B 442 28.15 14.69 25.63
CA SER B 442 29.51 14.91 25.22
C SER B 442 29.70 14.35 23.81
N PRO B 443 30.61 14.90 23.00
CA PRO B 443 30.90 14.33 21.69
C PRO B 443 31.52 12.94 21.80
N GLY B 444 31.26 12.11 20.79
CA GLY B 444 31.81 10.77 20.75
C GLY B 444 31.65 10.15 19.37
N ARG B 445 32.47 9.12 19.12
CA ARG B 445 32.45 8.39 17.86
C ARG B 445 32.35 6.89 18.17
N TYR B 446 31.87 6.14 17.18
CA TYR B 446 31.59 4.73 17.34
C TYR B 446 32.55 3.89 16.49
N GLU B 447 32.79 2.67 16.96
CA GLU B 447 33.50 1.66 16.20
C GLU B 447 32.53 0.54 15.88
N ILE B 448 32.63 0.01 14.66
CA ILE B 448 31.82 -1.11 14.22
C ILE B 448 32.68 -2.36 14.29
N MET B 449 32.31 -3.28 15.18
CA MET B 449 33.06 -4.50 15.42
C MET B 449 32.28 -5.68 14.83
N ASN B 450 33.04 -6.72 14.44
CA ASN B 450 32.47 -7.91 13.86
C ASN B 450 32.99 -9.12 14.63
N PHE B 451 32.07 -10.01 15.03
CA PHE B 451 32.44 -11.21 15.74
C PHE B 451 32.76 -12.30 14.72
N LYS B 452 34.02 -12.75 14.71
CA LYS B 452 34.49 -13.67 13.69
C LYS B 452 35.22 -14.84 14.34
N GLU B 453 35.39 -15.90 13.55
CA GLU B 453 36.20 -17.05 13.94
C GLU B 453 37.55 -16.91 13.24
N MET B 454 38.59 -16.62 14.02
CA MET B 454 39.90 -16.36 13.43
C MET B 454 40.63 -17.68 13.17
N GLY B 455 40.80 -18.48 14.23
CA GLY B 455 41.46 -19.77 14.12
C GLY B 455 40.52 -20.91 14.53
N LYS B 456 41.09 -22.11 14.65
CA LYS B 456 40.32 -23.25 15.14
C LYS B 456 40.10 -23.08 16.64
N ASP B 457 38.83 -23.15 17.06
CA ASP B 457 38.44 -22.96 18.45
C ASP B 457 38.96 -21.61 18.96
N TYR B 458 38.70 -20.56 18.19
CA TYR B 458 39.14 -19.22 18.56
C TYR B 458 38.24 -18.19 17.89
N PHE B 459 37.59 -17.37 18.72
CA PHE B 459 36.74 -16.30 18.24
C PHE B 459 37.21 -14.98 18.82
N ASP B 460 36.93 -13.88 18.11
CA ASP B 460 37.39 -12.57 18.55
C ASP B 460 36.52 -11.49 17.93
N TYR B 461 36.60 -10.29 18.52
CA TYR B 461 35.95 -9.12 17.97
C TYR B 461 36.95 -8.35 17.11
N ILE B 462 36.58 -8.13 15.84
CA ILE B 462 37.45 -7.44 14.89
C ILE B 462 36.84 -6.09 14.56
N ASN B 463 37.65 -5.04 14.68
CA ASN B 463 37.21 -3.70 14.35
C ASN B 463 37.16 -3.56 12.83
N VAL B 464 35.94 -3.51 12.27
CA VAL B 464 35.77 -3.54 10.83
C VAL B 464 35.19 -2.22 10.32
N GLY B 465 34.98 -1.23 11.19
CA GLY B 465 34.56 0.06 10.70
C GLY B 465 34.47 1.10 11.80
N SER B 466 34.08 2.31 11.42
CA SER B 466 33.87 3.39 12.36
C SER B 466 32.73 4.27 11.87
N TRP B 467 32.19 5.07 12.79
CA TRP B 467 31.10 5.99 12.50
C TRP B 467 31.33 7.27 13.28
N ASP B 468 31.44 8.39 12.56
CA ASP B 468 31.75 9.67 13.17
C ASP B 468 30.95 10.76 12.46
N ASN B 469 29.97 11.33 13.18
CA ASN B 469 29.21 12.49 12.71
C ASN B 469 28.57 12.23 11.35
N GLY B 470 28.07 11.01 11.14
CA GLY B 470 27.39 10.65 9.91
C GLY B 470 28.30 9.95 8.90
N GLU B 471 29.62 10.04 9.09
CA GLU B 471 30.57 9.37 8.20
C GLU B 471 30.76 7.93 8.67
N LEU B 472 30.26 6.98 7.88
CA LEU B 472 30.43 5.57 8.15
C LEU B 472 31.55 5.04 7.26
N LYS B 473 32.73 4.83 7.87
CA LYS B 473 33.87 4.30 7.17
C LYS B 473 34.00 2.83 7.53
N MET B 474 33.44 1.95 6.69
CA MET B 474 33.49 0.52 6.93
C MET B 474 34.49 -0.12 5.98
N ASP B 475 34.94 -1.32 6.36
CA ASP B 475 35.90 -2.09 5.60
C ASP B 475 35.28 -3.47 5.35
N ASP B 476 34.90 -3.72 4.10
CA ASP B 476 34.04 -4.86 3.77
C ASP B 476 34.86 -6.10 3.38
N ASP B 477 36.18 -6.08 3.58
CA ASP B 477 36.99 -7.23 3.20
C ASP B 477 37.20 -8.16 4.39
N GLU B 478 37.28 -7.61 5.61
CA GLU B 478 37.45 -8.47 6.78
C GLU B 478 36.14 -9.19 7.11
N VAL B 479 35.02 -8.46 7.03
CA VAL B 479 33.70 -9.06 7.12
C VAL B 479 33.28 -9.53 5.73
N TRP B 480 32.90 -10.81 5.62
CA TRP B 480 32.61 -11.43 4.32
C TRP B 480 33.81 -11.31 3.39
N SER B 481 34.87 -12.07 3.70
CA SER B 481 36.08 -12.05 2.88
C SER B 481 35.85 -12.82 1.58
N LYS B 482 34.82 -12.41 0.84
CA LYS B 482 34.36 -13.07 -0.37
C LYS B 482 33.16 -12.28 -0.91
N LYS B 483 32.69 -12.64 -2.10
CA LYS B 483 31.54 -11.96 -2.68
C LYS B 483 30.23 -12.50 -2.08
N SER B 484 30.24 -13.75 -1.61
CA SER B 484 29.05 -14.36 -1.02
C SER B 484 28.93 -13.92 0.44
N ASN B 485 28.15 -12.86 0.67
CA ASN B 485 27.90 -12.37 2.02
C ASN B 485 26.66 -13.06 2.59
N ILE B 486 26.16 -12.55 3.72
CA ILE B 486 24.92 -13.05 4.27
C ILE B 486 23.81 -12.81 3.25
N ILE B 487 22.85 -13.74 3.20
CA ILE B 487 21.67 -13.56 2.37
C ILE B 487 20.97 -12.27 2.83
N ARG B 488 20.88 -11.30 1.92
CA ARG B 488 20.32 -10.01 2.25
C ARG B 488 18.90 -10.19 2.80
N SER B 489 18.60 -9.51 3.91
CA SER B 489 17.29 -9.57 4.52
C SER B 489 16.32 -8.71 3.71
N VAL B 490 15.80 -9.29 2.62
CA VAL B 490 14.87 -8.63 1.73
C VAL B 490 13.64 -9.52 1.60
N CYS B 491 12.45 -8.91 1.65
CA CYS B 491 11.21 -9.66 1.54
C CYS B 491 11.00 -10.13 0.10
N SER B 492 11.27 -9.24 -0.87
CA SER B 492 11.02 -9.51 -2.27
C SER B 492 12.25 -9.19 -3.10
N GLU B 493 12.53 -10.03 -4.10
CA GLU B 493 13.67 -9.82 -4.98
C GLU B 493 13.39 -8.61 -5.86
N PRO B 494 14.45 -7.92 -6.35
CA PRO B 494 14.25 -6.76 -7.23
C PRO B 494 13.44 -7.11 -8.47
N CYS B 495 12.24 -6.51 -8.57
CA CYS B 495 11.28 -6.87 -9.60
C CYS B 495 11.20 -5.79 -10.68
N GLU B 496 12.35 -5.22 -11.05
CA GLU B 496 12.41 -4.26 -12.16
C GLU B 496 12.70 -4.96 -13.49
N LYS B 497 12.38 -6.25 -13.60
CA LYS B 497 12.71 -7.03 -14.78
C LYS B 497 11.72 -6.72 -15.90
N GLY B 498 12.05 -5.69 -16.69
CA GLY B 498 11.30 -5.35 -17.89
C GLY B 498 9.87 -4.91 -17.63
N GLN B 499 8.90 -5.76 -17.99
CA GLN B 499 7.50 -5.38 -18.01
C GLN B 499 6.90 -5.37 -16.60
N ILE B 500 7.39 -6.26 -15.72
CA ILE B 500 6.70 -6.55 -14.48
C ILE B 500 6.68 -5.31 -13.58
N LYS B 501 5.51 -5.01 -13.02
CA LYS B 501 5.34 -3.93 -12.05
C LYS B 501 5.32 -4.51 -10.65
N VAL B 502 5.04 -3.65 -9.66
CA VAL B 502 5.06 -4.02 -8.26
C VAL B 502 3.75 -3.57 -7.61
N ILE B 503 3.08 -4.49 -6.90
CA ILE B 503 1.87 -4.14 -6.19
C ILE B 503 2.00 -4.59 -4.73
N ARG B 504 1.44 -3.78 -3.82
CA ARG B 504 1.54 -4.03 -2.39
C ARG B 504 0.17 -4.42 -1.85
N LYS B 505 0.14 -5.47 -1.02
CA LYS B 505 -1.11 -6.05 -0.54
C LYS B 505 -1.44 -5.57 0.87
N GLY B 506 -1.09 -4.32 1.21
CA GLY B 506 -1.53 -3.74 2.47
C GLY B 506 -0.51 -3.94 3.61
N GLU B 507 0.28 -5.02 3.53
CA GLU B 507 1.27 -5.29 4.57
C GLU B 507 2.51 -4.42 4.32
N VAL B 508 3.61 -4.77 4.98
CA VAL B 508 4.82 -3.98 4.94
C VAL B 508 5.19 -3.66 3.50
N SER B 509 5.52 -2.38 3.23
CA SER B 509 5.64 -1.87 1.87
C SER B 509 6.87 -2.42 1.15
N CYS B 510 7.61 -3.33 1.82
CA CYS B 510 8.73 -4.01 1.20
C CYS B 510 8.37 -5.42 0.73
N CYS B 511 7.23 -5.95 1.16
CA CYS B 511 6.74 -7.24 0.69
C CYS B 511 5.70 -7.02 -0.39
N TRP B 512 6.15 -7.11 -1.66
CA TRP B 512 5.29 -6.85 -2.80
C TRP B 512 5.12 -8.11 -3.64
N THR B 513 4.13 -8.06 -4.53
CA THR B 513 3.94 -9.10 -5.52
C THR B 513 4.14 -8.52 -6.93
N CYS B 514 4.55 -9.41 -7.83
CA CYS B 514 5.01 -9.04 -9.16
C CYS B 514 3.95 -9.43 -10.18
N THR B 515 3.43 -8.43 -10.90
CA THR B 515 2.49 -8.66 -11.98
C THR B 515 3.01 -7.99 -13.25
N PRO B 516 3.20 -8.73 -14.35
CA PRO B 516 3.56 -8.10 -15.62
C PRO B 516 2.32 -7.55 -16.30
N CYS B 517 2.38 -6.27 -16.69
CA CYS B 517 1.23 -5.63 -17.31
C CYS B 517 1.41 -5.57 -18.83
N LYS B 518 0.32 -5.23 -19.52
CA LYS B 518 0.15 -5.50 -20.93
C LYS B 518 1.15 -4.69 -21.76
N GLU B 519 1.46 -5.23 -22.94
CA GLU B 519 2.43 -4.63 -23.87
C GLU B 519 1.97 -3.26 -24.37
N ASN B 520 0.66 -3.00 -24.31
CA ASN B 520 0.13 -1.69 -24.67
C ASN B 520 0.70 -0.62 -23.73
N GLU B 521 0.77 -0.93 -22.44
CA GLU B 521 1.16 0.04 -21.43
C GLU B 521 2.66 -0.02 -21.17
N TYR B 522 3.20 1.06 -20.58
CA TYR B 522 4.57 1.12 -20.11
C TYR B 522 4.56 1.64 -18.68
N VAL B 523 5.61 1.32 -17.93
CA VAL B 523 5.67 1.68 -16.52
C VAL B 523 5.85 3.19 -16.39
N PHE B 524 5.05 3.81 -15.53
CA PHE B 524 5.16 5.23 -15.23
C PHE B 524 5.91 5.45 -13.92
N ASP B 525 5.70 4.56 -12.95
CA ASP B 525 6.44 4.54 -11.71
C ASP B 525 6.73 3.08 -11.38
N GLU B 526 7.14 2.78 -10.15
CA GLU B 526 7.40 1.40 -9.77
C GLU B 526 6.11 0.64 -9.45
N TYR B 527 5.00 1.36 -9.22
CA TYR B 527 3.77 0.71 -8.78
C TYR B 527 2.62 0.85 -9.78
N THR B 528 2.78 1.66 -10.83
CA THR B 528 1.75 1.82 -11.83
C THR B 528 2.37 1.79 -13.23
N CYS B 529 1.64 1.21 -14.18
CA CYS B 529 1.98 1.30 -15.58
C CYS B 529 0.76 1.84 -16.33
N LYS B 530 0.98 2.83 -17.20
CA LYS B 530 -0.09 3.49 -17.91
C LYS B 530 0.05 3.29 -19.42
N ALA B 531 -1.07 3.50 -20.12
CA ALA B 531 -1.12 3.32 -21.56
C ALA B 531 -0.67 4.61 -22.27
N CYS B 532 -0.06 4.42 -23.44
CA CYS B 532 0.35 5.53 -24.28
C CYS B 532 -0.87 6.11 -24.99
N GLN B 533 -0.64 7.08 -25.88
CA GLN B 533 -1.71 7.70 -26.63
C GLN B 533 -2.34 6.68 -27.59
N LEU B 534 -3.36 7.11 -28.32
CA LEU B 534 -4.08 6.20 -29.20
C LEU B 534 -3.14 5.62 -30.26
N GLY B 535 -2.36 6.49 -30.91
CA GLY B 535 -1.28 6.04 -31.78
C GLY B 535 0.08 6.26 -31.14
N SER B 536 0.65 5.21 -30.55
CA SER B 536 1.94 5.26 -29.89
C SER B 536 2.26 3.87 -29.36
N TRP B 537 3.56 3.64 -29.12
CA TRP B 537 4.02 2.37 -28.58
C TRP B 537 5.09 2.64 -27.53
N PRO B 538 5.14 1.82 -26.45
CA PRO B 538 6.25 1.92 -25.50
C PRO B 538 7.57 1.56 -26.15
N THR B 539 8.64 2.19 -25.69
CA THR B 539 9.97 1.94 -26.21
C THR B 539 10.54 0.67 -25.59
N ASP B 540 11.80 0.37 -25.90
CA ASP B 540 12.45 -0.81 -25.34
C ASP B 540 12.60 -0.65 -23.83
N ASP B 541 12.38 -1.75 -23.11
CA ASP B 541 12.43 -1.82 -21.66
C ASP B 541 11.37 -0.94 -20.98
N LEU B 542 10.46 -0.38 -21.78
CA LEU B 542 9.33 0.42 -21.30
C LEU B 542 9.80 1.58 -20.42
N THR B 543 10.96 2.15 -20.75
CA THR B 543 11.46 3.31 -20.02
C THR B 543 10.55 4.51 -20.26
N GLY B 544 10.10 4.69 -21.50
CA GLY B 544 9.19 5.77 -21.86
C GLY B 544 8.24 5.34 -22.96
N CYS B 545 7.90 6.27 -23.86
CA CYS B 545 7.01 5.98 -24.97
C CYS B 545 7.53 6.68 -26.23
N ASP B 546 7.20 6.10 -27.39
CA ASP B 546 7.61 6.65 -28.67
C ASP B 546 6.39 6.75 -29.59
N LEU B 547 6.63 7.18 -30.82
CA LEU B 547 5.59 7.30 -31.83
C LEU B 547 5.79 6.22 -32.88
N ILE B 548 4.73 5.47 -33.19
CA ILE B 548 4.82 4.41 -34.18
C ILE B 548 5.04 5.06 -35.55
N PRO B 549 6.01 4.57 -36.35
CA PRO B 549 6.20 5.11 -37.69
C PRO B 549 4.96 4.88 -38.56
N VAL B 550 4.64 5.88 -39.39
CA VAL B 550 3.49 5.81 -40.27
C VAL B 550 3.92 5.09 -41.54
N GLN B 551 3.43 3.86 -41.73
CA GLN B 551 3.72 3.11 -42.93
C GLN B 551 2.63 3.40 -43.96
N TYR B 552 3.05 3.98 -45.08
CA TYR B 552 2.13 4.42 -46.12
C TYR B 552 2.16 3.44 -47.28
N LEU B 553 1.22 3.61 -48.21
CA LEU B 553 1.25 2.84 -49.44
C LEU B 553 2.38 3.36 -50.33
N ARG B 554 3.39 2.51 -50.56
CA ARG B 554 4.59 2.92 -51.26
C ARG B 554 4.39 2.83 -52.76
N TRP B 555 5.17 3.63 -53.50
CA TRP B 555 5.24 3.53 -54.95
C TRP B 555 5.77 2.17 -55.37
N GLY B 556 6.52 1.49 -54.49
CA GLY B 556 6.94 0.13 -54.72
C GLY B 556 5.81 -0.85 -54.40
N ASP B 557 6.16 -1.96 -53.72
CA ASP B 557 5.19 -2.94 -53.26
C ASP B 557 4.55 -3.67 -54.44
N PRO B 558 4.11 -4.94 -54.27
CA PRO B 558 3.56 -5.69 -55.40
C PRO B 558 2.30 -5.09 -56.01
N GLU B 559 1.29 -4.83 -55.19
CA GLU B 559 -0.02 -4.43 -55.70
C GLU B 559 0.06 -3.05 -56.34
N PRO B 560 0.65 -2.01 -55.73
CA PRO B 560 0.81 -0.73 -56.41
C PRO B 560 1.57 -0.78 -57.74
N ILE B 561 2.63 -1.59 -57.85
CA ILE B 561 3.36 -1.65 -59.10
C ILE B 561 2.51 -2.36 -60.15
N ALA B 562 1.75 -3.38 -59.74
CA ALA B 562 0.81 -4.02 -60.66
C ALA B 562 -0.24 -3.00 -61.14
N ALA B 563 -0.71 -2.15 -60.23
CA ALA B 563 -1.73 -1.16 -60.56
C ALA B 563 -1.17 -0.14 -61.55
N VAL B 564 0.07 0.31 -61.34
CA VAL B 564 0.64 1.30 -62.24
C VAL B 564 0.95 0.65 -63.60
N VAL B 565 1.28 -0.64 -63.62
CA VAL B 565 1.44 -1.36 -64.87
C VAL B 565 0.11 -1.37 -65.64
N PHE B 566 -0.98 -1.65 -64.92
CA PHE B 566 -2.31 -1.63 -65.51
C PHE B 566 -2.63 -0.26 -66.09
N ALA B 567 -2.31 0.80 -65.32
CA ALA B 567 -2.55 2.16 -65.74
C ALA B 567 -1.74 2.50 -67.00
N CYS B 568 -0.50 2.00 -67.07
CA CYS B 568 0.35 2.21 -68.24
C CYS B 568 -0.25 1.56 -69.49
N LEU B 569 -0.72 0.31 -69.33
CA LEU B 569 -1.36 -0.40 -70.43
C LEU B 569 -2.58 0.40 -70.90
N GLY B 570 -3.35 0.90 -69.92
CA GLY B 570 -4.53 1.70 -70.21
C GLY B 570 -4.21 2.97 -70.98
N LEU B 571 -3.18 3.71 -70.54
CA LEU B 571 -2.79 4.94 -71.22
C LEU B 571 -2.36 4.64 -72.65
N LEU B 572 -1.62 3.54 -72.84
CA LEU B 572 -1.21 3.15 -74.19
C LEU B 572 -2.44 2.89 -75.06
N ALA B 573 -3.45 2.20 -74.50
CA ALA B 573 -4.69 1.95 -75.22
C ALA B 573 -5.38 3.25 -75.60
N THR B 574 -5.47 4.19 -74.64
CA THR B 574 -6.17 5.45 -74.89
C THR B 574 -5.47 6.25 -75.99
N LEU B 575 -4.14 6.33 -75.92
CA LEU B 575 -3.41 7.11 -76.92
C LEU B 575 -3.51 6.45 -78.29
N PHE B 576 -3.47 5.12 -78.34
CA PHE B 576 -3.62 4.41 -79.60
C PHE B 576 -4.99 4.68 -80.21
N VAL B 577 -6.05 4.62 -79.39
CA VAL B 577 -7.39 4.82 -79.90
C VAL B 577 -7.58 6.28 -80.35
N THR B 578 -7.00 7.22 -79.60
CA THR B 578 -7.07 8.62 -79.99
C THR B 578 -6.36 8.85 -81.33
N VAL B 579 -5.20 8.21 -81.52
CA VAL B 579 -4.46 8.36 -82.76
C VAL B 579 -5.28 7.78 -83.92
N VAL B 580 -5.86 6.60 -83.70
CA VAL B 580 -6.61 5.94 -84.77
C VAL B 580 -7.87 6.75 -85.09
N PHE B 581 -8.43 7.44 -84.10
CA PHE B 581 -9.57 8.31 -84.37
C PHE B 581 -9.14 9.55 -85.17
N ILE B 582 -7.99 10.14 -84.80
CA ILE B 582 -7.51 11.34 -85.48
C ILE B 582 -7.14 11.04 -86.94
N ILE B 583 -6.63 9.83 -87.20
CA ILE B 583 -6.32 9.43 -88.57
C ILE B 583 -7.60 9.39 -89.41
N TYR B 584 -8.65 8.79 -88.86
CA TYR B 584 -9.92 8.63 -89.56
C TYR B 584 -10.97 9.52 -88.92
N ARG B 585 -11.04 10.77 -89.38
CA ARG B 585 -11.94 11.77 -88.81
C ARG B 585 -13.29 11.76 -89.53
N ASP B 586 -13.27 11.97 -90.85
CA ASP B 586 -14.49 12.20 -91.63
C ASP B 586 -14.88 10.98 -92.46
N THR B 587 -14.36 9.80 -92.13
CA THR B 587 -14.73 8.60 -92.86
C THR B 587 -16.16 8.22 -92.50
N PRO B 588 -16.95 7.72 -93.46
CA PRO B 588 -18.31 7.25 -93.16
C PRO B 588 -18.42 6.20 -92.06
N VAL B 589 -17.44 5.30 -91.97
CA VAL B 589 -17.46 4.26 -90.96
C VAL B 589 -17.25 4.84 -89.57
N VAL B 590 -16.77 6.09 -89.48
CA VAL B 590 -16.61 6.77 -88.21
C VAL B 590 -17.73 7.80 -88.00
N LYS B 591 -18.00 8.60 -89.03
CA LYS B 591 -18.98 9.68 -88.94
C LYS B 591 -20.39 9.09 -88.93
N SER B 592 -20.78 8.55 -87.76
CA SER B 592 -22.12 8.00 -87.56
C SER B 592 -22.87 8.83 -86.53
N SER B 593 -22.30 8.99 -85.33
CA SER B 593 -22.88 9.82 -84.28
C SER B 593 -22.07 11.10 -84.17
N SER B 594 -22.39 11.92 -83.15
CA SER B 594 -21.62 13.12 -82.86
C SER B 594 -20.18 12.74 -82.54
N ARG B 595 -19.23 13.35 -83.25
CA ARG B 595 -17.83 13.03 -83.07
C ARG B 595 -17.30 13.61 -81.76
N GLU B 596 -17.95 14.65 -81.24
CA GLU B 596 -17.46 15.29 -80.03
C GLU B 596 -17.78 14.44 -78.80
N LEU B 597 -18.93 13.77 -78.79
CA LEU B 597 -19.23 12.78 -77.74
C LEU B 597 -18.14 11.70 -77.72
N CYS B 598 -17.80 11.20 -78.92
CA CYS B 598 -16.69 10.28 -79.09
C CYS B 598 -15.37 11.05 -79.18
N TYR B 599 -15.23 12.07 -78.31
CA TYR B 599 -13.99 12.71 -77.92
C TYR B 599 -13.97 12.87 -76.40
N ILE B 600 -15.11 13.25 -75.80
CA ILE B 600 -15.19 13.40 -74.36
C ILE B 600 -15.21 12.03 -73.68
N ILE B 601 -15.69 10.99 -74.36
CA ILE B 601 -15.63 9.65 -73.78
C ILE B 601 -14.17 9.26 -73.56
N LEU B 602 -13.32 9.48 -74.57
CA LEU B 602 -11.90 9.17 -74.43
C LEU B 602 -11.25 10.13 -73.42
N ALA B 603 -11.72 11.38 -73.36
CA ALA B 603 -11.20 12.32 -72.36
C ALA B 603 -11.41 11.76 -70.95
N GLY B 604 -12.64 11.28 -70.68
CA GLY B 604 -12.96 10.68 -69.41
C GLY B 604 -12.14 9.41 -69.15
N ILE B 605 -11.94 8.60 -70.19
CA ILE B 605 -11.16 7.37 -70.07
C ILE B 605 -9.74 7.71 -69.65
N CYS B 606 -9.14 8.73 -70.29
CA CYS B 606 -7.79 9.16 -69.97
C CYS B 606 -7.73 9.68 -68.53
N LEU B 607 -8.74 10.46 -68.14
CA LEU B 607 -8.74 11.08 -66.82
C LEU B 607 -8.84 9.99 -65.74
N GLY B 608 -9.56 8.91 -66.01
CA GLY B 608 -9.67 7.81 -65.05
C GLY B 608 -8.30 7.21 -64.70
N TYR B 609 -7.49 6.93 -65.72
CA TYR B 609 -6.17 6.39 -65.49
C TYR B 609 -5.22 7.42 -64.89
N LEU B 610 -5.42 8.70 -65.24
CA LEU B 610 -4.69 9.77 -64.56
C LEU B 610 -5.01 9.73 -63.06
N CYS B 611 -6.27 9.47 -62.72
CA CYS B 611 -6.68 9.33 -61.33
C CYS B 611 -6.02 8.12 -60.68
N THR B 612 -5.91 7.01 -61.43
CA THR B 612 -5.23 5.83 -60.94
C THR B 612 -3.80 6.17 -60.54
N PHE B 613 -3.12 6.96 -61.37
CA PHE B 613 -1.77 7.39 -61.04
C PHE B 613 -1.76 8.32 -59.82
N CYS B 614 -2.69 9.27 -59.79
CA CYS B 614 -2.72 10.29 -58.73
C CYS B 614 -3.05 9.68 -57.37
N LEU B 615 -3.73 8.52 -57.35
CA LEU B 615 -4.29 7.98 -56.12
C LEU B 615 -3.19 7.30 -55.30
N ILE B 616 -2.51 6.32 -55.89
CA ILE B 616 -1.44 5.61 -55.21
C ILE B 616 -0.22 6.51 -55.13
N ALA B 617 -0.08 7.19 -53.98
CA ALA B 617 0.95 8.20 -53.81
C ALA B 617 1.00 8.60 -52.34
N LYS B 618 2.00 9.42 -52.01
CA LYS B 618 2.08 9.99 -50.67
C LYS B 618 0.87 10.90 -50.47
N PRO B 619 0.07 10.71 -49.41
CA PRO B 619 -1.09 11.58 -49.17
C PRO B 619 -0.67 13.01 -48.81
N LYS B 620 -0.85 13.92 -49.77
CA LYS B 620 -0.52 15.33 -49.59
C LYS B 620 -1.78 16.15 -49.82
N GLN B 621 -1.65 17.48 -49.71
CA GLN B 621 -2.78 18.37 -49.88
C GLN B 621 -3.31 18.31 -51.31
N ILE B 622 -2.42 18.48 -52.30
CA ILE B 622 -2.86 18.64 -53.68
C ILE B 622 -3.43 17.32 -54.20
N TYR B 623 -2.67 16.24 -54.04
CA TYR B 623 -3.08 14.93 -54.54
C TYR B 623 -4.43 14.52 -53.98
N CYS B 624 -4.73 14.91 -52.75
CA CYS B 624 -5.84 14.31 -52.06
C CYS B 624 -7.18 14.84 -52.57
N TYR B 625 -7.22 16.11 -52.99
CA TYR B 625 -8.42 16.60 -53.65
C TYR B 625 -8.37 16.33 -55.15
N LEU B 626 -7.18 16.22 -55.73
CA LEU B 626 -7.08 15.88 -57.15
C LEU B 626 -7.71 14.51 -57.39
N GLN B 627 -7.36 13.53 -56.56
CA GLN B 627 -7.88 12.18 -56.72
C GLN B 627 -9.38 12.16 -56.51
N ARG B 628 -9.90 12.94 -55.55
CA ARG B 628 -11.32 12.92 -55.25
C ARG B 628 -12.11 13.51 -56.41
N ILE B 629 -11.70 14.67 -56.91
CA ILE B 629 -12.40 15.31 -58.00
C ILE B 629 -12.31 14.43 -59.25
N GLY B 630 -11.17 13.77 -59.44
CA GLY B 630 -11.01 12.86 -60.56
C GLY B 630 -11.97 11.68 -60.50
N ILE B 631 -12.05 11.01 -59.35
CA ILE B 631 -12.95 9.88 -59.19
C ILE B 631 -14.39 10.34 -59.42
N GLY B 632 -14.73 11.52 -58.90
CA GLY B 632 -16.08 12.05 -59.09
C GLY B 632 -16.41 12.38 -60.54
N LEU B 633 -15.41 12.83 -61.30
CA LEU B 633 -15.67 13.49 -62.58
C LEU B 633 -15.45 12.57 -63.79
N SER B 634 -14.47 11.66 -63.72
CA SER B 634 -14.10 10.87 -64.89
C SER B 634 -15.21 9.90 -65.32
N PRO B 635 -15.60 8.90 -64.48
CA PRO B 635 -16.58 7.92 -64.95
C PRO B 635 -17.92 8.58 -65.26
N ALA B 636 -18.27 9.63 -64.51
CA ALA B 636 -19.48 10.39 -64.77
C ALA B 636 -19.46 10.99 -66.17
N MET B 637 -18.35 11.66 -66.52
CA MET B 637 -18.23 12.27 -67.83
C MET B 637 -18.36 11.20 -68.92
N SER B 638 -17.57 10.13 -68.80
CA SER B 638 -17.53 9.10 -69.85
C SER B 638 -18.89 8.44 -70.03
N TYR B 639 -19.54 8.07 -68.92
CA TYR B 639 -20.80 7.35 -69.00
C TYR B 639 -21.94 8.28 -69.39
N SER B 640 -21.85 9.56 -69.02
CA SER B 640 -22.82 10.56 -69.50
C SER B 640 -22.71 10.71 -71.01
N ALA B 641 -21.48 10.70 -71.54
CA ALA B 641 -21.28 10.73 -72.99
C ALA B 641 -21.90 9.49 -73.64
N LEU B 642 -21.71 8.32 -73.02
CA LEU B 642 -22.28 7.10 -73.56
C LEU B 642 -23.81 7.16 -73.55
N VAL B 643 -24.39 7.70 -72.47
CA VAL B 643 -25.84 7.79 -72.37
C VAL B 643 -26.40 8.76 -73.42
N THR B 644 -25.74 9.91 -73.57
CA THR B 644 -26.22 10.92 -74.50
C THR B 644 -25.88 10.56 -75.95
N LYS B 645 -25.12 9.48 -76.17
CA LYS B 645 -25.00 8.89 -77.48
C LYS B 645 -26.15 7.90 -77.71
N THR B 646 -26.32 6.96 -76.77
CA THR B 646 -27.32 5.91 -76.94
C THR B 646 -28.74 6.49 -76.99
N ASN B 647 -28.96 7.64 -76.35
CA ASN B 647 -30.30 8.21 -76.30
C ASN B 647 -30.81 8.51 -77.72
N ARG B 648 -30.03 9.25 -78.49
CA ARG B 648 -30.37 9.48 -79.88
C ARG B 648 -30.35 8.16 -80.65
N ILE B 649 -29.32 7.33 -80.42
CA ILE B 649 -29.14 6.13 -81.23
C ILE B 649 -30.39 5.25 -81.22
N ALA B 650 -31.05 5.13 -80.07
CA ALA B 650 -32.20 4.22 -80.04
C ALA B 650 -33.51 4.99 -80.15
N ARG B 651 -33.55 6.28 -79.82
CA ARG B 651 -34.79 7.02 -80.00
C ARG B 651 -35.07 7.29 -81.48
N ILE B 652 -34.04 7.29 -82.32
CA ILE B 652 -34.26 7.48 -83.75
C ILE B 652 -35.06 6.31 -84.31
N LEU B 653 -34.79 5.09 -83.84
CA LEU B 653 -35.51 3.91 -84.30
C LEU B 653 -36.78 3.63 -83.51
N ALA B 654 -36.88 4.13 -82.27
CA ALA B 654 -38.08 3.94 -81.48
C ALA B 654 -39.30 4.60 -82.14
N GLY B 655 -39.09 5.80 -82.68
CA GLY B 655 -40.14 6.53 -83.39
C GLY B 655 -40.14 6.20 -84.87
N MET B 668 -34.76 17.73 -80.89
CA MET B 668 -33.59 17.36 -80.04
C MET B 668 -32.50 16.77 -80.93
N SER B 669 -31.56 16.04 -80.30
CA SER B 669 -30.48 15.36 -80.99
C SER B 669 -29.62 16.36 -81.77
N ALA B 670 -29.91 16.50 -83.06
CA ALA B 670 -29.08 17.28 -83.99
C ALA B 670 -27.62 16.86 -83.86
N CYS B 671 -26.78 17.77 -83.37
CA CYS B 671 -25.38 17.47 -83.09
C CYS B 671 -24.98 18.04 -81.74
N ALA B 672 -25.86 18.87 -81.15
CA ALA B 672 -25.55 19.61 -79.94
C ALA B 672 -25.91 18.81 -78.68
N GLN B 673 -26.05 17.49 -78.79
CA GLN B 673 -26.25 16.66 -77.60
C GLN B 673 -25.06 16.77 -76.65
N LEU B 674 -23.90 17.21 -77.15
CA LEU B 674 -22.76 17.52 -76.29
C LEU B 674 -23.17 18.49 -75.17
N VAL B 675 -24.05 19.44 -75.48
CA VAL B 675 -24.55 20.34 -74.46
C VAL B 675 -25.40 19.57 -73.45
N ILE B 676 -26.33 18.75 -73.96
CA ILE B 676 -27.29 18.08 -73.09
C ILE B 676 -26.56 17.13 -72.14
N ALA B 677 -25.38 16.66 -72.55
CA ALA B 677 -24.51 15.92 -71.64
C ALA B 677 -23.81 16.89 -70.69
N PHE B 678 -23.11 17.88 -71.25
CA PHE B 678 -22.28 18.79 -70.44
C PHE B 678 -23.05 19.34 -69.25
N ILE B 679 -24.26 19.85 -69.48
CA ILE B 679 -25.04 20.44 -68.41
C ILE B 679 -25.22 19.46 -67.26
N LEU B 680 -25.63 18.22 -67.54
CA LEU B 680 -25.77 17.24 -66.47
C LEU B 680 -24.40 16.92 -65.88
N ILE B 681 -23.37 16.85 -66.72
CA ILE B 681 -22.00 16.71 -66.25
C ILE B 681 -21.66 17.88 -65.31
N CYS B 682 -22.06 19.09 -65.71
CA CYS B 682 -21.88 20.25 -64.85
C CYS B 682 -22.58 20.03 -63.51
N ILE B 683 -23.83 19.53 -63.57
CA ILE B 683 -24.54 19.15 -62.35
C ILE B 683 -23.67 18.19 -61.54
N GLN B 684 -23.14 17.17 -62.22
CA GLN B 684 -22.22 16.24 -61.59
C GLN B 684 -21.11 17.02 -60.89
N LEU B 685 -20.41 17.88 -61.64
CA LEU B 685 -19.36 18.72 -61.05
C LEU B 685 -19.91 19.45 -59.83
N GLY B 686 -21.05 20.11 -60.00
CA GLY B 686 -21.65 20.89 -58.93
C GLY B 686 -21.78 20.09 -57.63
N ILE B 687 -22.25 18.85 -57.76
CA ILE B 687 -22.55 18.07 -56.57
C ILE B 687 -21.25 17.76 -55.82
N ILE B 688 -20.16 17.47 -56.53
CA ILE B 688 -18.88 17.27 -55.87
C ILE B 688 -18.41 18.56 -55.23
N VAL B 689 -18.67 19.71 -55.85
CA VAL B 689 -18.40 20.97 -55.20
C VAL B 689 -19.11 21.01 -53.85
N ALA B 690 -20.40 20.62 -53.84
CA ALA B 690 -21.16 20.55 -52.61
C ALA B 690 -20.50 19.60 -51.61
N LEU B 691 -19.95 18.48 -52.12
CA LEU B 691 -19.28 17.54 -51.24
C LEU B 691 -17.89 18.06 -50.85
N PHE B 692 -17.24 18.83 -51.73
CA PHE B 692 -15.88 19.27 -51.48
C PHE B 692 -15.87 20.32 -50.35
N ILE B 693 -16.79 21.30 -50.45
CA ILE B 693 -16.73 22.47 -49.58
C ILE B 693 -16.85 22.07 -48.10
N MET B 694 -17.56 20.98 -47.82
CA MET B 694 -17.80 20.57 -46.45
C MET B 694 -16.54 19.93 -45.85
N GLU B 695 -15.82 19.12 -46.66
CA GLU B 695 -14.66 18.39 -46.17
C GLU B 695 -13.40 18.89 -46.87
N PRO B 696 -12.50 19.60 -46.16
CA PRO B 696 -11.25 20.05 -46.78
C PRO B 696 -10.34 18.85 -47.05
N PRO B 697 -9.40 18.96 -48.01
CA PRO B 697 -8.54 17.83 -48.38
C PRO B 697 -7.39 17.62 -47.39
N ASP B 698 -7.75 17.27 -46.17
CA ASP B 698 -6.78 17.04 -45.10
C ASP B 698 -6.44 15.55 -45.03
N ILE B 699 -5.70 15.18 -43.99
CA ILE B 699 -5.30 13.79 -43.77
C ILE B 699 -5.61 13.45 -42.31
N MET B 700 -6.40 12.40 -42.11
CA MET B 700 -6.50 11.83 -40.77
C MET B 700 -5.43 10.77 -40.60
N HIS B 701 -5.13 10.47 -39.34
CA HIS B 701 -4.27 9.34 -38.99
C HIS B 701 -5.15 8.21 -38.47
N ASP B 702 -5.60 7.36 -39.40
CA ASP B 702 -6.47 6.25 -39.05
C ASP B 702 -5.71 5.29 -38.14
N TYR B 703 -6.39 4.83 -37.08
CA TYR B 703 -5.83 3.87 -36.14
C TYR B 703 -6.72 2.64 -36.11
N PRO B 704 -6.49 1.64 -36.99
CA PRO B 704 -7.33 0.45 -36.99
C PRO B 704 -7.07 -0.43 -35.77
N SER B 705 -5.79 -0.56 -35.39
CA SER B 705 -5.41 -1.27 -34.17
C SER B 705 -4.41 -0.42 -33.38
N ILE B 706 -4.04 -0.90 -32.20
CA ILE B 706 -3.07 -0.21 -31.37
C ILE B 706 -1.66 -0.33 -31.97
N ARG B 707 -1.42 -1.37 -32.76
CA ARG B 707 -0.08 -1.67 -33.22
C ARG B 707 0.40 -0.69 -34.30
N GLU B 708 -0.47 -0.37 -35.26
CA GLU B 708 -0.05 0.33 -36.46
C GLU B 708 -0.86 1.61 -36.68
N VAL B 709 -0.25 2.51 -37.46
CA VAL B 709 -0.84 3.81 -37.76
C VAL B 709 -0.83 4.00 -39.27
N TYR B 710 -1.97 4.47 -39.81
CA TYR B 710 -2.11 4.72 -41.23
C TYR B 710 -2.63 6.13 -41.46
N LEU B 711 -2.29 6.70 -42.63
CA LEU B 711 -2.78 7.99 -43.05
C LEU B 711 -3.48 7.86 -44.40
N ILE B 712 -4.61 8.56 -44.53
CA ILE B 712 -5.44 8.50 -45.73
C ILE B 712 -6.06 9.88 -45.96
N CYS B 713 -6.80 10.00 -47.07
CA CYS B 713 -7.52 11.22 -47.37
C CYS B 713 -8.67 11.47 -46.40
N ASN B 714 -9.22 12.67 -46.52
CA ASN B 714 -10.33 13.17 -45.74
C ASN B 714 -11.68 12.64 -46.23
N THR B 715 -11.67 11.65 -47.12
CA THR B 715 -12.91 11.08 -47.62
C THR B 715 -13.64 10.37 -46.50
N THR B 716 -14.96 10.58 -46.46
CA THR B 716 -15.83 9.94 -45.47
C THR B 716 -16.92 9.18 -46.19
N ASN B 717 -17.79 8.50 -45.42
CA ASN B 717 -18.88 7.74 -45.98
C ASN B 717 -19.84 8.66 -46.72
N LEU B 718 -20.18 9.80 -46.11
CA LEU B 718 -21.08 10.75 -46.71
C LEU B 718 -20.44 11.41 -47.93
N GLY B 719 -19.14 11.70 -47.84
CA GLY B 719 -18.42 12.39 -48.91
C GLY B 719 -18.14 11.49 -50.12
N VAL B 720 -18.28 10.16 -49.97
CA VAL B 720 -17.92 9.25 -51.04
C VAL B 720 -19.14 8.46 -51.54
N VAL B 721 -20.22 8.37 -50.77
CA VAL B 721 -21.38 7.60 -51.21
C VAL B 721 -22.29 8.42 -52.14
N ALA B 722 -22.18 9.75 -52.12
CA ALA B 722 -23.01 10.58 -52.97
C ALA B 722 -22.55 10.54 -54.43
N PRO B 723 -21.26 10.79 -54.76
CA PRO B 723 -20.84 10.70 -56.16
C PRO B 723 -21.02 9.30 -56.73
N LEU B 724 -20.76 8.28 -55.91
CA LEU B 724 -20.99 6.91 -56.33
C LEU B 724 -22.49 6.65 -56.51
N GLY B 725 -23.33 7.27 -55.69
CA GLY B 725 -24.77 7.16 -55.86
C GLY B 725 -25.25 7.74 -57.19
N TYR B 726 -24.74 8.94 -57.53
CA TYR B 726 -25.08 9.57 -58.78
C TYR B 726 -24.58 8.74 -59.96
N ASN B 727 -23.35 8.25 -59.87
CA ASN B 727 -22.79 7.38 -60.90
C ASN B 727 -23.62 6.12 -61.05
N GLY B 728 -24.10 5.55 -59.93
CA GLY B 728 -24.91 4.35 -59.98
C GLY B 728 -26.26 4.62 -60.64
N LEU B 729 -26.86 5.79 -60.38
CA LEU B 729 -28.10 6.14 -61.04
C LEU B 729 -27.87 6.26 -62.55
N LEU B 730 -26.75 6.87 -62.95
CA LEU B 730 -26.40 6.96 -64.37
C LEU B 730 -26.23 5.54 -64.95
N ILE B 731 -25.58 4.66 -64.19
CA ILE B 731 -25.35 3.29 -64.62
C ILE B 731 -26.69 2.58 -64.83
N LEU B 732 -27.64 2.79 -63.91
CA LEU B 732 -28.94 2.15 -64.01
C LEU B 732 -29.67 2.64 -65.25
N ALA B 733 -29.62 3.95 -65.53
CA ALA B 733 -30.25 4.48 -66.74
C ALA B 733 -29.62 3.87 -67.99
N CYS B 734 -28.29 3.80 -68.00
CA CYS B 734 -27.58 3.28 -69.15
C CYS B 734 -27.88 1.79 -69.36
N THR B 735 -28.03 1.04 -68.28
CA THR B 735 -28.33 -0.38 -68.39
C THR B 735 -29.75 -0.59 -68.91
N PHE B 736 -30.72 0.16 -68.33
CA PHE B 736 -32.08 0.13 -68.82
C PHE B 736 -32.12 0.39 -70.32
N TYR B 737 -31.31 1.33 -70.79
CA TYR B 737 -31.49 1.78 -72.15
C TYR B 737 -30.68 0.91 -73.12
N ALA B 738 -29.57 0.36 -72.65
CA ALA B 738 -28.87 -0.67 -73.41
C ALA B 738 -29.78 -1.88 -73.59
N PHE B 739 -30.63 -2.14 -72.59
CA PHE B 739 -31.68 -3.15 -72.73
C PHE B 739 -32.71 -2.71 -73.77
N LYS B 740 -33.06 -1.41 -73.77
CA LYS B 740 -33.99 -0.90 -74.76
C LYS B 740 -33.50 -1.14 -76.19
N THR B 741 -32.22 -0.86 -76.45
CA THR B 741 -31.69 -0.97 -77.81
C THR B 741 -31.27 -2.41 -78.11
N ARG B 742 -30.50 -3.02 -77.18
CA ARG B 742 -29.86 -4.32 -77.37
C ARG B 742 -29.43 -4.59 -78.82
N ASN B 743 -30.28 -5.29 -79.57
CA ASN B 743 -29.94 -5.76 -80.90
C ASN B 743 -30.63 -4.86 -81.93
N VAL B 744 -29.83 -4.08 -82.66
CA VAL B 744 -30.33 -3.26 -83.74
C VAL B 744 -29.38 -3.38 -84.92
N PRO B 745 -29.87 -3.33 -86.18
CA PRO B 745 -28.97 -3.31 -87.33
C PRO B 745 -28.34 -1.93 -87.54
N ALA B 746 -27.04 -1.83 -87.26
CA ALA B 746 -26.30 -0.59 -87.43
C ALA B 746 -24.95 -0.90 -88.08
N ASN B 747 -24.11 0.12 -88.17
CA ASN B 747 -22.78 -0.01 -88.74
C ASN B 747 -21.91 -0.82 -87.78
N PHE B 748 -21.72 -2.11 -88.12
CA PHE B 748 -20.81 -3.00 -87.43
C PHE B 748 -21.23 -3.25 -85.97
N ASN B 749 -22.51 -3.04 -85.66
CA ASN B 749 -23.14 -3.61 -84.48
C ASN B 749 -22.44 -3.16 -83.19
N GLU B 750 -22.53 -1.86 -82.91
CA GLU B 750 -21.95 -1.31 -81.69
C GLU B 750 -22.85 -1.59 -80.48
N ALA B 751 -24.18 -1.65 -80.71
CA ALA B 751 -25.14 -1.58 -79.62
C ALA B 751 -25.03 -2.80 -78.71
N LYS B 752 -24.94 -4.00 -79.29
CA LYS B 752 -24.90 -5.21 -78.47
C LYS B 752 -23.63 -5.25 -77.64
N TYR B 753 -22.50 -4.84 -78.23
CA TYR B 753 -21.22 -4.90 -77.54
C TYR B 753 -21.19 -3.88 -76.40
N ILE B 754 -21.71 -2.67 -76.64
CA ILE B 754 -21.74 -1.68 -75.57
C ILE B 754 -22.71 -2.13 -74.47
N ALA B 755 -23.81 -2.80 -74.84
CA ALA B 755 -24.73 -3.32 -73.85
C ALA B 755 -24.05 -4.37 -72.97
N PHE B 756 -23.27 -5.27 -73.59
CA PHE B 756 -22.56 -6.28 -72.83
C PHE B 756 -21.53 -5.64 -71.90
N ALA B 757 -20.84 -4.61 -72.38
CA ALA B 757 -19.88 -3.89 -71.55
C ALA B 757 -20.58 -3.26 -70.35
N MET B 758 -21.75 -2.66 -70.58
CA MET B 758 -22.55 -2.08 -69.51
C MET B 758 -22.94 -3.15 -68.49
N TYR B 759 -23.37 -4.31 -68.99
CA TYR B 759 -23.78 -5.41 -68.13
C TYR B 759 -22.64 -5.82 -67.20
N THR B 760 -21.46 -6.06 -67.79
CA THR B 760 -20.33 -6.54 -67.00
C THR B 760 -19.85 -5.46 -66.03
N THR B 761 -19.85 -4.19 -66.47
CA THR B 761 -19.44 -3.10 -65.59
C THR B 761 -20.36 -3.00 -64.38
N CYS B 762 -21.66 -3.20 -64.58
CA CYS B 762 -22.63 -3.10 -63.51
C CYS B 762 -22.29 -4.02 -62.33
N ILE B 763 -21.63 -5.15 -62.60
CA ILE B 763 -21.32 -6.12 -61.54
C ILE B 763 -19.86 -6.00 -61.11
N ILE B 764 -18.99 -5.54 -62.02
CA ILE B 764 -17.62 -5.22 -61.63
C ILE B 764 -17.63 -4.13 -60.58
N TRP B 765 -18.53 -3.14 -60.71
CA TRP B 765 -18.70 -2.13 -59.69
C TRP B 765 -19.09 -2.75 -58.34
N LEU B 766 -19.99 -3.73 -58.36
CA LEU B 766 -20.57 -4.26 -57.14
C LEU B 766 -19.62 -5.25 -56.46
N ALA B 767 -18.67 -5.84 -57.19
CA ALA B 767 -17.83 -6.90 -56.64
C ALA B 767 -17.00 -6.41 -55.45
N PHE B 768 -16.43 -5.21 -55.55
CA PHE B 768 -15.50 -4.70 -54.55
C PHE B 768 -16.19 -4.03 -53.36
N VAL B 769 -17.52 -3.96 -53.36
CA VAL B 769 -18.23 -3.20 -52.34
C VAL B 769 -17.97 -3.74 -50.94
N PRO B 770 -18.06 -5.06 -50.67
CA PRO B 770 -17.77 -5.57 -49.34
C PRO B 770 -16.35 -5.28 -48.83
N ILE B 771 -15.37 -5.26 -49.73
CA ILE B 771 -13.98 -5.09 -49.32
C ILE B 771 -13.56 -3.64 -49.41
N TYR B 772 -14.53 -2.73 -49.57
CA TYR B 772 -14.25 -1.30 -49.59
C TYR B 772 -14.89 -0.60 -48.38
N PHE B 773 -16.20 -0.76 -48.21
CA PHE B 773 -16.92 -0.04 -47.16
C PHE B 773 -16.57 -0.64 -45.80
N GLY B 774 -15.61 -0.02 -45.12
CA GLY B 774 -15.17 -0.45 -43.81
C GLY B 774 -13.79 -1.07 -43.80
N SER B 775 -13.22 -1.35 -44.98
CA SER B 775 -11.89 -1.95 -45.08
C SER B 775 -10.80 -0.90 -44.89
N ASN B 776 -9.57 -1.30 -45.17
CA ASN B 776 -8.41 -0.46 -44.88
C ASN B 776 -7.57 -0.22 -46.14
N TYR B 777 -7.74 -1.08 -47.15
CA TYR B 777 -6.98 -0.97 -48.39
C TYR B 777 -7.85 -0.38 -49.50
N LYS B 778 -8.68 0.61 -49.18
CA LYS B 778 -9.64 1.17 -50.12
C LYS B 778 -8.97 1.93 -51.27
N ALA B 779 -7.65 2.14 -51.22
CA ALA B 779 -6.95 2.87 -52.26
C ALA B 779 -6.60 1.94 -53.43
N ILE B 780 -5.99 0.79 -53.12
CA ILE B 780 -5.64 -0.18 -54.14
C ILE B 780 -6.89 -0.71 -54.81
N THR B 781 -7.97 -0.89 -54.04
CA THR B 781 -9.23 -1.35 -54.60
C THR B 781 -9.81 -0.30 -55.55
N MET B 782 -9.69 0.99 -55.18
CA MET B 782 -10.15 2.04 -56.06
C MET B 782 -9.36 2.03 -57.37
N CYS B 783 -8.04 1.88 -57.27
CA CYS B 783 -7.21 1.85 -58.47
C CYS B 783 -7.61 0.69 -59.36
N PHE B 784 -7.77 -0.50 -58.77
CA PHE B 784 -8.13 -1.68 -59.53
C PHE B 784 -9.50 -1.54 -60.17
N SER B 785 -10.47 -1.02 -59.42
CA SER B 785 -11.83 -0.86 -59.93
C SER B 785 -11.84 0.09 -61.13
N VAL B 786 -11.16 1.23 -60.99
CA VAL B 786 -11.12 2.20 -62.07
C VAL B 786 -10.42 1.60 -63.28
N SER B 787 -9.31 0.88 -63.07
CA SER B 787 -8.56 0.29 -64.16
C SER B 787 -9.38 -0.73 -64.93
N LEU B 788 -10.01 -1.67 -64.22
CA LEU B 788 -10.82 -2.70 -64.87
C LEU B 788 -12.03 -2.09 -65.57
N SER B 789 -12.68 -1.10 -64.93
CA SER B 789 -13.84 -0.46 -65.54
C SER B 789 -13.44 0.24 -66.84
N ALA B 790 -12.33 0.96 -66.81
CA ALA B 790 -11.85 1.66 -67.99
C ALA B 790 -11.51 0.66 -69.10
N THR B 791 -10.86 -0.46 -68.72
CA THR B 791 -10.44 -1.45 -69.69
C THR B 791 -11.66 -2.09 -70.37
N VAL B 792 -12.68 -2.44 -69.59
CA VAL B 792 -13.84 -3.09 -70.16
C VAL B 792 -14.66 -2.12 -70.99
N LEU B 793 -14.73 -0.85 -70.58
CA LEU B 793 -15.47 0.14 -71.35
C LEU B 793 -14.78 0.39 -72.68
N LEU B 794 -13.44 0.48 -72.67
CA LEU B 794 -12.70 0.78 -73.89
C LEU B 794 -12.64 -0.43 -74.83
N GLY B 795 -12.59 -1.64 -74.26
CA GLY B 795 -12.39 -2.84 -75.04
C GLY B 795 -13.64 -3.35 -75.77
N CYS B 796 -14.83 -2.91 -75.34
CA CYS B 796 -16.07 -3.43 -75.91
C CYS B 796 -16.85 -2.36 -76.67
N MET B 797 -16.31 -1.14 -76.78
CA MET B 797 -16.96 -0.11 -77.58
C MET B 797 -16.05 0.36 -78.72
N PHE B 798 -14.76 0.57 -78.43
CA PHE B 798 -13.84 1.09 -79.43
C PHE B 798 -13.20 -0.04 -80.23
N VAL B 799 -12.89 -1.16 -79.58
CA VAL B 799 -11.99 -2.15 -80.17
C VAL B 799 -12.57 -2.73 -81.47
N PRO B 800 -13.85 -3.16 -81.53
CA PRO B 800 -14.37 -3.69 -82.79
C PRO B 800 -14.30 -2.68 -83.94
N LYS B 801 -14.77 -1.46 -83.71
CA LYS B 801 -14.87 -0.46 -84.77
C LYS B 801 -13.48 -0.12 -85.31
N VAL B 802 -12.62 0.39 -84.42
CA VAL B 802 -11.30 0.84 -84.85
C VAL B 802 -10.46 -0.35 -85.31
N TYR B 803 -10.71 -1.54 -84.75
CA TYR B 803 -10.00 -2.74 -85.14
C TYR B 803 -10.28 -3.11 -86.60
N ILE B 804 -11.56 -3.13 -86.97
CA ILE B 804 -11.91 -3.42 -88.36
C ILE B 804 -11.44 -2.28 -89.26
N ILE B 805 -11.51 -1.03 -88.77
CA ILE B 805 -11.08 0.11 -89.55
C ILE B 805 -9.60 -0.01 -89.92
N LEU B 806 -8.77 -0.38 -88.93
CA LEU B 806 -7.35 -0.58 -89.18
C LEU B 806 -7.15 -1.82 -90.06
N ALA B 807 -7.89 -2.89 -89.78
CA ALA B 807 -7.78 -4.12 -90.54
C ALA B 807 -8.41 -3.95 -91.92
C1 NAG C . -21.82 1.69 9.96
C2 NAG C . -23.15 2.26 9.48
C3 NAG C . -24.08 1.13 9.06
C4 NAG C . -23.49 0.40 7.88
C5 NAG C . -22.03 -0.01 8.17
C6 NAG C . -21.06 0.64 7.21
C7 NAG C . -24.15 2.81 11.66
C8 NAG C . -24.78 3.89 12.49
N2 NAG C . -23.78 3.16 10.43
O3 NAG C . -25.36 1.66 8.75
O4 NAG C . -24.25 -0.78 7.61
O5 NAG C . -21.63 0.34 9.51
O6 NAG C . -21.33 0.23 5.87
O7 NAG C . -23.98 1.68 12.10
C01 QUS D . -4.53 9.33 34.86
C02 QUS D . -6.05 9.27 34.71
C03 QUS D . -6.75 10.05 35.82
C04 QUS D . -7.80 12.36 35.98
C05 QUS D . -6.66 13.41 34.41
NP3 QUS D . -6.49 7.85 34.71
N14 QUS D . -6.95 11.46 35.47
N15 QUS D . -7.62 13.56 35.34
O16 QUS D . -3.99 10.45 34.81
O17 QUS D . -3.94 8.24 35.04
O18 QUS D . -8.60 12.17 36.88
O19 QUS D . -6.20 14.21 33.64
O20 QUS D . -6.21 12.12 34.45
O1 XQT E . -15.70 -17.29 -56.47
C1 XQT E . -16.17 -17.99 -53.73
C2 XQT E . -15.35 -18.85 -54.68
C3 XQT E . -14.65 -17.99 -55.77
C4 XQT E . -13.71 -16.96 -55.18
C5 XQT E . -13.93 -18.86 -56.79
N1 XQT E . -16.20 -19.88 -55.27
C6 XQT E . -15.99 -21.18 -55.12
C7 XQT E . -16.88 -22.09 -55.92
C8 XQT E . -16.84 -23.45 -55.71
C9 XQT E . -17.67 -24.26 -56.47
C10 XQT E . -18.52 -23.69 -57.41
C11 XQT E . -19.40 -24.48 -58.23
C12 XQT E . -20.16 -25.12 -58.88
C13 XQT E . -21.02 -25.93 -59.70
C14 XQT E . -21.34 -27.23 -59.33
C15 XQT E . -22.15 -27.98 -60.16
F1 XQT E . -22.46 -29.25 -59.78
C16 XQT E . -22.67 -27.50 -61.33
C17 XQT E . -22.35 -26.20 -61.70
C18 XQT E . -21.53 -25.42 -60.90
C19 XQT E . -18.49 -22.30 -57.54
N2 XQT E . -17.69 -21.50 -56.82
O2 XQT E . -15.10 -21.64 -54.39
C1 NAG F . 23.53 -2.86 -2.19
C2 NAG F . 23.46 -1.43 -2.70
C3 NAG F . 24.86 -0.84 -2.85
C4 NAG F . 25.85 -1.86 -3.45
C5 NAG F . 25.83 -3.16 -2.66
C6 NAG F . 27.14 -3.43 -1.95
C7 NAG F . 22.01 -0.27 -4.31
C8 NAG F . 21.26 -0.39 -5.60
N2 NAG F . 22.73 -1.35 -3.95
O3 NAG F . 25.34 -0.40 -1.59
O4 NAG F . 25.47 -2.13 -4.80
O5 NAG F . 24.82 -3.11 -1.64
O6 NAG F . 26.99 -4.51 -1.01
O7 NAG F . 21.96 0.74 -3.62
C01 QUS G . 22.39 2.12 28.58
C02 QUS G . 23.42 1.14 28.02
C03 QUS G . 24.46 0.75 29.09
C04 QUS G . 26.02 -1.23 29.13
C05 QUS G . 24.57 -2.85 28.76
NP3 QUS G . 24.10 1.72 26.84
N14 QUS G . 24.82 -0.65 29.01
N15 QUS G . 25.86 -2.58 28.98
O16 QUS G . 21.71 1.75 29.56
O17 QUS G . 22.30 3.23 28.01
O18 QUS G . 27.09 -0.67 29.34
O19 QUS G . 24.03 -3.91 28.60
O20 QUS G . 23.87 -1.68 28.77
O1 XQT H . -17.16 -1.01 -56.16
C1 XQT H . -14.59 -0.06 -55.59
C2 XQT H . -15.76 0.88 -55.78
C3 XQT H . -17.10 0.21 -55.42
C4 XQT H . -17.16 -0.13 -53.94
C5 XQT H . -18.30 1.06 -55.82
N1 XQT H . -15.75 1.41 -57.14
C6 XQT H . -15.77 2.71 -57.42
C7 XQT H . -15.50 3.07 -58.86
C8 XQT H . -15.36 4.41 -59.21
C9 XQT H . -15.10 4.71 -60.53
C10 XQT H . -15.01 3.70 -61.48
C11 XQT H . -14.76 3.96 -62.86
C12 XQT H . -14.50 4.17 -64.01
C13 XQT H . -14.29 4.46 -65.40
C14 XQT H . -13.73 5.67 -65.79
C15 XQT H . -13.54 5.92 -67.14
F1 XQT H . -13.00 7.10 -67.50
C16 XQT H . -13.89 5.03 -68.11
C17 XQT H . -14.46 3.83 -67.72
C18 XQT H . -14.66 3.54 -66.38
C19 XQT H . -15.17 2.38 -61.02
N2 XQT H . -15.41 2.07 -59.74
O2 XQT H . -15.99 3.59 -56.58
#